data_3K2G
#
_entry.id   3K2G
#
_cell.length_a   179.735
_cell.length_b   47.414
_cell.length_c   188.934
_cell.angle_alpha   90.00
_cell.angle_beta   108.34
_cell.angle_gamma   90.00
#
_symmetry.space_group_name_H-M   'C 1 2 1'
#
loop_
_entity.id
_entity.type
_entity.pdbx_description
1 polymer 'Resiniferatoxin-binding, phosphotriesterase-related protein'
2 non-polymer 'ZINC ION'
3 non-polymer 'MAGNESIUM ION'
4 non-polymer (2S,3S)-1,4-DIMERCAPTOBUTANE-2,3-DIOL
5 water water
#
_entity_poly.entity_id   1
_entity_poly.type   'polypeptide(L)'
_entity_poly.pdbx_seq_one_letter_code
;(MSE)SLSELSPCHVRSGRI(MSE)TVDGPIPSSALGHTL(MSE)HEHLQNDCRCWWNPPQEPERQYLAEAPISIEILSE
LRQDPFVNKHNIALDDLDLAIAEVKQFAAVGGRSIVDPTCRGIGRDPVKLRRISAETGVQVV(MSE)GAGYYLASS
(MSE)PETAARLSADDIADEIVAEALEGTDGTDARIGLIGEIGVSSDFTAEEEKSLRGAARAQVRTGLPL(MSE)VHLPG
WFRLAHRVLDLVEEEGADLRHTVLCH(MSE)NPSH(MSE)DPVYQATLAQRGAFLEFD(MSE)IG(MSE)DFFYADQGVQ
CPSDDEVARAILGLADHGYLDRILLSHDVFVK(MSE)(MSE)LTRYGGNGYAFVTKHFLPRLRRHGLDDAALETL(MSE)
VTNPRRVFDASIEGHHHHHH
;
_entity_poly.pdbx_strand_id   A,B,C,D
#
loop_
_chem_comp.id
_chem_comp.type
_chem_comp.name
_chem_comp.formula
DTV non-polymer (2S,3S)-1,4-DIMERCAPTOBUTANE-2,3-DIOL 'C4 H10 O2 S2'
MG non-polymer 'MAGNESIUM ION' 'Mg 2'
ZN non-polymer 'ZINC ION' 'Zn 2'
#
# COMPACT_ATOMS: atom_id res chain seq x y z
N SER A 4 -28.23 16.98 -39.20
CA SER A 4 -27.91 17.18 -40.63
C SER A 4 -26.42 17.47 -40.83
N GLU A 5 -25.66 17.51 -39.74
CA GLU A 5 -24.22 17.79 -39.82
C GLU A 5 -23.36 16.57 -39.45
N LEU A 6 -23.98 15.39 -39.34
CA LEU A 6 -23.21 14.20 -39.01
C LEU A 6 -22.18 13.90 -40.08
N SER A 7 -20.99 13.51 -39.64
CA SER A 7 -19.92 13.15 -40.54
C SER A 7 -20.38 11.87 -41.23
N PRO A 8 -19.94 11.62 -42.47
CA PRO A 8 -20.36 10.38 -43.12
C PRO A 8 -19.79 9.17 -42.39
N CYS A 9 -18.84 9.44 -41.49
CA CYS A 9 -18.22 8.38 -40.71
C CYS A 9 -18.38 8.63 -39.20
N HIS A 10 -19.56 9.10 -38.79
CA HIS A 10 -19.82 9.33 -37.37
C HIS A 10 -19.75 7.98 -36.66
N VAL A 11 -19.64 8.00 -35.33
CA VAL A 11 -19.50 6.76 -34.56
C VAL A 11 -20.59 5.70 -34.68
N ARG A 12 -21.74 6.05 -35.26
CA ARG A 12 -22.81 5.08 -35.42
C ARG A 12 -23.00 4.74 -36.89
N SER A 13 -21.98 5.04 -37.70
CA SER A 13 -22.03 4.77 -39.13
C SER A 13 -21.36 3.46 -39.51
N GLY A 14 -20.47 2.96 -38.66
CA GLY A 14 -19.76 1.73 -38.97
C GLY A 14 -18.57 2.01 -39.87
N ARG A 15 -18.34 3.29 -40.13
CA ARG A 15 -17.24 3.74 -40.99
C ARG A 15 -16.30 4.68 -40.24
N ILE A 16 -15.10 4.85 -40.80
CA ILE A 16 -14.10 5.74 -40.23
C ILE A 16 -13.52 6.63 -41.34
N MSE A 17 -13.43 7.92 -41.08
CA MSE A 17 -12.88 8.85 -42.06
C MSE A 17 -11.36 8.98 -41.97
O MSE A 17 -10.85 9.50 -40.97
CB MSE A 17 -13.50 10.24 -41.88
CG MSE A 17 -13.01 11.27 -42.91
SE MSE A 17 -13.39 10.83 -44.74
CE MSE A 17 -15.26 11.22 -44.74
N THR A 18 -10.65 8.50 -42.98
CA THR A 18 -9.18 8.61 -43.01
C THR A 18 -8.87 9.76 -43.99
N VAL A 19 -7.62 10.19 -44.04
CA VAL A 19 -7.24 11.27 -44.95
C VAL A 19 -7.42 10.88 -46.41
N ASP A 20 -7.55 9.58 -46.65
CA ASP A 20 -7.75 9.06 -48.00
C ASP A 20 -9.19 8.61 -48.24
N GLY A 21 -10.08 9.05 -47.37
CA GLY A 21 -11.48 8.68 -47.54
C GLY A 21 -12.03 7.74 -46.50
N PRO A 22 -13.33 7.42 -46.59
CA PRO A 22 -13.98 6.53 -45.63
C PRO A 22 -13.54 5.08 -45.76
N ILE A 23 -13.50 4.38 -44.63
CA ILE A 23 -13.16 2.96 -44.61
C ILE A 23 -14.07 2.31 -43.58
N PRO A 24 -14.44 1.05 -43.79
CA PRO A 24 -15.30 0.41 -42.77
C PRO A 24 -14.44 0.27 -41.52
N SER A 25 -15.04 0.40 -40.33
CA SER A 25 -14.30 0.31 -39.08
C SER A 25 -13.52 -1.00 -38.95
N SER A 26 -14.05 -2.04 -39.57
CA SER A 26 -13.40 -3.35 -39.54
C SER A 26 -12.03 -3.30 -40.22
N ALA A 27 -11.79 -2.26 -41.03
CA ALA A 27 -10.52 -2.14 -41.75
C ALA A 27 -9.43 -1.39 -40.99
N LEU A 28 -9.78 -0.81 -39.85
CA LEU A 28 -8.82 -0.05 -39.05
C LEU A 28 -7.66 -0.96 -38.60
N GLY A 29 -7.98 -2.15 -38.09
CA GLY A 29 -6.95 -3.07 -37.66
C GLY A 29 -6.01 -2.57 -36.55
N HIS A 30 -4.83 -3.18 -36.48
CA HIS A 30 -3.80 -2.87 -35.48
C HIS A 30 -3.50 -1.38 -35.61
N THR A 31 -3.86 -0.64 -34.57
CA THR A 31 -3.76 0.81 -34.57
C THR A 31 -3.04 1.50 -33.42
N LEU A 32 -2.40 2.63 -33.75
CA LEU A 32 -1.76 3.49 -32.75
C LEU A 32 -2.71 4.69 -32.72
N MSE A 33 -3.36 4.86 -31.59
CA MSE A 33 -4.35 5.93 -31.37
C MSE A 33 -3.89 7.37 -31.20
O MSE A 33 -4.70 8.30 -31.28
CB MSE A 33 -5.21 5.58 -30.15
CG MSE A 33 -6.26 4.49 -30.41
SE MSE A 33 -7.61 4.94 -31.67
CE MSE A 33 -8.03 6.71 -31.02
N HIS A 34 -2.59 7.57 -30.99
CA HIS A 34 -2.11 8.93 -30.77
C HIS A 34 -0.62 9.08 -31.09
N GLU A 35 -0.34 9.53 -32.31
CA GLU A 35 1.04 9.73 -32.78
C GLU A 35 1.09 10.99 -33.64
N HIS A 36 2.23 11.66 -33.63
CA HIS A 36 2.41 12.85 -34.47
C HIS A 36 3.40 12.47 -35.56
N LEU A 37 2.99 12.59 -36.82
CA LEU A 37 3.85 12.24 -37.94
C LEU A 37 4.65 13.45 -38.40
N GLN A 38 4.04 14.62 -38.27
CA GLN A 38 4.68 15.89 -38.60
C GLN A 38 4.06 16.88 -37.63
N ASN A 39 4.87 17.82 -37.15
CA ASN A 39 4.38 18.83 -36.24
C ASN A 39 5.37 19.95 -36.02
N ASP A 40 4.97 20.95 -35.24
CA ASP A 40 5.83 22.08 -34.98
C ASP A 40 5.62 22.49 -33.52
N CYS A 41 6.62 22.23 -32.68
CA CYS A 41 6.55 22.55 -31.25
C CYS A 41 7.49 23.68 -30.89
N ARG A 42 7.88 24.47 -31.88
CA ARG A 42 8.79 25.58 -31.63
C ARG A 42 8.33 26.50 -30.49
N CYS A 43 7.03 26.61 -30.29
CA CYS A 43 6.49 27.47 -29.23
C CYS A 43 6.84 26.96 -27.83
N TRP A 44 7.32 25.72 -27.71
CA TRP A 44 7.67 25.18 -26.41
C TRP A 44 9.16 25.20 -26.15
N TRP A 45 9.85 26.01 -26.96
CA TRP A 45 11.28 26.23 -26.88
C TRP A 45 11.62 26.59 -25.43
N ASN A 46 12.54 25.84 -24.83
CA ASN A 46 12.95 26.10 -23.45
C ASN A 46 14.45 26.40 -23.46
N PRO A 47 14.83 27.60 -23.93
CA PRO A 47 16.22 28.04 -24.02
C PRO A 47 16.98 27.98 -22.69
N PRO A 48 18.22 27.51 -22.72
CA PRO A 48 19.05 27.41 -21.52
C PRO A 48 19.57 28.79 -21.13
N GLN A 49 19.26 29.21 -19.91
CA GLN A 49 19.69 30.51 -19.43
C GLN A 49 21.09 30.47 -18.83
N GLU A 50 21.70 29.28 -18.85
CA GLU A 50 23.05 29.11 -18.33
C GLU A 50 24.03 28.80 -19.46
N PRO A 51 25.20 29.45 -19.45
CA PRO A 51 26.25 29.27 -20.46
C PRO A 51 26.72 27.83 -20.66
N GLU A 52 26.75 27.06 -19.58
CA GLU A 52 27.19 25.67 -19.64
C GLU A 52 26.25 24.75 -20.41
N ARG A 53 25.10 25.28 -20.83
CA ARG A 53 24.12 24.49 -21.56
C ARG A 53 23.72 25.14 -22.89
N GLN A 54 24.44 26.20 -23.25
CA GLN A 54 24.17 26.92 -24.49
C GLN A 54 24.34 26.03 -25.72
N TYR A 55 25.22 25.04 -25.64
CA TYR A 55 25.46 24.16 -26.77
C TYR A 55 24.25 23.28 -27.11
N LEU A 56 23.47 22.95 -26.09
CA LEU A 56 22.29 22.10 -26.27
C LEU A 56 21.18 22.78 -27.07
N ALA A 57 21.34 24.08 -27.32
CA ALA A 57 20.32 24.84 -28.04
C ALA A 57 20.35 24.75 -29.58
N GLU A 58 21.41 25.26 -30.20
CA GLU A 58 21.49 25.25 -31.66
C GLU A 58 22.12 24.02 -32.30
N ALA A 59 22.62 23.09 -31.48
CA ALA A 59 23.26 21.90 -32.03
C ALA A 59 22.25 20.84 -32.49
N PRO A 60 22.52 20.20 -33.63
CA PRO A 60 21.60 19.17 -34.11
C PRO A 60 21.72 17.96 -33.18
N ILE A 61 20.64 17.20 -33.02
CA ILE A 61 20.69 16.04 -32.15
C ILE A 61 21.82 15.13 -32.59
N SER A 62 22.63 14.67 -31.62
CA SER A 62 23.74 13.76 -31.87
C SER A 62 23.78 12.81 -30.68
N ILE A 63 24.40 11.66 -30.86
CA ILE A 63 24.47 10.65 -29.81
C ILE A 63 25.06 11.11 -28.47
N GLU A 64 26.08 11.96 -28.52
CA GLU A 64 26.71 12.40 -27.27
C GLU A 64 25.94 13.38 -26.39
N ILE A 65 24.82 13.91 -26.85
CA ILE A 65 24.06 14.84 -26.03
C ILE A 65 22.69 14.31 -25.63
N LEU A 66 22.43 13.04 -25.94
CA LEU A 66 21.14 12.45 -25.63
C LEU A 66 20.79 12.42 -24.15
N SER A 67 21.76 12.16 -23.27
CA SER A 67 21.46 12.12 -21.85
C SER A 67 20.87 13.45 -21.42
N GLU A 68 21.57 14.52 -21.75
CA GLU A 68 21.13 15.86 -21.39
C GLU A 68 19.76 16.19 -21.97
N LEU A 69 19.51 15.81 -23.22
CA LEU A 69 18.23 16.11 -23.85
C LEU A 69 17.09 15.39 -23.12
N ARG A 70 17.36 14.18 -22.65
CA ARG A 70 16.34 13.42 -21.93
C ARG A 70 15.93 14.12 -20.63
N GLN A 71 16.79 15.01 -20.13
CA GLN A 71 16.51 15.74 -18.90
C GLN A 71 15.89 17.11 -19.17
N ASP A 72 15.78 17.48 -20.45
CA ASP A 72 15.24 18.77 -20.85
C ASP A 72 15.02 18.77 -22.36
N PRO A 73 14.06 17.95 -22.84
CA PRO A 73 13.71 17.80 -24.26
C PRO A 73 13.56 19.09 -25.08
N PHE A 74 12.88 20.08 -24.51
CA PHE A 74 12.63 21.35 -25.21
C PHE A 74 13.79 22.34 -25.27
N VAL A 75 14.97 21.95 -24.78
CA VAL A 75 16.11 22.85 -24.80
C VAL A 75 16.77 22.91 -26.17
N ASN A 76 16.45 21.93 -27.01
CA ASN A 76 17.05 21.84 -28.33
C ASN A 76 16.08 22.17 -29.48
N LYS A 77 16.46 23.16 -30.29
CA LYS A 77 15.65 23.62 -31.43
C LYS A 77 15.39 22.51 -32.46
N HIS A 78 16.46 21.83 -32.88
CA HIS A 78 16.35 20.76 -33.86
C HIS A 78 15.35 19.68 -33.40
N ASN A 79 15.33 19.42 -32.10
CA ASN A 79 14.45 18.40 -31.55
C ASN A 79 12.96 18.70 -31.55
N ILE A 80 12.60 19.97 -31.40
CA ILE A 80 11.19 20.32 -31.30
C ILE A 80 10.37 20.61 -32.55
N ALA A 81 10.54 19.76 -33.55
CA ALA A 81 9.79 19.86 -34.79
C ALA A 81 9.98 18.57 -35.58
N LEU A 82 8.88 17.94 -35.92
CA LEU A 82 8.93 16.73 -36.72
C LEU A 82 8.66 17.30 -38.11
N ASP A 83 9.74 17.64 -38.81
CA ASP A 83 9.64 18.23 -40.13
C ASP A 83 10.47 17.47 -41.19
N ASP A 84 10.80 16.22 -40.91
CA ASP A 84 11.57 15.38 -41.84
C ASP A 84 10.60 14.31 -42.37
N LEU A 85 9.89 14.64 -43.45
CA LEU A 85 8.92 13.72 -44.01
C LEU A 85 9.54 12.39 -44.48
N ASP A 86 10.73 12.45 -45.06
CA ASP A 86 11.40 11.23 -45.52
C ASP A 86 11.68 10.32 -44.32
N LEU A 87 12.09 10.92 -43.21
CA LEU A 87 12.38 10.15 -42.01
C LEU A 87 11.08 9.63 -41.41
N ALA A 88 10.02 10.44 -41.47
CA ALA A 88 8.73 10.06 -40.94
C ALA A 88 8.23 8.81 -41.65
N ILE A 89 8.38 8.78 -42.97
CA ILE A 89 7.95 7.62 -43.76
C ILE A 89 8.75 6.40 -43.36
N ALA A 90 10.07 6.54 -43.26
CA ALA A 90 10.93 5.43 -42.86
C ALA A 90 10.53 4.91 -41.48
N GLU A 91 10.32 5.82 -40.54
CA GLU A 91 9.96 5.44 -39.18
C GLU A 91 8.59 4.77 -39.11
N VAL A 92 7.62 5.29 -39.85
CA VAL A 92 6.28 4.68 -39.85
C VAL A 92 6.32 3.29 -40.46
N LYS A 93 7.19 3.08 -41.45
CA LYS A 93 7.27 1.76 -42.07
C LYS A 93 7.64 0.69 -41.05
N GLN A 94 8.39 1.07 -40.02
CA GLN A 94 8.77 0.12 -38.98
C GLN A 94 7.52 -0.44 -38.31
N PHE A 95 6.50 0.41 -38.16
CA PHE A 95 5.24 0.03 -37.55
C PHE A 95 4.48 -0.93 -38.47
N ALA A 96 4.40 -0.61 -39.75
CA ALA A 96 3.72 -1.48 -40.70
C ALA A 96 4.43 -2.83 -40.75
N ALA A 97 5.76 -2.82 -40.57
CA ALA A 97 6.57 -4.04 -40.59
C ALA A 97 6.22 -5.04 -39.50
N VAL A 98 5.65 -4.56 -38.39
CA VAL A 98 5.27 -5.46 -37.31
C VAL A 98 3.75 -5.63 -37.23
N GLY A 99 3.05 -5.35 -38.32
CA GLY A 99 1.61 -5.52 -38.36
C GLY A 99 0.76 -4.27 -38.23
N GLY A 100 1.40 -3.12 -38.03
CA GLY A 100 0.67 -1.88 -37.89
C GLY A 100 -0.12 -1.53 -39.15
N ARG A 101 -1.40 -1.24 -38.97
CA ARG A 101 -2.26 -0.93 -40.10
C ARG A 101 -2.74 0.53 -40.15
N SER A 102 -2.97 1.14 -38.99
CA SER A 102 -3.43 2.54 -38.98
C SER A 102 -2.81 3.37 -37.87
N ILE A 103 -2.79 4.68 -38.10
CA ILE A 103 -2.28 5.62 -37.12
C ILE A 103 -3.21 6.82 -37.03
N VAL A 104 -3.58 7.20 -35.82
CA VAL A 104 -4.43 8.37 -35.61
C VAL A 104 -3.51 9.52 -35.25
N ASP A 105 -3.48 10.56 -36.09
CA ASP A 105 -2.62 11.72 -35.83
C ASP A 105 -3.47 12.90 -35.35
N PRO A 106 -3.43 13.18 -34.05
CA PRO A 106 -4.21 14.27 -33.46
C PRO A 106 -3.59 15.66 -33.54
N THR A 107 -2.59 15.84 -34.40
CA THR A 107 -1.96 17.15 -34.54
C THR A 107 -3.05 18.11 -35.04
N CYS A 108 -3.33 19.16 -34.30
CA CYS A 108 -4.37 20.09 -34.74
C CYS A 108 -3.85 21.48 -35.07
N ARG A 109 -4.74 22.48 -35.01
CA ARG A 109 -4.37 23.85 -35.31
C ARG A 109 -3.42 24.41 -34.26
N GLY A 110 -2.34 25.01 -34.74
CA GLY A 110 -1.36 25.59 -33.83
C GLY A 110 -0.11 24.76 -33.71
N ILE A 111 -0.21 23.47 -33.97
CA ILE A 111 0.96 22.60 -33.88
C ILE A 111 1.39 21.92 -35.19
N GLY A 112 0.98 22.50 -36.33
CA GLY A 112 1.40 21.96 -37.62
C GLY A 112 0.62 20.90 -38.36
N ARG A 113 -0.69 20.81 -38.14
CA ARG A 113 -1.50 19.82 -38.85
C ARG A 113 -1.35 20.10 -40.34
N ASP A 114 -1.18 19.04 -41.13
CA ASP A 114 -0.99 19.19 -42.58
C ASP A 114 -1.53 17.99 -43.36
N PRO A 115 -2.77 18.07 -43.89
CA PRO A 115 -3.35 16.95 -44.64
C PRO A 115 -2.53 16.51 -45.85
N VAL A 116 -1.87 17.48 -46.49
CA VAL A 116 -1.05 17.18 -47.65
C VAL A 116 0.08 16.24 -47.26
N LYS A 117 0.74 16.53 -46.15
CA LYS A 117 1.84 15.70 -45.73
C LYS A 117 1.35 14.34 -45.20
N LEU A 118 0.20 14.33 -44.52
CA LEU A 118 -0.31 13.06 -44.03
C LEU A 118 -0.63 12.11 -45.20
N ARG A 119 -1.18 12.66 -46.28
CA ARG A 119 -1.51 11.84 -47.43
C ARG A 119 -0.27 11.26 -48.10
N ARG A 120 0.82 12.03 -48.11
CA ARG A 120 2.06 11.57 -48.69
C ARG A 120 2.57 10.41 -47.86
N ILE A 121 2.48 10.56 -46.54
CA ILE A 121 2.93 9.51 -45.64
C ILE A 121 2.12 8.23 -45.78
N SER A 122 0.79 8.36 -45.86
CA SER A 122 -0.08 7.19 -45.99
C SER A 122 0.14 6.48 -47.33
N ALA A 123 0.29 7.28 -48.39
CA ALA A 123 0.52 6.74 -49.72
C ALA A 123 1.83 5.95 -49.80
N GLU A 124 2.89 6.51 -49.25
CA GLU A 124 4.21 5.89 -49.28
C GLU A 124 4.43 4.72 -48.32
N THR A 125 3.69 4.70 -47.21
CA THR A 125 3.85 3.64 -46.22
C THR A 125 2.76 2.59 -46.26
N GLY A 126 1.61 2.93 -46.84
CA GLY A 126 0.52 2.00 -46.91
C GLY A 126 -0.27 1.97 -45.60
N VAL A 127 0.14 2.79 -44.65
CA VAL A 127 -0.54 2.87 -43.36
C VAL A 127 -1.68 3.88 -43.44
N GLN A 128 -2.86 3.50 -42.95
CA GLN A 128 -4.02 4.40 -42.98
C GLN A 128 -3.86 5.45 -41.89
N VAL A 129 -4.19 6.69 -42.21
CA VAL A 129 -4.07 7.79 -41.28
C VAL A 129 -5.37 8.55 -41.07
N VAL A 130 -5.73 8.73 -39.80
CA VAL A 130 -6.92 9.46 -39.43
C VAL A 130 -6.43 10.81 -38.91
N MSE A 131 -7.03 11.90 -39.40
CA MSE A 131 -6.62 13.25 -39.01
C MSE A 131 -7.52 13.92 -37.97
O MSE A 131 -8.76 13.78 -38.01
CB MSE A 131 -6.53 14.10 -40.28
CG MSE A 131 -6.29 15.59 -40.04
SE MSE A 131 -5.96 16.49 -41.69
CE MSE A 131 -7.66 16.32 -42.44
N GLY A 132 -6.90 14.65 -37.06
CA GLY A 132 -7.64 15.35 -36.02
C GLY A 132 -7.94 16.80 -36.33
N ALA A 133 -8.44 17.52 -35.33
CA ALA A 133 -8.82 18.92 -35.51
C ALA A 133 -9.01 19.64 -34.17
N GLY A 134 -9.32 20.93 -34.25
CA GLY A 134 -9.54 21.74 -33.06
C GLY A 134 -8.33 22.56 -32.66
N TYR A 135 -8.41 23.18 -31.49
CA TYR A 135 -7.30 24.00 -30.99
C TYR A 135 -6.59 23.33 -29.83
N TYR A 136 -5.28 23.57 -29.76
CA TYR A 136 -4.46 22.97 -28.72
C TYR A 136 -4.32 23.91 -27.51
N LEU A 137 -3.21 23.78 -26.78
CA LEU A 137 -2.96 24.61 -25.60
C LEU A 137 -2.93 26.11 -25.92
N ALA A 138 -3.33 26.92 -24.94
CA ALA A 138 -3.37 28.37 -25.09
C ALA A 138 -2.14 28.99 -25.75
N SER A 139 -0.95 28.58 -25.30
CA SER A 139 0.30 29.12 -25.83
C SER A 139 0.59 28.79 -27.29
N SER A 140 -0.29 28.02 -27.94
CA SER A 140 -0.07 27.67 -29.34
C SER A 140 -1.20 28.11 -30.25
N MSE A 141 -2.27 28.66 -29.67
CA MSE A 141 -3.41 29.12 -30.47
C MSE A 141 -3.06 30.33 -31.30
O MSE A 141 -2.29 31.19 -30.86
CB MSE A 141 -4.61 29.46 -29.58
CG MSE A 141 -5.07 28.31 -28.68
SE MSE A 141 -6.55 28.86 -27.53
CE MSE A 141 -7.50 27.18 -27.38
N PRO A 142 -3.60 30.42 -32.51
CA PRO A 142 -3.31 31.57 -33.37
C PRO A 142 -4.06 32.81 -32.88
N GLU A 143 -3.59 33.99 -33.30
CA GLU A 143 -4.20 35.26 -32.91
C GLU A 143 -5.68 35.27 -33.26
N THR A 144 -6.00 34.70 -34.41
CA THR A 144 -7.37 34.64 -34.91
C THR A 144 -8.37 33.93 -33.99
N ALA A 145 -7.89 32.98 -33.19
CA ALA A 145 -8.76 32.22 -32.29
C ALA A 145 -9.36 33.07 -31.16
N ALA A 146 -8.74 34.22 -30.90
CA ALA A 146 -9.22 35.10 -29.84
C ALA A 146 -10.63 35.62 -30.10
N ARG A 147 -10.91 36.02 -31.33
CA ARG A 147 -12.22 36.55 -31.68
C ARG A 147 -13.29 35.46 -31.75
N LEU A 148 -12.85 34.25 -32.08
CA LEU A 148 -13.75 33.10 -32.23
C LEU A 148 -14.51 32.70 -30.97
N SER A 149 -15.80 32.45 -31.13
CA SER A 149 -16.64 32.02 -30.03
C SER A 149 -16.61 30.50 -30.04
N ALA A 150 -17.13 29.87 -29.00
CA ALA A 150 -17.15 28.42 -28.95
C ALA A 150 -17.86 27.86 -30.19
N ASP A 151 -19.00 28.45 -30.55
CA ASP A 151 -19.73 27.99 -31.72
C ASP A 151 -18.93 28.19 -33.02
N ASP A 152 -18.18 29.28 -33.11
CA ASP A 152 -17.36 29.50 -34.30
C ASP A 152 -16.34 28.37 -34.41
N ILE A 153 -15.78 27.97 -33.26
CA ILE A 153 -14.80 26.89 -33.24
C ILE A 153 -15.43 25.59 -33.70
N ALA A 154 -16.63 25.32 -33.21
CA ALA A 154 -17.36 24.12 -33.59
C ALA A 154 -17.70 24.19 -35.09
N ASP A 155 -18.03 25.37 -35.59
CA ASP A 155 -18.34 25.52 -37.01
C ASP A 155 -17.13 25.07 -37.85
N GLU A 156 -15.95 25.56 -37.50
CA GLU A 156 -14.72 25.21 -38.22
C GLU A 156 -14.54 23.69 -38.23
N ILE A 157 -14.69 23.07 -37.08
CA ILE A 157 -14.52 21.62 -36.99
C ILE A 157 -15.53 20.91 -37.87
N VAL A 158 -16.78 21.36 -37.83
CA VAL A 158 -17.81 20.75 -38.65
C VAL A 158 -17.46 20.80 -40.14
N ALA A 159 -16.96 21.95 -40.59
CA ALA A 159 -16.59 22.13 -41.99
C ALA A 159 -15.51 21.14 -42.39
N GLU A 160 -14.55 20.91 -41.50
CA GLU A 160 -13.46 19.98 -41.77
C GLU A 160 -13.94 18.53 -41.74
N ALA A 161 -15.08 18.31 -41.11
CA ALA A 161 -15.62 16.97 -41.05
C ALA A 161 -16.45 16.67 -42.29
N LEU A 162 -17.08 17.71 -42.83
CA LEU A 162 -17.96 17.52 -43.98
C LEU A 162 -17.47 18.00 -45.33
N GLU A 163 -16.65 19.04 -45.36
CA GLU A 163 -16.17 19.60 -46.62
C GLU A 163 -14.71 19.34 -46.94
N GLY A 164 -13.82 19.90 -46.13
CA GLY A 164 -12.41 19.73 -46.36
C GLY A 164 -11.59 20.40 -45.29
N THR A 165 -10.28 20.20 -45.35
CA THR A 165 -9.37 20.77 -44.37
C THR A 165 -8.19 21.48 -45.02
N ASP A 166 -7.89 22.68 -44.52
CA ASP A 166 -6.79 23.49 -45.01
C ASP A 166 -6.68 23.57 -46.53
N GLY A 167 -7.81 23.81 -47.20
CA GLY A 167 -7.80 23.92 -48.66
C GLY A 167 -7.81 22.63 -49.46
N THR A 168 -7.83 21.49 -48.78
CA THR A 168 -7.85 20.20 -49.47
C THR A 168 -9.22 19.55 -49.27
N ASP A 169 -9.46 18.43 -49.93
CA ASP A 169 -10.74 17.74 -49.72
C ASP A 169 -10.56 16.64 -48.68
N ALA A 170 -9.46 16.69 -47.93
CA ALA A 170 -9.22 15.72 -46.88
C ALA A 170 -10.13 16.11 -45.72
N ARG A 171 -10.79 15.12 -45.13
CA ARG A 171 -11.68 15.37 -44.02
C ARG A 171 -11.20 14.70 -42.74
N ILE A 172 -11.53 15.30 -41.60
CA ILE A 172 -11.11 14.77 -40.31
C ILE A 172 -11.93 13.53 -39.91
N GLY A 173 -11.34 12.67 -39.08
CA GLY A 173 -12.05 11.48 -38.65
C GLY A 173 -12.15 11.44 -37.13
N LEU A 174 -11.55 12.43 -36.51
CA LEU A 174 -11.54 12.54 -35.07
C LEU A 174 -11.47 14.02 -34.73
N ILE A 175 -12.09 14.42 -33.65
CA ILE A 175 -12.04 15.81 -33.23
C ILE A 175 -10.96 15.80 -32.16
N GLY A 176 -9.77 16.32 -32.41
CA GLY A 176 -8.90 16.19 -31.27
C GLY A 176 -7.45 16.42 -30.99
N GLU A 177 -7.23 16.27 -29.68
CA GLU A 177 -6.01 16.49 -28.99
C GLU A 177 -6.35 17.94 -28.71
N ILE A 178 -7.49 18.16 -28.04
CA ILE A 178 -7.96 19.50 -27.70
C ILE A 178 -7.17 19.89 -26.46
N GLY A 179 -6.58 21.08 -26.47
CA GLY A 179 -5.76 21.51 -25.36
C GLY A 179 -6.35 22.00 -24.06
N VAL A 180 -6.07 21.27 -22.99
CA VAL A 180 -6.49 21.64 -21.66
C VAL A 180 -5.22 21.66 -20.82
N SER A 181 -4.80 22.83 -20.35
CA SER A 181 -3.60 22.94 -19.54
C SER A 181 -3.95 22.81 -18.06
N SER A 182 -2.93 22.73 -17.21
CA SER A 182 -3.16 22.63 -15.78
C SER A 182 -3.88 23.88 -15.27
N ASP A 183 -3.82 24.96 -16.03
CA ASP A 183 -4.47 26.21 -15.63
C ASP A 183 -5.92 26.26 -16.12
N PHE A 184 -6.25 25.43 -17.09
CA PHE A 184 -7.59 25.36 -17.67
C PHE A 184 -8.11 26.78 -17.93
N THR A 185 -7.39 27.52 -18.76
CA THR A 185 -7.74 28.90 -19.07
C THR A 185 -9.11 29.09 -19.71
N ALA A 186 -9.58 30.34 -19.71
CA ALA A 186 -10.87 30.65 -20.29
C ALA A 186 -10.89 30.25 -21.76
N GLU A 187 -9.80 30.53 -22.47
CA GLU A 187 -9.68 30.21 -23.89
C GLU A 187 -9.69 28.71 -24.15
N GLU A 188 -9.08 27.94 -23.26
CA GLU A 188 -9.04 26.48 -23.43
C GLU A 188 -10.41 25.89 -23.11
N GLU A 189 -11.15 26.53 -22.20
CA GLU A 189 -12.48 26.05 -21.85
C GLU A 189 -13.39 26.29 -23.06
N LYS A 190 -13.26 27.46 -23.67
CA LYS A 190 -14.04 27.82 -24.83
C LYS A 190 -13.71 26.85 -25.97
N SER A 191 -12.42 26.55 -26.09
CA SER A 191 -11.97 25.62 -27.13
C SER A 191 -12.64 24.26 -26.93
N LEU A 192 -12.59 23.76 -25.69
CA LEU A 192 -13.17 22.47 -25.38
C LEU A 192 -14.69 22.42 -25.55
N ARG A 193 -15.38 23.50 -25.19
CA ARG A 193 -16.83 23.53 -25.36
C ARG A 193 -17.16 23.50 -26.84
N GLY A 194 -16.34 24.18 -27.64
CA GLY A 194 -16.57 24.19 -29.07
C GLY A 194 -16.36 22.81 -29.63
N ALA A 195 -15.35 22.11 -29.11
CA ALA A 195 -15.05 20.75 -29.57
C ALA A 195 -16.19 19.82 -29.17
N ALA A 196 -16.69 19.98 -27.95
CA ALA A 196 -17.78 19.16 -27.45
C ALA A 196 -19.03 19.35 -28.30
N ARG A 197 -19.35 20.60 -28.63
CA ARG A 197 -20.53 20.87 -29.45
C ARG A 197 -20.33 20.27 -30.84
N ALA A 198 -19.10 20.32 -31.34
CA ALA A 198 -18.79 19.74 -32.65
C ALA A 198 -18.97 18.22 -32.61
N GLN A 199 -18.70 17.61 -31.45
CA GLN A 199 -18.85 16.16 -31.28
C GLN A 199 -20.33 15.79 -31.41
N VAL A 200 -21.20 16.64 -30.88
CA VAL A 200 -22.63 16.40 -30.96
C VAL A 200 -23.10 16.56 -32.40
N ARG A 201 -22.67 17.63 -33.03
CA ARG A 201 -23.07 17.94 -34.40
C ARG A 201 -22.56 16.95 -35.44
N THR A 202 -21.27 16.58 -35.34
CA THR A 202 -20.67 15.65 -36.30
C THR A 202 -20.74 14.18 -35.92
N GLY A 203 -20.86 13.90 -34.62
CA GLY A 203 -20.92 12.53 -34.18
C GLY A 203 -19.56 11.84 -34.22
N LEU A 204 -18.50 12.61 -34.39
CA LEU A 204 -17.14 12.04 -34.43
C LEU A 204 -16.60 11.88 -33.01
N PRO A 205 -15.55 11.06 -32.83
CA PRO A 205 -14.99 10.88 -31.49
C PRO A 205 -14.29 12.16 -31.06
N LEU A 206 -14.13 12.32 -29.75
CA LEU A 206 -13.49 13.48 -29.16
C LEU A 206 -12.30 13.03 -28.32
N MSE A 207 -11.14 13.64 -28.57
CA MSE A 207 -9.91 13.33 -27.87
C MSE A 207 -9.41 14.59 -27.17
O MSE A 207 -9.24 15.63 -27.81
CB MSE A 207 -8.85 12.83 -28.86
CG MSE A 207 -7.52 12.42 -28.23
SE MSE A 207 -6.30 11.80 -29.57
CE MSE A 207 -7.00 10.02 -29.77
N VAL A 208 -9.18 14.50 -25.87
CA VAL A 208 -8.73 15.66 -25.11
C VAL A 208 -7.36 15.52 -24.47
N HIS A 209 -6.51 16.51 -24.71
CA HIS A 209 -5.18 16.52 -24.11
C HIS A 209 -5.36 16.91 -22.66
N LEU A 210 -4.77 16.15 -21.76
CA LEU A 210 -4.88 16.46 -20.35
C LEU A 210 -3.50 16.75 -19.79
N PRO A 211 -3.44 17.58 -18.75
CA PRO A 211 -2.15 17.87 -18.13
C PRO A 211 -2.00 16.63 -17.26
N GLY A 212 -1.33 15.62 -17.81
CA GLY A 212 -1.16 14.34 -17.12
C GLY A 212 -0.74 14.26 -15.68
N TRP A 213 0.01 15.24 -15.20
CA TRP A 213 0.47 15.19 -13.81
C TRP A 213 -0.49 15.84 -12.83
N PHE A 214 -1.64 16.28 -13.34
CA PHE A 214 -2.67 16.91 -12.52
C PHE A 214 -3.90 16.00 -12.52
N ARG A 215 -5.01 16.48 -11.99
CA ARG A 215 -6.23 15.67 -11.92
C ARG A 215 -7.46 16.44 -12.40
N LEU A 216 -7.47 16.87 -13.65
CA LEU A 216 -8.59 17.63 -14.20
C LEU A 216 -9.56 16.82 -15.04
N ALA A 217 -9.29 15.53 -15.18
CA ALA A 217 -10.12 14.66 -15.99
C ALA A 217 -11.62 14.65 -15.68
N HIS A 218 -12.00 14.60 -14.39
CA HIS A 218 -13.42 14.59 -14.06
C HIS A 218 -14.07 15.94 -14.39
N ARG A 219 -13.32 17.02 -14.23
CA ARG A 219 -13.84 18.33 -14.57
C ARG A 219 -14.00 18.40 -16.09
N VAL A 220 -13.07 17.79 -16.82
CA VAL A 220 -13.15 17.78 -18.27
C VAL A 220 -14.40 17.01 -18.71
N LEU A 221 -14.60 15.82 -18.15
CA LEU A 221 -15.76 15.02 -18.50
C LEU A 221 -17.05 15.73 -18.09
N ASP A 222 -17.02 16.50 -17.01
CA ASP A 222 -18.22 17.22 -16.59
C ASP A 222 -18.61 18.19 -17.71
N LEU A 223 -17.65 18.99 -18.14
CA LEU A 223 -17.89 19.98 -19.19
C LEU A 223 -18.40 19.29 -20.46
N VAL A 224 -17.69 18.27 -20.91
CA VAL A 224 -18.08 17.53 -22.11
C VAL A 224 -19.50 16.98 -22.02
N GLU A 225 -19.80 16.41 -20.86
CA GLU A 225 -21.10 15.83 -20.61
C GLU A 225 -22.23 16.87 -20.64
N GLU A 226 -22.01 18.01 -19.99
CA GLU A 226 -23.04 19.04 -19.97
C GLU A 226 -23.24 19.68 -21.33
N GLU A 227 -22.24 19.61 -22.20
CA GLU A 227 -22.39 20.16 -23.53
C GLU A 227 -23.15 19.13 -24.38
N GLY A 228 -23.55 18.04 -23.73
CA GLY A 228 -24.30 17.00 -24.41
C GLY A 228 -23.52 16.02 -25.25
N ALA A 229 -22.19 16.04 -25.15
CA ALA A 229 -21.34 15.14 -25.94
C ALA A 229 -21.35 13.70 -25.43
N ASP A 230 -20.86 12.78 -26.27
CA ASP A 230 -20.84 11.35 -25.98
C ASP A 230 -19.60 10.89 -25.21
N LEU A 231 -19.75 10.65 -23.91
CA LEU A 231 -18.61 10.22 -23.11
C LEU A 231 -18.00 8.88 -23.55
N ARG A 232 -18.82 7.98 -24.07
CA ARG A 232 -18.29 6.69 -24.50
C ARG A 232 -17.42 6.78 -25.74
N HIS A 233 -17.32 7.97 -26.32
CA HIS A 233 -16.48 8.16 -27.50
C HIS A 233 -15.59 9.37 -27.28
N THR A 234 -15.28 9.60 -26.01
CA THR A 234 -14.40 10.68 -25.60
C THR A 234 -13.12 10.00 -25.12
N VAL A 235 -11.97 10.46 -25.60
CA VAL A 235 -10.71 9.87 -25.20
C VAL A 235 -9.92 10.82 -24.31
N LEU A 236 -9.47 10.33 -23.17
CA LEU A 236 -8.68 11.15 -22.28
C LEU A 236 -7.21 10.80 -22.54
N CYS A 237 -6.44 11.76 -23.04
CA CYS A 237 -5.03 11.51 -23.33
C CYS A 237 -4.14 11.63 -22.10
N HIS A 238 -2.90 11.17 -22.24
CA HIS A 238 -1.89 11.26 -21.20
C HIS A 238 -2.24 10.78 -19.79
N MSE A 239 -2.76 9.56 -19.69
CA MSE A 239 -3.11 8.97 -18.40
C MSE A 239 -1.92 8.37 -17.69
O MSE A 239 -1.97 8.13 -16.48
CB MSE A 239 -4.19 7.90 -18.61
CG MSE A 239 -5.46 8.49 -19.19
SE MSE A 239 -6.26 9.81 -18.03
CE MSE A 239 -5.14 11.35 -18.47
N ASN A 240 -0.84 8.13 -18.43
CA ASN A 240 0.36 7.52 -17.85
C ASN A 240 0.78 8.04 -16.48
N PRO A 241 0.93 9.37 -16.34
CA PRO A 241 1.34 10.01 -15.09
C PRO A 241 0.46 9.81 -13.85
N SER A 242 -0.81 9.44 -14.02
CA SER A 242 -1.71 9.24 -12.87
C SER A 242 -1.87 7.76 -12.54
N HIS A 243 -0.92 6.95 -12.99
CA HIS A 243 -0.91 5.51 -12.75
C HIS A 243 -1.04 5.13 -11.28
N MSE A 244 -0.52 5.98 -10.39
CA MSE A 244 -0.58 5.68 -8.95
C MSE A 244 -1.89 6.11 -8.31
O MSE A 244 -2.01 6.09 -7.09
CB MSE A 244 0.57 6.38 -8.22
CG MSE A 244 0.44 7.91 -8.10
SE MSE A 244 0.57 8.97 -9.75
CE MSE A 244 2.53 9.05 -9.85
N ASP A 245 -2.87 6.47 -9.13
CA ASP A 245 -4.19 6.90 -8.64
C ASP A 245 -5.24 6.02 -9.30
N PRO A 246 -5.30 4.73 -8.91
CA PRO A 246 -6.27 3.78 -9.49
C PRO A 246 -7.74 4.17 -9.37
N VAL A 247 -8.09 4.87 -8.29
CA VAL A 247 -9.48 5.29 -8.10
C VAL A 247 -9.83 6.38 -9.12
N TYR A 248 -8.92 7.33 -9.28
CA TYR A 248 -9.10 8.41 -10.24
C TYR A 248 -9.30 7.81 -11.64
N GLN A 249 -8.39 6.92 -12.02
CA GLN A 249 -8.45 6.29 -13.34
C GLN A 249 -9.65 5.37 -13.55
N ALA A 250 -9.96 4.54 -12.55
CA ALA A 250 -11.08 3.62 -12.67
C ALA A 250 -12.43 4.33 -12.70
N THR A 251 -12.57 5.39 -11.91
CA THR A 251 -13.85 6.10 -11.91
C THR A 251 -14.04 6.82 -13.24
N LEU A 252 -12.95 7.28 -13.84
CA LEU A 252 -13.05 7.96 -15.15
C LEU A 252 -13.52 6.93 -16.18
N ALA A 253 -12.96 5.72 -16.10
CA ALA A 253 -13.34 4.65 -17.01
C ALA A 253 -14.81 4.26 -16.80
N GLN A 254 -15.27 4.26 -15.55
CA GLN A 254 -16.66 3.93 -15.24
C GLN A 254 -17.62 4.97 -15.83
N ARG A 255 -17.15 6.20 -15.99
CA ARG A 255 -18.02 7.21 -16.58
C ARG A 255 -18.18 6.94 -18.08
N GLY A 256 -17.28 6.12 -18.63
CA GLY A 256 -17.37 5.76 -20.03
C GLY A 256 -16.25 6.20 -20.97
N ALA A 257 -15.40 7.10 -20.50
CA ALA A 257 -14.31 7.60 -21.33
C ALA A 257 -13.20 6.56 -21.54
N PHE A 258 -12.44 6.74 -22.62
CA PHE A 258 -11.31 5.87 -22.89
C PHE A 258 -10.15 6.46 -22.10
N LEU A 259 -9.31 5.59 -21.54
CA LEU A 259 -8.14 6.02 -20.80
C LEU A 259 -6.98 5.75 -21.73
N GLU A 260 -6.37 6.80 -22.25
CA GLU A 260 -5.28 6.60 -23.18
C GLU A 260 -3.88 6.75 -22.59
N PHE A 261 -3.16 5.63 -22.54
CA PHE A 261 -1.79 5.61 -22.04
C PHE A 261 -0.94 5.76 -23.30
N ASP A 262 -0.88 6.99 -23.79
CA ASP A 262 -0.16 7.34 -25.01
C ASP A 262 1.29 7.75 -24.82
N MSE A 263 1.87 7.46 -23.66
CA MSE A 263 3.25 7.85 -23.42
C MSE A 263 4.16 6.65 -23.16
O MSE A 263 5.17 6.74 -22.48
CB MSE A 263 3.28 8.83 -22.24
CG MSE A 263 2.28 9.97 -22.41
SE MSE A 263 2.03 11.07 -20.81
CE MSE A 263 2.34 12.85 -21.64
N ILE A 264 3.78 5.51 -23.75
CA ILE A 264 4.56 4.30 -23.58
C ILE A 264 5.96 4.52 -24.17
N GLY A 265 6.97 4.15 -23.39
CA GLY A 265 8.34 4.30 -23.82
C GLY A 265 8.94 5.67 -23.51
N MSE A 266 8.06 6.64 -23.23
CA MSE A 266 8.52 7.99 -22.93
C MSE A 266 8.97 8.04 -21.47
O MSE A 266 8.16 7.84 -20.57
CB MSE A 266 7.40 8.98 -23.19
CG MSE A 266 7.75 10.43 -22.91
SE MSE A 266 6.27 11.62 -23.10
CE MSE A 266 5.28 11.04 -21.53
N ASP A 267 10.24 8.30 -21.25
CA ASP A 267 10.77 8.36 -19.89
C ASP A 267 11.54 9.64 -19.58
N PHE A 268 11.27 10.71 -20.32
CA PHE A 268 11.97 11.98 -20.11
C PHE A 268 11.57 12.71 -18.85
N PHE A 269 12.44 13.62 -18.43
CA PHE A 269 12.14 14.48 -17.28
C PHE A 269 11.94 15.82 -17.95
N TYR A 270 10.74 16.36 -17.81
CA TYR A 270 10.44 17.66 -18.41
C TYR A 270 10.82 18.76 -17.44
N ALA A 271 12.05 19.26 -17.60
CA ALA A 271 12.59 20.31 -16.76
C ALA A 271 11.71 21.56 -16.76
N ASP A 272 11.12 21.85 -17.91
CA ASP A 272 10.25 23.01 -18.06
C ASP A 272 9.01 22.93 -17.17
N GLN A 273 8.62 21.71 -16.82
CA GLN A 273 7.44 21.50 -15.98
C GLN A 273 7.79 20.91 -14.64
N GLY A 274 9.02 20.39 -14.53
CA GLY A 274 9.44 19.79 -13.28
C GLY A 274 8.68 18.49 -13.04
N VAL A 275 8.32 17.80 -14.11
CA VAL A 275 7.61 16.54 -13.99
C VAL A 275 8.33 15.37 -14.66
N GLN A 276 8.13 14.18 -14.11
CA GLN A 276 8.77 12.97 -14.61
C GLN A 276 7.80 11.97 -15.24
N CYS A 277 8.17 11.43 -16.41
CA CYS A 277 7.34 10.44 -17.06
C CYS A 277 7.55 9.12 -16.33
N PRO A 278 6.47 8.38 -16.06
CA PRO A 278 6.57 7.10 -15.36
C PRO A 278 7.20 6.01 -16.20
N SER A 279 7.57 4.90 -15.55
CA SER A 279 8.19 3.78 -16.23
C SER A 279 7.11 2.92 -16.87
N ASP A 280 7.49 2.09 -17.83
CA ASP A 280 6.51 1.22 -18.47
C ASP A 280 6.00 0.15 -17.52
N ASP A 281 6.82 -0.25 -16.56
CA ASP A 281 6.37 -1.25 -15.59
C ASP A 281 5.26 -0.68 -14.72
N GLU A 282 5.41 0.57 -14.30
CA GLU A 282 4.40 1.20 -13.46
C GLU A 282 3.09 1.32 -14.23
N VAL A 283 3.19 1.69 -15.50
CA VAL A 283 2.01 1.84 -16.35
C VAL A 283 1.36 0.47 -16.57
N ALA A 284 2.18 -0.55 -16.79
CA ALA A 284 1.67 -1.89 -17.01
C ALA A 284 0.86 -2.34 -15.79
N ARG A 285 1.38 -2.05 -14.60
CA ARG A 285 0.66 -2.41 -13.38
C ARG A 285 -0.71 -1.72 -13.33
N ALA A 286 -0.74 -0.44 -13.70
CA ALA A 286 -1.99 0.31 -13.71
C ALA A 286 -2.98 -0.27 -14.72
N ILE A 287 -2.49 -0.66 -15.88
CA ILE A 287 -3.33 -1.25 -16.91
C ILE A 287 -3.92 -2.57 -16.40
N LEU A 288 -3.09 -3.38 -15.76
CA LEU A 288 -3.55 -4.64 -15.20
C LEU A 288 -4.68 -4.39 -14.19
N GLY A 289 -4.48 -3.40 -13.32
CA GLY A 289 -5.48 -3.09 -12.33
C GLY A 289 -6.82 -2.70 -12.93
N LEU A 290 -6.77 -1.89 -13.99
CA LEU A 290 -7.99 -1.45 -14.66
C LEU A 290 -8.69 -2.62 -15.31
N ALA A 291 -7.90 -3.53 -15.89
CA ALA A 291 -8.48 -4.70 -16.52
C ALA A 291 -9.09 -5.59 -15.44
N ASP A 292 -8.38 -5.74 -14.32
CA ASP A 292 -8.86 -6.55 -13.21
C ASP A 292 -10.22 -6.06 -12.71
N HIS A 293 -10.48 -4.77 -12.82
CA HIS A 293 -11.76 -4.23 -12.38
C HIS A 293 -12.76 -4.07 -13.52
N GLY A 294 -12.51 -4.79 -14.60
CA GLY A 294 -13.41 -4.78 -15.75
C GLY A 294 -13.39 -3.62 -16.73
N TYR A 295 -12.33 -2.84 -16.78
CA TYR A 295 -12.26 -1.70 -17.70
C TYR A 295 -11.32 -1.89 -18.88
N LEU A 296 -11.01 -3.14 -19.21
CA LEU A 296 -10.11 -3.39 -20.34
C LEU A 296 -10.56 -2.74 -21.64
N ASP A 297 -11.87 -2.69 -21.89
CA ASP A 297 -12.34 -2.09 -23.14
C ASP A 297 -12.27 -0.56 -23.21
N ARG A 298 -11.69 0.06 -22.19
CA ARG A 298 -11.57 1.52 -22.17
C ARG A 298 -10.10 1.93 -22.30
N ILE A 299 -9.21 0.95 -22.33
CA ILE A 299 -7.76 1.20 -22.44
C ILE A 299 -7.15 1.30 -23.84
N LEU A 300 -6.44 2.40 -24.08
CA LEU A 300 -5.77 2.64 -25.35
C LEU A 300 -4.29 2.86 -25.05
N LEU A 301 -3.44 2.51 -26.02
CA LEU A 301 -1.98 2.61 -25.90
C LEU A 301 -1.36 3.31 -27.11
N SER A 302 -0.32 4.10 -26.87
CA SER A 302 0.38 4.77 -27.97
C SER A 302 1.69 5.37 -27.42
N HIS A 303 2.47 6.00 -28.30
CA HIS A 303 3.76 6.61 -27.90
C HIS A 303 3.73 8.13 -27.76
N ASP A 304 2.83 8.78 -28.49
CA ASP A 304 2.77 10.25 -28.54
C ASP A 304 4.10 10.76 -29.06
N VAL A 305 4.61 10.12 -30.12
CA VAL A 305 5.85 10.60 -30.70
C VAL A 305 5.57 12.04 -31.08
N PHE A 306 6.38 12.97 -30.57
CA PHE A 306 6.16 14.38 -30.92
C PHE A 306 7.43 15.22 -31.04
N VAL A 307 8.60 14.61 -30.86
CA VAL A 307 9.88 15.31 -31.04
C VAL A 307 10.83 14.34 -31.74
N LYS A 308 11.82 14.87 -32.45
CA LYS A 308 12.78 14.05 -33.18
C LYS A 308 13.50 12.97 -32.37
N MSE A 309 13.83 13.27 -31.11
CA MSE A 309 14.56 12.29 -30.30
C MSE A 309 13.73 11.05 -29.99
O MSE A 309 14.26 10.07 -29.44
CB MSE A 309 15.06 12.91 -28.99
CG MSE A 309 13.99 13.22 -27.96
SE MSE A 309 14.79 14.14 -26.42
CE MSE A 309 15.93 12.65 -25.77
N MSE A 310 12.45 11.07 -30.34
CA MSE A 310 11.59 9.92 -30.10
C MSE A 310 11.58 8.96 -31.29
O MSE A 310 10.95 7.90 -31.24
CB MSE A 310 10.18 10.40 -29.75
CG MSE A 310 10.10 11.06 -28.35
SE MSE A 310 8.37 11.56 -27.84
CE MSE A 310 7.64 9.82 -27.59
N LEU A 311 12.31 9.33 -32.34
CA LEU A 311 12.42 8.51 -33.55
C LEU A 311 13.67 7.63 -33.39
N THR A 312 13.60 6.39 -33.87
CA THR A 312 14.74 5.48 -33.74
C THR A 312 16.04 6.05 -34.32
N ARG A 313 15.94 6.81 -35.40
CA ARG A 313 17.12 7.40 -36.04
C ARG A 313 17.92 8.29 -35.06
N TYR A 314 17.23 8.84 -34.07
CA TYR A 314 17.88 9.71 -33.10
C TYR A 314 17.96 9.10 -31.70
N GLY A 315 18.00 7.78 -31.63
CA GLY A 315 18.11 7.10 -30.35
C GLY A 315 16.80 6.84 -29.65
N GLY A 316 15.70 7.25 -30.27
CA GLY A 316 14.38 7.06 -29.70
C GLY A 316 13.77 5.69 -29.96
N ASN A 317 12.54 5.52 -29.47
CA ASN A 317 11.82 4.26 -29.61
C ASN A 317 11.06 4.07 -30.94
N GLY A 318 10.76 5.16 -31.64
CA GLY A 318 10.04 5.02 -32.91
C GLY A 318 8.55 4.73 -32.74
N TYR A 319 7.90 4.27 -33.81
CA TYR A 319 6.47 3.96 -33.80
C TYR A 319 6.15 2.47 -33.64
N ALA A 320 7.17 1.62 -33.52
CA ALA A 320 6.95 0.18 -33.39
C ALA A 320 7.26 -0.36 -31.98
N PHE A 321 7.60 0.55 -31.07
CA PHE A 321 7.94 0.16 -29.71
C PHE A 321 6.78 -0.50 -28.95
N VAL A 322 5.63 0.16 -28.93
CA VAL A 322 4.48 -0.39 -28.23
C VAL A 322 4.23 -1.84 -28.63
N THR A 323 4.15 -2.07 -29.93
CA THR A 323 3.90 -3.40 -30.47
C THR A 323 5.03 -4.40 -30.19
N LYS A 324 6.26 -4.00 -30.50
CA LYS A 324 7.40 -4.91 -30.30
C LYS A 324 7.88 -5.12 -28.88
N HIS A 325 7.78 -4.09 -28.04
CA HIS A 325 8.29 -4.21 -26.69
C HIS A 325 7.33 -4.07 -25.53
N PHE A 326 6.29 -3.27 -25.68
CA PHE A 326 5.37 -3.11 -24.57
C PHE A 326 4.35 -4.25 -24.46
N LEU A 327 3.87 -4.75 -25.60
CA LEU A 327 2.92 -5.85 -25.53
C LEU A 327 3.59 -7.01 -24.79
N PRO A 328 4.85 -7.32 -25.12
CA PRO A 328 5.52 -8.42 -24.41
C PRO A 328 5.62 -8.13 -22.91
N ARG A 329 5.76 -6.85 -22.57
CA ARG A 329 5.84 -6.48 -21.17
C ARG A 329 4.49 -6.74 -20.49
N LEU A 330 3.41 -6.41 -21.18
CA LEU A 330 2.07 -6.65 -20.64
C LEU A 330 1.85 -8.14 -20.42
N ARG A 331 2.37 -8.95 -21.34
CA ARG A 331 2.25 -10.39 -21.23
C ARG A 331 2.96 -10.85 -19.96
N ARG A 332 4.17 -10.35 -19.75
CA ARG A 332 4.93 -10.70 -18.56
C ARG A 332 4.12 -10.33 -17.32
N HIS A 333 3.33 -9.28 -17.43
CA HIS A 333 2.51 -8.84 -16.30
C HIS A 333 1.24 -9.67 -16.13
N GLY A 334 0.93 -10.54 -17.10
CA GLY A 334 -0.25 -11.36 -16.96
C GLY A 334 -1.36 -11.28 -18.01
N LEU A 335 -1.28 -10.34 -18.95
CA LEU A 335 -2.32 -10.27 -19.97
C LEU A 335 -2.12 -11.34 -21.03
N ASP A 336 -3.21 -11.92 -21.51
CA ASP A 336 -3.12 -12.95 -22.54
C ASP A 336 -3.21 -12.34 -23.94
N ASP A 337 -3.05 -13.18 -24.95
CA ASP A 337 -3.09 -12.74 -26.35
C ASP A 337 -4.39 -12.05 -26.74
N ALA A 338 -5.51 -12.51 -26.21
CA ALA A 338 -6.80 -11.90 -26.54
C ALA A 338 -6.85 -10.47 -26.02
N ALA A 339 -6.24 -10.25 -24.86
CA ALA A 339 -6.21 -8.92 -24.25
C ALA A 339 -5.36 -7.98 -25.10
N LEU A 340 -4.27 -8.51 -25.66
CA LEU A 340 -3.38 -7.72 -26.50
C LEU A 340 -4.13 -7.37 -27.78
N GLU A 341 -4.97 -8.29 -28.26
CA GLU A 341 -5.77 -8.06 -29.45
C GLU A 341 -6.80 -6.97 -29.11
N THR A 342 -7.38 -7.06 -27.93
CA THR A 342 -8.36 -6.08 -27.48
C THR A 342 -7.77 -4.67 -27.44
N LEU A 343 -6.54 -4.56 -26.95
CA LEU A 343 -5.86 -3.27 -26.81
C LEU A 343 -5.45 -2.58 -28.11
N MSE A 344 -4.93 -3.37 -29.06
CA MSE A 344 -4.44 -2.81 -30.32
C MSE A 344 -5.38 -2.80 -31.50
O MSE A 344 -5.14 -2.10 -32.49
CB MSE A 344 -3.14 -3.54 -30.69
CG MSE A 344 -2.03 -3.42 -29.63
SE MSE A 344 -1.59 -1.61 -29.11
CE MSE A 344 -0.82 -0.98 -30.78
N VAL A 345 -6.46 -3.56 -31.41
CA VAL A 345 -7.40 -3.65 -32.52
C VAL A 345 -8.84 -3.36 -32.13
N THR A 346 -9.37 -4.14 -31.20
CA THR A 346 -10.76 -3.96 -30.79
C THR A 346 -11.03 -2.60 -30.16
N ASN A 347 -10.20 -2.19 -29.22
CA ASN A 347 -10.44 -0.90 -28.57
C ASN A 347 -10.37 0.29 -29.54
N PRO A 348 -9.36 0.31 -30.42
CA PRO A 348 -9.31 1.44 -31.35
C PRO A 348 -10.59 1.45 -32.18
N ARG A 349 -11.08 0.28 -32.53
CA ARG A 349 -12.31 0.20 -33.32
C ARG A 349 -13.49 0.72 -32.48
N ARG A 350 -13.49 0.40 -31.20
CA ARG A 350 -14.56 0.85 -30.29
C ARG A 350 -14.60 2.38 -30.21
N VAL A 351 -13.44 3.01 -30.34
CA VAL A 351 -13.39 4.47 -30.27
C VAL A 351 -14.24 5.09 -31.37
N PHE A 352 -14.09 4.53 -32.58
CA PHE A 352 -14.79 5.02 -33.78
C PHE A 352 -16.12 4.33 -34.12
N ASP A 353 -16.43 3.22 -33.45
CA ASP A 353 -17.65 2.48 -33.78
C ASP A 353 -18.44 2.09 -32.53
N ALA A 354 -19.59 2.72 -32.34
CA ALA A 354 -20.45 2.49 -31.18
C ALA A 354 -21.15 1.13 -31.20
N SER A 355 -21.23 0.51 -32.36
CA SER A 355 -21.92 -0.78 -32.46
C SER A 355 -21.12 -1.93 -31.84
N ILE A 356 -19.83 -1.70 -31.59
CA ILE A 356 -18.99 -2.74 -31.01
C ILE A 356 -19.32 -2.91 -29.54
N GLU A 357 -19.76 -4.11 -29.16
CA GLU A 357 -20.13 -4.39 -27.77
C GLU A 357 -18.89 -4.43 -26.87
N GLY A 358 -19.10 -4.25 -25.57
CA GLY A 358 -18.00 -4.24 -24.63
C GLY A 358 -17.44 -5.59 -24.21
N HIS A 359 -16.69 -5.59 -23.10
CA HIS A 359 -16.05 -6.77 -22.50
C HIS A 359 -14.59 -6.94 -22.90
N HIS A 360 -13.91 -7.84 -22.18
CA HIS A 360 -12.50 -8.12 -22.43
C HIS A 360 -12.29 -8.85 -23.75
N SER B 2 49.51 -13.30 15.91
CA SER B 2 50.97 -12.98 15.94
C SER B 2 51.20 -11.54 15.52
N LEU B 3 51.59 -11.32 14.27
CA LEU B 3 51.85 -9.96 13.78
C LEU B 3 50.68 -9.41 12.97
N SER B 4 50.37 -8.13 13.22
CA SER B 4 49.30 -7.44 12.53
C SER B 4 49.43 -7.48 11.01
N GLU B 5 48.31 -7.61 10.31
CA GLU B 5 48.28 -7.66 8.85
C GLU B 5 47.43 -6.52 8.33
N LEU B 6 47.11 -5.59 9.22
CA LEU B 6 46.28 -4.44 8.87
C LEU B 6 46.85 -3.57 7.76
N SER B 7 46.00 -3.17 6.83
CA SER B 7 46.42 -2.29 5.75
C SER B 7 46.83 -0.98 6.41
N PRO B 8 47.79 -0.27 5.82
CA PRO B 8 48.20 1.00 6.42
C PRO B 8 47.01 1.96 6.40
N CYS B 9 46.00 1.63 5.59
CA CYS B 9 44.79 2.45 5.50
C CYS B 9 43.54 1.70 5.94
N HIS B 10 43.64 0.95 7.04
CA HIS B 10 42.50 0.20 7.56
C HIS B 10 41.46 1.22 8.02
N VAL B 11 40.22 0.76 8.24
CA VAL B 11 39.14 1.66 8.62
C VAL B 11 39.33 2.49 9.89
N ARG B 12 40.29 2.09 10.74
CA ARG B 12 40.54 2.86 11.96
C ARG B 12 41.83 3.67 11.83
N SER B 13 42.35 3.77 10.61
CA SER B 13 43.60 4.49 10.38
C SER B 13 43.37 5.98 10.12
N GLY B 14 42.23 6.32 9.53
CA GLY B 14 41.95 7.70 9.24
C GLY B 14 42.51 8.06 7.87
N ARG B 15 43.00 7.04 7.17
CA ARG B 15 43.55 7.22 5.83
C ARG B 15 42.85 6.28 4.85
N ILE B 16 43.04 6.52 3.56
CA ILE B 16 42.42 5.69 2.52
C ILE B 16 43.46 5.38 1.44
N MSE B 17 43.54 4.12 1.06
CA MSE B 17 44.51 3.70 0.05
C MSE B 17 44.03 3.85 -1.39
O MSE B 17 43.16 3.11 -1.83
CB MSE B 17 44.91 2.25 0.28
CG MSE B 17 46.00 1.74 -0.67
SE MSE B 17 47.73 2.64 -0.47
CE MSE B 17 48.33 1.63 1.10
N THR B 18 44.63 4.78 -2.12
CA THR B 18 44.27 4.98 -3.53
C THR B 18 45.40 4.37 -4.36
N VAL B 19 45.19 4.27 -5.67
CA VAL B 19 46.20 3.70 -6.55
C VAL B 19 47.50 4.50 -6.55
N ASP B 20 47.44 5.72 -6.04
CA ASP B 20 48.62 6.57 -5.97
C ASP B 20 49.11 6.69 -4.54
N GLY B 21 48.63 5.81 -3.66
CA GLY B 21 49.06 5.87 -2.28
C GLY B 21 48.01 6.34 -1.30
N PRO B 22 48.36 6.45 -0.01
CA PRO B 22 47.45 6.88 1.04
C PRO B 22 47.09 8.35 1.00
N ILE B 23 45.87 8.65 1.44
CA ILE B 23 45.37 10.01 1.51
C ILE B 23 44.52 10.11 2.78
N PRO B 24 44.46 11.29 3.41
CA PRO B 24 43.63 11.37 4.61
C PRO B 24 42.17 11.17 4.20
N SER B 25 41.37 10.49 5.02
CA SER B 25 39.98 10.23 4.67
C SER B 25 39.21 11.51 4.38
N SER B 26 39.67 12.61 4.97
CA SER B 26 39.04 13.91 4.78
C SER B 26 39.23 14.42 3.36
N ALA B 27 40.20 13.85 2.65
CA ALA B 27 40.50 14.26 1.28
C ALA B 27 39.69 13.50 0.23
N LEU B 28 38.92 12.51 0.67
CA LEU B 28 38.12 11.72 -0.27
C LEU B 28 37.12 12.64 -0.99
N GLY B 29 36.37 13.42 -0.21
CA GLY B 29 35.40 14.34 -0.78
C GLY B 29 34.23 13.74 -1.53
N HIS B 30 33.70 14.52 -2.47
CA HIS B 30 32.56 14.13 -3.31
C HIS B 30 32.99 12.87 -4.05
N THR B 31 32.35 11.75 -3.73
CA THR B 31 32.74 10.47 -4.28
C THR B 31 31.67 9.56 -4.88
N LEU B 32 32.08 8.78 -5.88
CA LEU B 32 31.22 7.78 -6.50
C LEU B 32 31.79 6.46 -5.98
N MSE B 33 31.01 5.79 -5.13
CA MSE B 33 31.41 4.54 -4.50
C MSE B 33 31.49 3.30 -5.39
O MSE B 33 32.08 2.30 -4.99
CB MSE B 33 30.47 4.23 -3.33
CG MSE B 33 30.72 5.06 -2.07
SE MSE B 33 32.45 4.81 -1.31
CE MSE B 33 32.42 2.88 -1.21
N HIS B 34 30.89 3.35 -6.57
CA HIS B 34 30.89 2.17 -7.39
C HIS B 34 30.82 2.45 -8.89
N GLU B 35 31.98 2.46 -9.53
CA GLU B 35 32.07 2.72 -10.96
C GLU B 35 33.16 1.88 -11.58
N HIS B 36 32.99 1.49 -12.84
CA HIS B 36 34.01 0.72 -13.53
C HIS B 36 34.57 1.68 -14.57
N LEU B 37 35.89 1.86 -14.55
CA LEU B 37 36.55 2.77 -15.49
C LEU B 37 37.01 2.04 -16.74
N GLN B 38 37.30 0.75 -16.56
CA GLN B 38 37.74 -0.15 -17.61
C GLN B 38 37.31 -1.53 -17.14
N ASN B 39 36.83 -2.38 -18.03
CA ASN B 39 36.44 -3.73 -17.63
C ASN B 39 36.20 -4.63 -18.84
N ASP B 40 35.84 -5.87 -18.56
CA ASP B 40 35.57 -6.86 -19.61
C ASP B 40 34.40 -7.75 -19.20
N CYS B 41 33.27 -7.59 -19.89
CA CYS B 41 32.06 -8.35 -19.60
C CYS B 41 31.64 -9.26 -20.76
N ARG B 42 32.60 -9.60 -21.62
CA ARG B 42 32.31 -10.47 -22.76
C ARG B 42 31.72 -11.82 -22.40
N CYS B 43 32.01 -12.32 -21.21
CA CYS B 43 31.50 -13.61 -20.77
C CYS B 43 30.02 -13.54 -20.38
N TRP B 44 29.40 -12.39 -20.62
CA TRP B 44 27.99 -12.20 -20.31
C TRP B 44 27.17 -11.86 -21.55
N TRP B 45 27.77 -12.06 -22.72
CA TRP B 45 27.10 -11.80 -23.97
C TRP B 45 25.83 -12.66 -24.04
N ASN B 46 24.73 -12.04 -24.48
CA ASN B 46 23.46 -12.74 -24.58
C ASN B 46 23.12 -12.88 -26.07
N PRO B 47 23.64 -13.93 -26.71
CA PRO B 47 23.40 -14.17 -28.13
C PRO B 47 21.91 -14.16 -28.48
N PRO B 48 21.55 -13.39 -29.51
CA PRO B 48 20.15 -13.29 -29.94
C PRO B 48 19.72 -14.56 -30.64
N GLN B 49 18.84 -15.32 -30.00
CA GLN B 49 18.37 -16.57 -30.60
C GLN B 49 17.58 -16.27 -31.87
N GLU B 50 16.74 -15.23 -31.83
CA GLU B 50 15.96 -14.86 -33.00
C GLU B 50 16.96 -14.31 -34.02
N PRO B 51 17.12 -15.01 -35.15
CA PRO B 51 18.06 -14.60 -36.20
C PRO B 51 17.83 -13.16 -36.68
N GLU B 52 16.60 -12.68 -36.52
CA GLU B 52 16.26 -11.33 -36.94
C GLU B 52 17.02 -10.28 -36.13
N ARG B 53 17.37 -10.63 -34.89
CA ARG B 53 18.11 -9.72 -34.02
C ARG B 53 19.60 -9.98 -34.08
N GLN B 54 20.03 -10.77 -35.06
CA GLN B 54 21.44 -11.10 -35.24
C GLN B 54 22.29 -9.85 -35.47
N TYR B 55 21.74 -8.90 -36.21
CA TYR B 55 22.46 -7.67 -36.51
C TYR B 55 22.87 -6.90 -35.26
N LEU B 56 22.06 -6.97 -34.22
CA LEU B 56 22.33 -6.26 -32.96
C LEU B 56 23.52 -6.85 -32.21
N ALA B 57 23.79 -8.13 -32.45
CA ALA B 57 24.90 -8.80 -31.77
C ALA B 57 26.26 -8.39 -32.32
N GLU B 58 26.35 -8.22 -33.63
CA GLU B 58 27.62 -7.89 -34.24
C GLU B 58 27.85 -6.40 -34.52
N ALA B 59 26.77 -5.65 -34.69
CA ALA B 59 26.87 -4.22 -34.98
C ALA B 59 27.52 -3.38 -33.88
N PRO B 60 28.17 -2.27 -34.27
CA PRO B 60 28.81 -1.39 -33.30
C PRO B 60 27.72 -0.52 -32.69
N ILE B 61 28.01 0.14 -31.58
CA ILE B 61 26.98 0.99 -30.98
C ILE B 61 26.82 2.26 -31.80
N SER B 62 25.60 2.51 -32.25
CA SER B 62 25.29 3.70 -33.02
C SER B 62 23.93 4.23 -32.55
N ILE B 63 23.74 5.53 -32.67
CA ILE B 63 22.50 6.18 -32.24
C ILE B 63 21.23 5.50 -32.76
N GLU B 64 21.33 4.92 -33.96
CA GLU B 64 20.20 4.25 -34.59
C GLU B 64 19.68 3.00 -33.91
N ILE B 65 20.48 2.36 -33.07
CA ILE B 65 20.03 1.13 -32.41
C ILE B 65 19.97 1.18 -30.89
N LEU B 66 20.04 2.38 -30.31
CA LEU B 66 20.01 2.51 -28.86
C LEU B 66 18.73 1.99 -28.20
N SER B 67 17.60 2.20 -28.86
CA SER B 67 16.33 1.71 -28.31
C SER B 67 16.38 0.20 -28.11
N GLU B 68 16.75 -0.52 -29.18
CA GLU B 68 16.85 -1.97 -29.11
C GLU B 68 17.85 -2.41 -28.05
N LEU B 69 18.99 -1.73 -27.96
CA LEU B 69 20.01 -2.07 -26.97
C LEU B 69 19.50 -1.93 -25.55
N ARG B 70 18.73 -0.87 -25.29
CA ARG B 70 18.19 -0.66 -23.95
C ARG B 70 17.27 -1.80 -23.50
N GLN B 71 16.74 -2.58 -24.44
CA GLN B 71 15.86 -3.69 -24.07
C GLN B 71 16.62 -5.00 -23.88
N ASP B 72 17.92 -4.99 -24.19
CA ASP B 72 18.77 -6.16 -24.07
C ASP B 72 20.23 -5.75 -24.29
N PRO B 73 20.82 -5.04 -23.31
CA PRO B 73 22.20 -4.53 -23.33
C PRO B 73 23.26 -5.58 -23.67
N PHE B 74 23.09 -6.79 -23.15
CA PHE B 74 24.05 -7.85 -23.39
C PHE B 74 24.00 -8.52 -24.75
N VAL B 75 23.17 -8.00 -25.65
CA VAL B 75 23.07 -8.59 -26.98
C VAL B 75 24.21 -8.10 -27.87
N ASN B 76 24.73 -6.92 -27.56
CA ASN B 76 25.80 -6.29 -28.34
C ASN B 76 27.21 -6.56 -27.82
N LYS B 77 28.04 -7.19 -28.67
CA LYS B 77 29.41 -7.51 -28.29
C LYS B 77 30.27 -6.27 -28.07
N HIS B 78 30.05 -5.24 -28.88
CA HIS B 78 30.81 -4.00 -28.78
C HIS B 78 30.53 -3.24 -27.48
N ASN B 79 29.34 -3.46 -26.93
CA ASN B 79 28.89 -2.79 -25.72
C ASN B 79 29.47 -3.32 -24.41
N ILE B 80 29.63 -4.64 -24.34
CA ILE B 80 30.11 -5.28 -23.13
C ILE B 80 31.61 -5.29 -22.82
N ALA B 81 32.21 -4.12 -22.89
CA ALA B 81 33.63 -3.97 -22.59
C ALA B 81 34.04 -2.51 -22.65
N LEU B 82 34.51 -2.00 -21.51
CA LEU B 82 34.98 -0.63 -21.43
C LEU B 82 36.49 -0.77 -21.64
N ASP B 83 36.91 -0.50 -22.87
CA ASP B 83 38.30 -0.65 -23.26
C ASP B 83 38.99 0.58 -23.87
N ASP B 84 38.31 1.71 -23.91
CA ASP B 84 38.94 2.91 -24.46
C ASP B 84 39.36 3.81 -23.31
N LEU B 85 40.65 3.78 -23.00
CA LEU B 85 41.19 4.58 -21.90
C LEU B 85 41.04 6.08 -22.09
N ASP B 86 41.21 6.56 -23.32
CA ASP B 86 41.08 7.99 -23.57
C ASP B 86 39.65 8.48 -23.33
N LEU B 87 38.67 7.65 -23.69
CA LEU B 87 37.27 8.00 -23.50
C LEU B 87 36.94 8.00 -22.01
N ALA B 88 37.49 7.01 -21.30
CA ALA B 88 37.28 6.89 -19.85
C ALA B 88 37.76 8.19 -19.21
N ILE B 89 38.95 8.64 -19.62
CA ILE B 89 39.51 9.87 -19.08
C ILE B 89 38.62 11.07 -19.36
N ALA B 90 38.09 11.17 -20.57
CA ALA B 90 37.22 12.30 -20.91
C ALA B 90 35.90 12.22 -20.12
N GLU B 91 35.35 11.01 -20.03
CA GLU B 91 34.10 10.80 -19.32
C GLU B 91 34.26 11.09 -17.83
N VAL B 92 35.41 10.74 -17.27
CA VAL B 92 35.67 10.98 -15.85
C VAL B 92 35.87 12.47 -15.60
N LYS B 93 36.46 13.18 -16.56
CA LYS B 93 36.66 14.61 -16.38
C LYS B 93 35.33 15.34 -16.20
N GLN B 94 34.24 14.75 -16.69
CA GLN B 94 32.93 15.36 -16.54
C GLN B 94 32.53 15.36 -15.06
N PHE B 95 32.86 14.27 -14.37
CA PHE B 95 32.55 14.13 -12.96
C PHE B 95 33.36 15.18 -12.19
N ALA B 96 34.65 15.25 -12.49
CA ALA B 96 35.52 16.22 -11.84
C ALA B 96 35.01 17.63 -12.15
N ALA B 97 34.49 17.80 -13.36
CA ALA B 97 33.98 19.09 -13.79
C ALA B 97 32.85 19.61 -12.88
N VAL B 98 32.12 18.70 -12.24
CA VAL B 98 31.03 19.10 -11.36
C VAL B 98 31.36 18.91 -9.88
N GLY B 99 32.65 18.91 -9.55
CA GLY B 99 33.06 18.77 -8.16
C GLY B 99 33.52 17.39 -7.70
N GLY B 100 33.47 16.40 -8.59
CA GLY B 100 33.90 15.07 -8.21
C GLY B 100 35.36 15.04 -7.81
N ARG B 101 35.69 14.32 -6.75
CA ARG B 101 37.07 14.25 -6.29
C ARG B 101 37.60 12.82 -6.31
N SER B 102 36.73 11.87 -6.00
CA SER B 102 37.17 10.48 -5.95
C SER B 102 36.20 9.46 -6.56
N ILE B 103 36.78 8.37 -7.07
CA ILE B 103 35.99 7.27 -7.62
C ILE B 103 36.50 5.93 -7.10
N VAL B 104 35.58 5.06 -6.69
CA VAL B 104 35.92 3.74 -6.21
C VAL B 104 35.61 2.76 -7.32
N ASP B 105 36.65 2.09 -7.83
CA ASP B 105 36.47 1.13 -8.91
C ASP B 105 36.60 -0.28 -8.35
N PRO B 106 35.47 -0.99 -8.22
CA PRO B 106 35.46 -2.35 -7.69
C PRO B 106 35.71 -3.45 -8.71
N THR B 107 36.27 -3.10 -9.86
CA THR B 107 36.56 -4.10 -10.89
C THR B 107 37.59 -5.05 -10.29
N CYS B 108 37.27 -6.33 -10.21
CA CYS B 108 38.21 -7.28 -9.63
C CYS B 108 38.71 -8.35 -10.59
N ARG B 109 39.23 -9.45 -10.04
CA ARG B 109 39.76 -10.54 -10.83
C ARG B 109 38.67 -11.24 -11.62
N GLY B 110 38.90 -11.37 -12.93
CA GLY B 110 37.92 -12.02 -13.78
C GLY B 110 37.20 -11.03 -14.67
N ILE B 111 37.14 -9.76 -14.24
CA ILE B 111 36.46 -8.74 -15.03
C ILE B 111 37.32 -7.58 -15.54
N GLY B 112 38.64 -7.74 -15.51
CA GLY B 112 39.53 -6.72 -16.04
C GLY B 112 40.19 -5.66 -15.17
N ARG B 113 40.50 -5.99 -13.92
CA ARG B 113 41.15 -5.02 -13.04
C ARG B 113 42.54 -4.70 -13.58
N ASP B 114 42.88 -3.42 -13.67
CA ASP B 114 44.17 -3.00 -14.19
C ASP B 114 44.70 -1.74 -13.49
N PRO B 115 45.60 -1.90 -12.52
CA PRO B 115 46.16 -0.74 -11.79
C PRO B 115 46.93 0.24 -12.67
N VAL B 116 47.50 -0.26 -13.75
CA VAL B 116 48.26 0.61 -14.64
C VAL B 116 47.31 1.63 -15.28
N LYS B 117 46.20 1.15 -15.80
CA LYS B 117 45.21 2.00 -16.44
C LYS B 117 44.63 3.00 -15.44
N LEU B 118 44.24 2.50 -14.27
CA LEU B 118 43.68 3.35 -13.23
C LEU B 118 44.60 4.52 -12.89
N ARG B 119 45.90 4.25 -12.79
CA ARG B 119 46.85 5.31 -12.48
C ARG B 119 46.92 6.36 -13.59
N ARG B 120 46.83 5.93 -14.83
CA ARG B 120 46.87 6.88 -15.94
C ARG B 120 45.61 7.74 -15.86
N ILE B 121 44.49 7.11 -15.54
CA ILE B 121 43.23 7.83 -15.42
C ILE B 121 43.29 8.86 -14.28
N SER B 122 43.77 8.44 -13.12
CA SER B 122 43.86 9.33 -11.98
C SER B 122 44.86 10.45 -12.30
N ALA B 123 45.95 10.10 -12.97
CA ALA B 123 46.96 11.09 -13.31
C ALA B 123 46.44 12.16 -14.27
N GLU B 124 45.75 11.74 -15.33
CA GLU B 124 45.23 12.69 -16.31
C GLU B 124 43.94 13.42 -15.95
N THR B 125 43.16 12.88 -15.01
CA THR B 125 41.91 13.51 -14.62
C THR B 125 42.01 14.28 -13.32
N GLY B 126 42.97 13.90 -12.48
CA GLY B 126 43.13 14.58 -11.20
C GLY B 126 42.16 14.02 -10.18
N VAL B 127 41.42 13.00 -10.59
CA VAL B 127 40.44 12.36 -9.71
C VAL B 127 41.11 11.17 -9.01
N GLN B 128 40.93 11.10 -7.69
CA GLN B 128 41.51 10.02 -6.90
C GLN B 128 40.76 8.71 -7.14
N VAL B 129 41.50 7.64 -7.37
CA VAL B 129 40.91 6.32 -7.62
C VAL B 129 41.31 5.25 -6.61
N VAL B 130 40.29 4.59 -6.05
CA VAL B 130 40.48 3.51 -5.09
C VAL B 130 40.23 2.19 -5.83
N MSE B 131 41.13 1.23 -5.64
CA MSE B 131 41.04 -0.07 -6.31
C MSE B 131 40.56 -1.23 -5.45
O MSE B 131 40.96 -1.38 -4.28
CB MSE B 131 42.41 -0.42 -6.91
CG MSE B 131 42.51 -1.79 -7.58
SE MSE B 131 44.22 -1.94 -8.52
CE MSE B 131 45.36 -2.03 -6.93
N GLY B 132 39.67 -2.05 -6.02
CA GLY B 132 39.13 -3.19 -5.33
C GLY B 132 39.92 -4.47 -5.54
N ALA B 133 39.36 -5.59 -5.08
CA ALA B 133 40.03 -6.88 -5.20
C ALA B 133 39.08 -8.05 -4.94
N GLY B 134 39.61 -9.26 -5.09
CA GLY B 134 38.81 -10.45 -4.88
C GLY B 134 38.26 -11.03 -6.17
N TYR B 135 37.38 -12.02 -6.03
CA TYR B 135 36.77 -12.68 -7.17
C TYR B 135 35.31 -12.31 -7.36
N TYR B 136 34.87 -12.34 -8.61
CA TYR B 136 33.50 -11.99 -8.97
C TYR B 136 32.62 -13.24 -9.09
N LEU B 137 31.56 -13.14 -9.88
CA LEU B 137 30.65 -14.26 -10.06
C LEU B 137 31.36 -15.50 -10.64
N ALA B 138 30.82 -16.67 -10.30
CA ALA B 138 31.37 -17.94 -10.75
C ALA B 138 31.82 -17.99 -12.21
N SER B 139 30.89 -17.78 -13.13
CA SER B 139 31.20 -17.84 -14.57
C SER B 139 32.37 -16.95 -15.02
N SER B 140 32.80 -16.02 -14.18
CA SER B 140 33.90 -15.14 -14.55
C SER B 140 35.20 -15.55 -13.86
N MSE B 141 35.10 -16.44 -12.87
CA MSE B 141 36.26 -16.87 -12.12
C MSE B 141 37.31 -17.63 -12.92
O MSE B 141 37.00 -18.49 -13.74
CB MSE B 141 35.86 -17.71 -10.92
CG MSE B 141 35.17 -16.92 -9.83
SE MSE B 141 34.85 -18.04 -8.31
CE MSE B 141 33.82 -16.84 -7.20
N PRO B 142 38.59 -17.31 -12.68
CA PRO B 142 39.72 -17.96 -13.36
C PRO B 142 39.73 -19.46 -13.04
N GLU B 143 40.30 -20.24 -13.95
CA GLU B 143 40.40 -21.69 -13.77
C GLU B 143 41.18 -21.98 -12.49
N THR B 144 42.19 -21.15 -12.23
CA THR B 144 43.04 -21.29 -11.07
C THR B 144 42.32 -21.14 -9.73
N ALA B 145 41.25 -20.34 -9.70
CA ALA B 145 40.50 -20.10 -8.48
C ALA B 145 39.84 -21.37 -7.92
N ALA B 146 39.78 -22.41 -8.74
CA ALA B 146 39.17 -23.67 -8.32
C ALA B 146 40.03 -24.40 -7.30
N ARG B 147 41.34 -24.24 -7.42
CA ARG B 147 42.27 -24.89 -6.50
C ARG B 147 42.47 -24.10 -5.21
N LEU B 148 42.19 -22.80 -5.26
CA LEU B 148 42.36 -21.94 -4.10
C LEU B 148 41.35 -22.20 -3.00
N SER B 149 41.81 -22.15 -1.75
CA SER B 149 40.92 -22.36 -0.61
C SER B 149 40.45 -20.98 -0.18
N ALA B 150 39.53 -20.93 0.77
CA ALA B 150 39.04 -19.64 1.25
C ALA B 150 40.22 -18.86 1.84
N ASP B 151 41.10 -19.55 2.55
CA ASP B 151 42.25 -18.88 3.14
C ASP B 151 43.26 -18.41 2.11
N ASP B 152 43.42 -19.18 1.02
CA ASP B 152 44.36 -18.81 -0.03
C ASP B 152 43.86 -17.51 -0.69
N ILE B 153 42.55 -17.41 -0.84
CA ILE B 153 41.94 -16.22 -1.43
C ILE B 153 42.17 -15.04 -0.50
N ALA B 154 42.03 -15.27 0.80
CA ALA B 154 42.24 -14.22 1.78
C ALA B 154 43.70 -13.78 1.69
N ASP B 155 44.61 -14.75 1.57
CA ASP B 155 46.04 -14.45 1.47
C ASP B 155 46.33 -13.57 0.25
N GLU B 156 45.68 -13.84 -0.88
CA GLU B 156 45.91 -13.05 -2.08
C GLU B 156 45.50 -11.60 -1.84
N ILE B 157 44.36 -11.42 -1.20
CA ILE B 157 43.83 -10.10 -0.92
C ILE B 157 44.73 -9.34 0.06
N VAL B 158 45.22 -10.03 1.08
CA VAL B 158 46.11 -9.41 2.06
C VAL B 158 47.39 -8.91 1.38
N ALA B 159 47.89 -9.70 0.44
CA ALA B 159 49.12 -9.35 -0.28
C ALA B 159 48.95 -8.09 -1.13
N GLU B 160 47.75 -7.89 -1.68
CA GLU B 160 47.49 -6.72 -2.51
C GLU B 160 47.25 -5.48 -1.66
N ALA B 161 46.88 -5.68 -0.41
CA ALA B 161 46.64 -4.58 0.51
C ALA B 161 47.95 -4.11 1.14
N LEU B 162 48.90 -5.01 1.32
CA LEU B 162 50.16 -4.66 1.96
C LEU B 162 51.38 -4.49 1.05
N GLU B 163 51.45 -5.27 -0.02
CA GLU B 163 52.58 -5.21 -0.94
C GLU B 163 52.33 -4.51 -2.27
N GLY B 164 51.48 -5.12 -3.09
CA GLY B 164 51.17 -4.55 -4.38
C GLY B 164 50.20 -5.42 -5.14
N THR B 165 49.80 -4.98 -6.33
CA THR B 165 48.84 -5.74 -7.13
C THR B 165 49.23 -5.89 -8.59
N ASP B 166 48.94 -7.06 -9.14
CA ASP B 166 49.22 -7.37 -10.53
C ASP B 166 50.61 -6.94 -11.01
N GLY B 167 51.63 -7.26 -10.23
CA GLY B 167 52.98 -6.90 -10.62
C GLY B 167 53.41 -5.48 -10.34
N THR B 168 52.51 -4.66 -9.81
CA THR B 168 52.82 -3.28 -9.49
C THR B 168 52.87 -3.09 -7.97
N ASP B 169 53.20 -1.87 -7.53
CA ASP B 169 53.25 -1.58 -6.10
C ASP B 169 51.99 -0.85 -5.67
N ALA B 170 51.00 -0.83 -6.55
CA ALA B 170 49.73 -0.19 -6.25
C ALA B 170 49.01 -1.14 -5.29
N ARG B 171 48.48 -0.60 -4.20
CA ARG B 171 47.78 -1.42 -3.24
C ARG B 171 46.28 -1.13 -3.24
N ILE B 172 45.49 -2.13 -2.84
CA ILE B 172 44.03 -1.97 -2.82
C ILE B 172 43.58 -1.17 -1.63
N GLY B 173 42.41 -0.53 -1.77
CA GLY B 173 41.88 0.30 -0.70
C GLY B 173 40.52 -0.19 -0.26
N LEU B 174 40.03 -1.20 -0.97
CA LEU B 174 38.74 -1.80 -0.67
C LEU B 174 38.82 -3.24 -1.12
N ILE B 175 38.07 -4.10 -0.45
CA ILE B 175 38.06 -5.51 -0.80
C ILE B 175 36.82 -5.74 -1.62
N GLY B 176 36.91 -5.79 -2.95
CA GLY B 176 35.64 -6.04 -3.58
C GLY B 176 34.99 -5.82 -4.92
N GLU B 177 33.72 -6.18 -4.79
CA GLU B 177 32.68 -6.28 -5.78
C GLU B 177 32.83 -7.79 -5.79
N ILE B 178 32.62 -8.41 -4.62
CA ILE B 178 32.73 -9.85 -4.51
C ILE B 178 31.46 -10.45 -5.09
N GLY B 179 31.62 -11.38 -6.02
CA GLY B 179 30.46 -11.98 -6.67
C GLY B 179 29.60 -12.98 -5.92
N VAL B 180 28.31 -12.70 -5.87
CA VAL B 180 27.33 -13.58 -5.26
C VAL B 180 26.15 -13.62 -6.24
N SER B 181 25.91 -14.78 -6.85
CA SER B 181 24.82 -14.91 -7.81
C SER B 181 23.55 -15.35 -7.11
N SER B 182 22.44 -15.37 -7.85
CA SER B 182 21.17 -15.80 -7.27
C SER B 182 21.25 -17.26 -6.86
N ASP B 183 22.24 -17.98 -7.39
CA ASP B 183 22.44 -19.39 -7.06
C ASP B 183 23.33 -19.54 -5.83
N PHE B 184 24.15 -18.52 -5.56
CA PHE B 184 25.05 -18.52 -4.42
C PHE B 184 25.78 -19.85 -4.36
N THR B 185 26.56 -20.14 -5.40
CA THR B 185 27.29 -21.40 -5.48
C THR B 185 28.33 -21.57 -4.39
N ALA B 186 28.78 -22.81 -4.20
CA ALA B 186 29.77 -23.13 -3.20
C ALA B 186 31.04 -22.33 -3.45
N GLU B 187 31.37 -22.12 -4.72
CA GLU B 187 32.57 -21.38 -5.09
C GLU B 187 32.43 -19.92 -4.67
N GLU B 188 31.25 -19.35 -4.90
CA GLU B 188 31.01 -17.96 -4.54
C GLU B 188 31.03 -17.80 -3.02
N GLU B 189 30.55 -18.82 -2.32
CA GLU B 189 30.52 -18.81 -0.86
C GLU B 189 31.95 -18.84 -0.34
N LYS B 190 32.78 -19.68 -0.96
CA LYS B 190 34.19 -19.80 -0.57
C LYS B 190 34.86 -18.46 -0.83
N SER B 191 34.55 -17.88 -1.97
CA SER B 191 35.10 -16.59 -2.35
C SER B 191 34.76 -15.53 -1.29
N LEU B 192 33.48 -15.48 -0.92
CA LEU B 192 33.01 -14.51 0.07
C LEU B 192 33.62 -14.74 1.45
N ARG B 193 33.80 -16.00 1.82
CA ARG B 193 34.40 -16.32 3.12
C ARG B 193 35.85 -15.85 3.15
N GLY B 194 36.56 -16.05 2.05
CA GLY B 194 37.95 -15.61 1.97
C GLY B 194 38.03 -14.09 2.03
N ALA B 195 37.05 -13.45 1.40
CA ALA B 195 37.02 -11.99 1.40
C ALA B 195 36.74 -11.46 2.82
N ALA B 196 35.82 -12.10 3.53
CA ALA B 196 35.49 -11.67 4.88
C ALA B 196 36.69 -11.88 5.81
N ARG B 197 37.42 -12.97 5.60
CA ARG B 197 38.60 -13.22 6.43
C ARG B 197 39.64 -12.16 6.12
N ALA B 198 39.68 -11.73 4.86
CA ALA B 198 40.62 -10.70 4.46
C ALA B 198 40.19 -9.38 5.08
N GLN B 199 38.88 -9.22 5.29
CA GLN B 199 38.37 -7.99 5.88
C GLN B 199 38.89 -7.90 7.32
N VAL B 200 38.85 -9.02 8.02
CA VAL B 200 39.32 -9.06 9.41
C VAL B 200 40.83 -8.82 9.47
N ARG B 201 41.58 -9.49 8.60
CA ARG B 201 43.03 -9.35 8.60
C ARG B 201 43.56 -8.00 8.14
N THR B 202 42.99 -7.42 7.09
CA THR B 202 43.47 -6.13 6.58
C THR B 202 42.76 -4.90 7.18
N GLY B 203 41.53 -5.09 7.65
CA GLY B 203 40.80 -3.98 8.23
C GLY B 203 40.24 -3.05 7.16
N LEU B 204 40.25 -3.52 5.91
CA LEU B 204 39.72 -2.72 4.79
C LEU B 204 38.24 -2.97 4.60
N PRO B 205 37.54 -2.00 3.97
CA PRO B 205 36.09 -2.14 3.74
C PRO B 205 35.81 -3.34 2.83
N LEU B 206 34.62 -3.89 2.93
CA LEU B 206 34.21 -5.04 2.14
C LEU B 206 32.96 -4.68 1.32
N MSE B 207 33.02 -4.94 0.02
CA MSE B 207 31.91 -4.63 -0.87
C MSE B 207 31.44 -5.92 -1.54
O MSE B 207 32.24 -6.65 -2.13
CB MSE B 207 32.37 -3.62 -1.92
CG MSE B 207 31.27 -3.18 -2.88
SE MSE B 207 31.89 -1.84 -4.09
CE MSE B 207 31.88 -0.33 -2.88
N VAL B 208 30.15 -6.19 -1.44
CA VAL B 208 29.58 -7.39 -2.01
C VAL B 208 28.52 -7.17 -3.07
N HIS B 209 28.71 -7.81 -4.22
CA HIS B 209 27.78 -7.74 -5.33
C HIS B 209 26.59 -8.64 -4.99
N LEU B 210 25.39 -8.08 -5.10
CA LEU B 210 24.15 -8.82 -4.83
C LEU B 210 23.38 -8.98 -6.12
N PRO B 211 22.80 -10.06 -6.22
CA PRO B 211 21.75 -10.20 -7.23
C PRO B 211 20.47 -9.45 -6.85
N GLY B 212 20.58 -8.18 -7.14
CA GLY B 212 19.53 -7.23 -6.74
C GLY B 212 18.05 -7.60 -6.78
N TRP B 213 17.74 -8.43 -7.83
CA TRP B 213 16.32 -8.74 -8.01
C TRP B 213 15.97 -9.93 -7.14
N PHE B 214 16.90 -10.37 -6.29
CA PHE B 214 16.60 -11.47 -5.37
C PHE B 214 16.72 -10.90 -3.95
N ARG B 215 16.64 -11.75 -2.92
CA ARG B 215 16.74 -11.27 -1.54
C ARG B 215 17.71 -12.11 -0.72
N LEU B 216 18.97 -12.16 -1.15
CA LEU B 216 20.00 -12.95 -0.47
C LEU B 216 20.89 -12.14 0.49
N ALA B 217 20.61 -10.85 0.62
CA ALA B 217 21.41 -9.97 1.48
C ALA B 217 21.59 -10.42 2.93
N HIS B 218 20.53 -10.87 3.58
CA HIS B 218 20.65 -11.30 4.97
C HIS B 218 21.53 -12.55 5.09
N ARG B 219 21.47 -13.44 4.10
CA ARG B 219 22.29 -14.64 4.13
C ARG B 219 23.75 -14.21 3.92
N VAL B 220 23.96 -13.20 3.09
CA VAL B 220 25.29 -12.68 2.82
C VAL B 220 25.88 -12.10 4.10
N LEU B 221 25.10 -11.27 4.80
CA LEU B 221 25.57 -10.66 6.04
C LEU B 221 25.79 -11.71 7.13
N ASP B 222 24.96 -12.76 7.13
CA ASP B 222 25.10 -13.83 8.11
C ASP B 222 26.49 -14.46 7.95
N LEU B 223 26.90 -14.66 6.71
CA LEU B 223 28.20 -15.26 6.42
C LEU B 223 29.34 -14.31 6.78
N VAL B 224 29.22 -13.06 6.38
CA VAL B 224 30.25 -12.09 6.71
C VAL B 224 30.38 -11.99 8.23
N GLU B 225 29.25 -12.09 8.92
CA GLU B 225 29.22 -12.00 10.38
C GLU B 225 29.89 -13.19 11.05
N GLU B 226 29.55 -14.41 10.63
CA GLU B 226 30.14 -15.60 11.25
C GLU B 226 31.63 -15.75 10.94
N GLU B 227 32.13 -14.97 9.98
CA GLU B 227 33.54 -15.03 9.65
C GLU B 227 34.27 -13.97 10.45
N GLY B 228 33.53 -13.27 11.31
CA GLY B 228 34.12 -12.24 12.14
C GLY B 228 34.35 -10.89 11.48
N ALA B 229 33.80 -10.71 10.28
CA ALA B 229 33.97 -9.43 9.58
C ALA B 229 33.07 -8.34 10.14
N ASP B 230 33.43 -7.10 9.86
CA ASP B 230 32.73 -5.90 10.34
C ASP B 230 31.56 -5.47 9.44
N LEU B 231 30.33 -5.79 9.84
CA LEU B 231 29.18 -5.41 9.04
C LEU B 231 29.08 -3.90 8.84
N ARG B 232 29.62 -3.14 9.79
CA ARG B 232 29.59 -1.68 9.74
C ARG B 232 30.40 -1.10 8.57
N HIS B 233 31.29 -1.90 8.00
CA HIS B 233 32.09 -1.45 6.87
C HIS B 233 31.95 -2.44 5.71
N THR B 234 30.76 -3.01 5.62
CA THR B 234 30.39 -3.94 4.55
C THR B 234 29.36 -3.20 3.70
N VAL B 235 29.57 -3.18 2.39
CA VAL B 235 28.68 -2.50 1.46
C VAL B 235 27.93 -3.51 0.61
N LEU B 236 26.60 -3.43 0.64
CA LEU B 236 25.76 -4.33 -0.16
C LEU B 236 25.40 -3.61 -1.45
N CYS B 237 25.91 -4.11 -2.58
CA CYS B 237 25.67 -3.51 -3.89
C CYS B 237 24.35 -3.83 -4.53
N HIS B 238 23.96 -2.96 -5.47
CA HIS B 238 22.73 -3.15 -6.25
C HIS B 238 21.44 -3.26 -5.46
N MSE B 239 21.21 -2.28 -4.59
CA MSE B 239 20.00 -2.28 -3.79
C MSE B 239 18.78 -1.76 -4.55
O MSE B 239 17.65 -2.05 -4.19
CB MSE B 239 20.22 -1.44 -2.53
CG MSE B 239 21.26 -2.06 -1.59
SE MSE B 239 20.85 -3.89 -1.09
CE MSE B 239 19.17 -3.54 -0.20
N ASN B 240 19.03 -0.99 -5.61
CA ASN B 240 17.97 -0.39 -6.41
C ASN B 240 16.74 -1.27 -6.70
N PRO B 241 16.95 -2.49 -7.20
CA PRO B 241 15.83 -3.39 -7.51
C PRO B 241 14.92 -3.81 -6.36
N SER B 242 15.38 -3.67 -5.12
CA SER B 242 14.57 -4.06 -3.97
C SER B 242 13.94 -2.85 -3.28
N HIS B 243 13.84 -1.76 -4.02
CA HIS B 243 13.25 -0.51 -3.51
C HIS B 243 11.83 -0.70 -2.97
N MSE B 244 11.11 -1.70 -3.50
CA MSE B 244 9.74 -1.96 -3.09
C MSE B 244 9.61 -2.90 -1.91
O MSE B 244 8.52 -3.37 -1.59
CB MSE B 244 8.92 -2.53 -4.27
CG MSE B 244 9.72 -2.94 -5.50
SE MSE B 244 10.99 -4.42 -5.24
CE MSE B 244 9.77 -5.96 -5.52
N ASP B 245 10.74 -3.18 -1.25
CA ASP B 245 10.76 -4.07 -0.10
C ASP B 245 11.43 -3.30 1.04
N PRO B 246 10.76 -2.28 1.59
CA PRO B 246 11.31 -1.47 2.69
C PRO B 246 11.74 -2.22 3.95
N VAL B 247 11.02 -3.29 4.29
CA VAL B 247 11.38 -4.06 5.47
C VAL B 247 12.76 -4.69 5.23
N TYR B 248 12.91 -5.34 4.08
CA TYR B 248 14.16 -5.97 3.70
C TYR B 248 15.30 -4.96 3.75
N GLN B 249 15.15 -3.84 3.06
CA GLN B 249 16.20 -2.84 3.04
C GLN B 249 16.52 -2.23 4.41
N ALA B 250 15.49 -1.88 5.16
CA ALA B 250 15.69 -1.28 6.49
C ALA B 250 16.35 -2.24 7.46
N THR B 251 15.95 -3.51 7.43
CA THR B 251 16.53 -4.48 8.35
C THR B 251 17.99 -4.74 8.06
N LEU B 252 18.38 -4.57 6.80
CA LEU B 252 19.78 -4.75 6.40
C LEU B 252 20.55 -3.55 6.92
N ALA B 253 19.97 -2.37 6.80
CA ALA B 253 20.61 -1.16 7.27
C ALA B 253 20.80 -1.23 8.78
N GLN B 254 19.77 -1.74 9.47
CA GLN B 254 19.80 -1.86 10.92
C GLN B 254 20.94 -2.78 11.38
N ARG B 255 21.25 -3.80 10.60
CA ARG B 255 22.34 -4.69 10.96
C ARG B 255 23.67 -3.94 10.86
N GLY B 256 23.66 -2.82 10.14
CA GLY B 256 24.87 -2.01 10.02
C GLY B 256 25.49 -1.86 8.65
N ALA B 257 25.06 -2.66 7.69
CA ALA B 257 25.62 -2.62 6.35
C ALA B 257 25.17 -1.39 5.56
N PHE B 258 26.05 -0.96 4.65
CA PHE B 258 25.73 0.15 3.78
C PHE B 258 24.82 -0.41 2.70
N LEU B 259 23.83 0.38 2.28
CA LEU B 259 22.92 -0.04 1.22
C LEU B 259 23.32 0.81 0.03
N GLU B 260 23.91 0.17 -0.97
CA GLU B 260 24.39 0.90 -2.12
C GLU B 260 23.44 0.94 -3.31
N PHE B 261 22.88 2.12 -3.58
CA PHE B 261 22.00 2.31 -4.72
C PHE B 261 22.93 2.79 -5.83
N ASP B 262 23.69 1.84 -6.36
CA ASP B 262 24.67 2.07 -7.41
C ASP B 262 24.13 1.95 -8.83
N MSE B 263 22.81 1.92 -8.98
CA MSE B 263 22.23 1.79 -10.32
C MSE B 263 21.46 3.02 -10.78
O MSE B 263 20.63 2.95 -11.69
CB MSE B 263 21.35 0.55 -10.38
CG MSE B 263 22.17 -0.74 -10.28
SE MSE B 263 21.23 -2.35 -9.76
CE MSE B 263 19.90 -2.39 -11.19
N ILE B 264 21.76 4.15 -10.15
CA ILE B 264 21.12 5.41 -10.48
C ILE B 264 21.32 5.73 -11.96
N GLY B 265 20.21 5.96 -12.66
CA GLY B 265 20.31 6.28 -14.07
C GLY B 265 20.16 5.09 -14.99
N MSE B 266 20.36 3.88 -14.43
CA MSE B 266 20.24 2.65 -15.21
C MSE B 266 18.79 2.23 -15.31
O MSE B 266 18.17 1.87 -14.32
CB MSE B 266 21.05 1.50 -14.56
CG MSE B 266 20.87 0.10 -15.20
SE MSE B 266 22.07 -1.12 -14.32
CE MSE B 266 20.98 -2.74 -13.96
N ASP B 267 18.27 2.27 -16.53
CA ASP B 267 16.87 1.91 -16.76
C ASP B 267 16.70 0.82 -17.82
N PHE B 268 17.69 -0.04 -17.96
CA PHE B 268 17.62 -1.11 -18.95
C PHE B 268 16.74 -2.28 -18.52
N PHE B 269 16.36 -3.09 -19.50
CA PHE B 269 15.60 -4.31 -19.26
C PHE B 269 16.58 -5.41 -19.65
N TYR B 270 16.92 -6.28 -18.72
CA TYR B 270 17.86 -7.36 -19.01
C TYR B 270 17.15 -8.60 -19.52
N ALA B 271 17.03 -8.69 -20.85
CA ALA B 271 16.35 -9.79 -21.52
C ALA B 271 16.75 -11.16 -20.98
N ASP B 272 18.05 -11.34 -20.75
CA ASP B 272 18.59 -12.59 -20.23
C ASP B 272 17.92 -13.04 -18.92
N GLN B 273 17.94 -12.14 -17.95
CA GLN B 273 17.37 -12.40 -16.63
C GLN B 273 15.87 -12.15 -16.60
N GLY B 274 15.39 -11.32 -17.52
CA GLY B 274 13.98 -11.00 -17.56
C GLY B 274 13.65 -10.04 -16.44
N VAL B 275 14.61 -9.20 -16.08
CA VAL B 275 14.43 -8.23 -15.01
C VAL B 275 14.53 -6.79 -15.50
N GLN B 276 13.79 -5.91 -14.84
CA GLN B 276 13.76 -4.51 -15.21
C GLN B 276 14.35 -3.60 -14.14
N CYS B 277 15.24 -2.71 -14.55
CA CYS B 277 15.84 -1.75 -13.62
C CYS B 277 14.78 -0.75 -13.24
N PRO B 278 14.66 -0.44 -11.94
CA PRO B 278 13.67 0.52 -11.44
C PRO B 278 14.01 1.94 -11.87
N SER B 279 13.03 2.84 -11.76
CA SER B 279 13.20 4.24 -12.13
C SER B 279 13.87 5.02 -11.01
N ASP B 280 14.49 6.15 -11.34
CA ASP B 280 15.13 6.95 -10.31
C ASP B 280 14.13 7.50 -9.30
N ASP B 281 12.89 7.71 -9.73
CA ASP B 281 11.87 8.20 -8.81
C ASP B 281 11.54 7.12 -7.78
N GLU B 282 11.43 5.87 -8.23
CA GLU B 282 11.13 4.77 -7.30
C GLU B 282 12.27 4.63 -6.29
N VAL B 283 13.50 4.77 -6.75
CA VAL B 283 14.66 4.67 -5.88
C VAL B 283 14.71 5.86 -4.92
N ALA B 284 14.43 7.05 -5.43
CA ALA B 284 14.44 8.25 -4.60
C ALA B 284 13.48 8.03 -3.43
N ARG B 285 12.28 7.53 -3.72
CA ARG B 285 11.30 7.30 -2.67
C ARG B 285 11.79 6.29 -1.65
N ALA B 286 12.46 5.23 -2.11
CA ALA B 286 12.98 4.22 -1.21
C ALA B 286 14.04 4.83 -0.30
N ILE B 287 14.84 5.72 -0.87
CA ILE B 287 15.89 6.40 -0.13
C ILE B 287 15.27 7.32 0.92
N LEU B 288 14.22 8.04 0.53
CA LEU B 288 13.53 8.93 1.46
C LEU B 288 13.03 8.13 2.65
N GLY B 289 12.42 6.99 2.36
CA GLY B 289 11.90 6.12 3.40
C GLY B 289 13.01 5.64 4.32
N LEU B 290 14.10 5.14 3.74
CA LEU B 290 15.20 4.67 4.56
C LEU B 290 15.64 5.80 5.49
N ALA B 291 15.71 7.01 4.96
CA ALA B 291 16.11 8.17 5.77
C ALA B 291 15.09 8.43 6.88
N ASP B 292 13.81 8.40 6.52
CA ASP B 292 12.72 8.61 7.47
C ASP B 292 12.84 7.66 8.65
N HIS B 293 13.42 6.49 8.41
CA HIS B 293 13.57 5.52 9.48
C HIS B 293 14.91 5.62 10.22
N GLY B 294 15.69 6.63 9.88
CA GLY B 294 16.97 6.84 10.56
C GLY B 294 18.18 6.11 10.00
N TYR B 295 18.14 5.72 8.73
CA TYR B 295 19.26 5.01 8.14
C TYR B 295 20.00 5.78 7.05
N LEU B 296 19.92 7.11 7.10
CA LEU B 296 20.57 7.95 6.10
C LEU B 296 22.08 7.73 6.03
N ASP B 297 22.73 7.51 7.16
CA ASP B 297 24.18 7.33 7.14
C ASP B 297 24.64 6.01 6.56
N ARG B 298 23.70 5.19 6.09
CA ARG B 298 24.05 3.90 5.53
C ARG B 298 23.78 3.87 4.01
N ILE B 299 23.31 4.99 3.48
CA ILE B 299 22.98 5.07 2.05
C ILE B 299 24.11 5.56 1.14
N LEU B 300 24.38 4.78 0.09
CA LEU B 300 25.42 5.11 -0.89
C LEU B 300 24.80 5.19 -2.28
N LEU B 301 25.35 6.06 -3.13
CA LEU B 301 24.84 6.29 -4.48
C LEU B 301 25.92 6.22 -5.55
N SER B 302 25.61 5.61 -6.69
CA SER B 302 26.57 5.53 -7.80
C SER B 302 25.84 5.08 -9.07
N HIS B 303 26.55 4.98 -10.20
CA HIS B 303 25.91 4.54 -11.45
C HIS B 303 26.22 3.11 -11.88
N ASP B 304 27.34 2.57 -11.40
CA ASP B 304 27.78 1.25 -11.80
C ASP B 304 27.95 1.21 -13.33
N VAL B 305 28.60 2.23 -13.87
CA VAL B 305 28.89 2.27 -15.29
C VAL B 305 29.70 1.01 -15.55
N PHE B 306 29.22 0.15 -16.45
CA PHE B 306 29.94 -1.09 -16.73
C PHE B 306 29.88 -1.54 -18.18
N VAL B 307 29.28 -0.73 -19.05
CA VAL B 307 29.19 -1.01 -20.48
C VAL B 307 29.27 0.31 -21.24
N LYS B 308 29.75 0.26 -22.48
CA LYS B 308 29.89 1.46 -23.29
C LYS B 308 28.65 2.35 -23.38
N MSE B 309 27.47 1.74 -23.54
CA MSE B 309 26.26 2.52 -23.70
C MSE B 309 25.88 3.37 -22.49
O MSE B 309 24.96 4.17 -22.58
CB MSE B 309 25.07 1.64 -24.12
CG MSE B 309 24.50 0.72 -23.07
SE MSE B 309 23.04 -0.34 -23.85
CE MSE B 309 21.59 1.01 -23.79
N MSE B 310 26.60 3.22 -21.38
CA MSE B 310 26.29 4.02 -20.22
C MSE B 310 27.16 5.28 -20.19
O MSE B 310 27.01 6.11 -19.29
CB MSE B 310 26.49 3.20 -18.94
CG MSE B 310 25.45 2.10 -18.76
SE MSE B 310 25.73 1.01 -17.18
CE MSE B 310 25.18 2.32 -15.82
N LEU B 311 28.04 5.41 -21.16
CA LEU B 311 28.90 6.59 -21.28
C LEU B 311 28.17 7.62 -22.13
N THR B 312 28.37 8.91 -21.85
CA THR B 312 27.69 9.95 -22.60
C THR B 312 28.04 9.89 -24.10
N ARG B 313 29.28 9.50 -24.39
CA ARG B 313 29.73 9.37 -25.76
C ARG B 313 28.82 8.45 -26.57
N TYR B 314 28.20 7.48 -25.90
CA TYR B 314 27.32 6.54 -26.58
C TYR B 314 25.85 6.75 -26.26
N GLY B 315 25.50 7.97 -25.85
CA GLY B 315 24.11 8.28 -25.54
C GLY B 315 23.69 7.99 -24.11
N GLY B 316 24.66 7.58 -23.29
CA GLY B 316 24.36 7.26 -21.89
C GLY B 316 24.50 8.43 -20.93
N ASN B 317 24.41 8.14 -19.64
CA ASN B 317 24.46 9.17 -18.60
C ASN B 317 25.86 9.58 -18.12
N GLY B 318 26.85 8.70 -18.30
CA GLY B 318 28.20 9.03 -17.88
C GLY B 318 28.41 8.93 -16.37
N TYR B 319 29.46 9.59 -15.89
CA TYR B 319 29.82 9.57 -14.46
C TYR B 319 29.38 10.81 -13.69
N ALA B 320 28.79 11.79 -14.37
CA ALA B 320 28.37 13.01 -13.68
C ALA B 320 26.86 13.12 -13.49
N PHE B 321 26.15 12.05 -13.84
CA PHE B 321 24.70 12.02 -13.76
C PHE B 321 24.16 12.09 -12.32
N VAL B 322 24.70 11.27 -11.44
CA VAL B 322 24.23 11.29 -10.05
C VAL B 322 24.32 12.70 -9.47
N THR B 323 25.48 13.32 -9.65
CA THR B 323 25.73 14.66 -9.14
C THR B 323 24.90 15.77 -9.80
N LYS B 324 24.81 15.73 -11.11
CA LYS B 324 24.10 16.76 -11.86
C LYS B 324 22.59 16.59 -11.94
N HIS B 325 22.13 15.35 -11.97
CA HIS B 325 20.70 15.12 -12.12
C HIS B 325 19.98 14.41 -10.98
N PHE B 326 20.59 13.40 -10.39
CA PHE B 326 19.91 12.71 -9.31
C PHE B 326 19.81 13.53 -8.01
N LEU B 327 20.88 14.20 -7.62
CA LEU B 327 20.83 14.99 -6.40
C LEU B 327 19.63 15.96 -6.47
N PRO B 328 19.48 16.69 -7.59
CA PRO B 328 18.34 17.61 -7.71
C PRO B 328 17.00 16.87 -7.57
N ARG B 329 16.94 15.63 -8.05
CA ARG B 329 15.73 14.82 -7.96
C ARG B 329 15.45 14.49 -6.48
N LEU B 330 16.51 14.16 -5.74
CA LEU B 330 16.38 13.85 -4.32
C LEU B 330 15.89 15.09 -3.58
N ARG B 331 16.27 16.26 -4.08
CA ARG B 331 15.84 17.50 -3.47
C ARG B 331 14.34 17.67 -3.74
N ARG B 332 13.92 17.40 -4.97
CA ARG B 332 12.51 17.52 -5.32
C ARG B 332 11.68 16.59 -4.44
N HIS B 333 12.30 15.51 -4.00
CA HIS B 333 11.61 14.54 -3.14
C HIS B 333 11.60 14.92 -1.66
N GLY B 334 12.39 15.93 -1.28
CA GLY B 334 12.37 16.34 0.11
C GLY B 334 13.70 16.41 0.87
N LEU B 335 14.79 15.95 0.25
CA LEU B 335 16.08 15.99 0.93
C LEU B 335 16.75 17.36 0.81
N ASP B 336 17.35 17.83 1.90
CA ASP B 336 18.03 19.12 1.87
C ASP B 336 19.49 18.94 1.51
N ASP B 337 20.19 20.05 1.29
CA ASP B 337 21.60 20.02 0.91
C ASP B 337 22.47 19.26 1.90
N ALA B 338 22.12 19.31 3.19
CA ALA B 338 22.88 18.62 4.22
C ALA B 338 22.83 17.12 3.96
N ALA B 339 21.64 16.65 3.61
CA ALA B 339 21.44 15.24 3.32
C ALA B 339 22.21 14.84 2.06
N LEU B 340 22.23 15.73 1.06
CA LEU B 340 22.93 15.45 -0.18
C LEU B 340 24.44 15.40 0.09
N GLU B 341 24.90 16.27 0.98
CA GLU B 341 26.30 16.33 1.35
C GLU B 341 26.66 15.03 2.07
N THR B 342 25.74 14.55 2.91
CA THR B 342 25.94 13.31 3.66
C THR B 342 26.06 12.11 2.72
N LEU B 343 25.22 12.09 1.69
CA LEU B 343 25.22 11.01 0.73
C LEU B 343 26.47 10.92 -0.14
N MSE B 344 26.96 12.06 -0.63
CA MSE B 344 28.12 12.08 -1.51
C MSE B 344 29.50 12.28 -0.88
O MSE B 344 30.51 12.06 -1.56
CB MSE B 344 27.94 13.15 -2.58
CG MSE B 344 26.68 12.97 -3.42
SE MSE B 344 26.51 11.22 -4.24
CE MSE B 344 27.97 11.39 -5.50
N VAL B 345 29.54 12.68 0.38
CA VAL B 345 30.83 12.92 1.03
C VAL B 345 30.96 12.19 2.36
N THR B 346 30.08 12.53 3.30
CA THR B 346 30.15 11.92 4.62
C THR B 346 30.00 10.40 4.61
N ASN B 347 28.99 9.87 3.92
CA ASN B 347 28.83 8.43 3.92
C ASN B 347 30.00 7.71 3.25
N PRO B 348 30.47 8.19 2.09
CA PRO B 348 31.60 7.50 1.47
C PRO B 348 32.79 7.46 2.45
N ARG B 349 33.03 8.57 3.14
CA ARG B 349 34.11 8.63 4.12
C ARG B 349 33.83 7.61 5.23
N ARG B 350 32.57 7.52 5.65
CA ARG B 350 32.19 6.57 6.70
C ARG B 350 32.55 5.14 6.29
N VAL B 351 32.46 4.84 5.00
CA VAL B 351 32.79 3.50 4.53
C VAL B 351 34.24 3.15 4.88
N PHE B 352 35.13 4.13 4.69
CA PHE B 352 36.55 3.94 4.91
C PHE B 352 37.07 4.37 6.28
N ASP B 353 36.25 5.11 7.03
CA ASP B 353 36.70 5.63 8.31
C ASP B 353 35.71 5.39 9.44
N ALA B 354 36.07 4.48 10.34
CA ALA B 354 35.20 4.16 11.47
C ALA B 354 35.10 5.29 12.51
N SER B 355 36.00 6.27 12.44
CA SER B 355 35.97 7.36 13.42
C SER B 355 34.89 8.39 13.14
N ILE B 356 34.28 8.31 11.96
CA ILE B 356 33.23 9.26 11.62
C ILE B 356 31.97 8.92 12.40
N GLU B 357 31.46 9.91 13.13
CA GLU B 357 30.26 9.72 13.94
C GLU B 357 29.08 9.39 13.04
N GLY B 358 28.15 8.59 13.55
CA GLY B 358 26.98 8.24 12.77
C GLY B 358 25.87 9.26 12.92
N HIS B 359 24.64 8.81 12.79
CA HIS B 359 23.46 9.68 12.93
C HIS B 359 23.45 10.77 11.87
N SER C 2 32.27 -8.12 44.46
CA SER C 2 32.91 -9.09 43.52
C SER C 2 32.17 -10.42 43.52
N LEU C 3 31.02 -10.44 44.18
CA LEU C 3 30.20 -11.64 44.22
C LEU C 3 29.25 -11.60 43.03
N SER C 4 28.93 -12.77 42.49
CA SER C 4 28.01 -12.84 41.37
C SER C 4 26.62 -12.53 41.92
N GLU C 5 25.80 -11.85 41.13
CA GLU C 5 24.45 -11.53 41.58
C GLU C 5 23.43 -12.18 40.66
N LEU C 6 23.90 -13.12 39.85
CA LEU C 6 23.02 -13.80 38.93
C LEU C 6 21.97 -14.61 39.67
N SER C 7 20.76 -14.57 39.13
CA SER C 7 19.66 -15.31 39.71
C SER C 7 19.93 -16.79 39.48
N PRO C 8 19.49 -17.66 40.40
CA PRO C 8 19.76 -19.08 40.16
C PRO C 8 19.04 -19.50 38.87
N CYS C 9 18.13 -18.65 38.42
CA CYS C 9 17.38 -18.92 37.20
C CYS C 9 17.65 -17.87 36.13
N HIS C 10 18.92 -17.50 35.97
CA HIS C 10 19.29 -16.53 34.95
C HIS C 10 19.15 -17.18 33.58
N VAL C 11 19.19 -16.40 32.51
CA VAL C 11 19.00 -16.94 31.17
C VAL C 11 19.96 -18.01 30.67
N ARG C 12 21.09 -18.22 31.36
CA ARG C 12 22.04 -19.26 30.94
C ARG C 12 22.08 -20.43 31.92
N SER C 13 21.06 -20.50 32.78
CA SER C 13 20.98 -21.55 33.79
C SER C 13 20.16 -22.74 33.30
N GLY C 14 19.24 -22.48 32.38
CA GLY C 14 18.39 -23.54 31.87
C GLY C 14 17.17 -23.74 32.76
N ARG C 15 17.02 -22.84 33.74
CA ARG C 15 15.89 -22.90 34.68
C ARG C 15 15.11 -21.58 34.67
N ILE C 16 13.92 -21.60 35.27
CA ILE C 16 13.06 -20.42 35.35
C ILE C 16 12.52 -20.29 36.78
N MSE C 17 12.59 -19.09 37.35
CA MSE C 17 12.10 -18.86 38.70
C MSE C 17 10.61 -18.53 38.75
O MSE C 17 10.18 -17.48 38.28
CB MSE C 17 12.89 -17.73 39.36
CG MSE C 17 12.57 -17.50 40.85
SE MSE C 17 12.91 -19.01 42.03
CE MSE C 17 14.84 -18.76 42.21
N THR C 18 9.84 -19.45 39.30
CA THR C 18 8.40 -19.25 39.45
C THR C 18 8.15 -18.84 40.91
N VAL C 19 6.92 -18.48 41.23
CA VAL C 19 6.64 -18.08 42.61
C VAL C 19 6.76 -19.27 43.56
N ASP C 20 6.82 -20.47 43.00
CA ASP C 20 6.95 -21.67 43.80
C ASP C 20 8.33 -22.30 43.67
N GLY C 21 9.28 -21.56 43.11
CA GLY C 21 10.61 -22.11 42.98
C GLY C 21 11.05 -22.32 41.54
N PRO C 22 12.30 -22.75 41.34
CA PRO C 22 12.79 -22.97 39.99
C PRO C 22 12.18 -24.19 39.33
N ILE C 23 12.15 -24.15 38.01
CA ILE C 23 11.66 -25.26 37.20
C ILE C 23 12.56 -25.26 35.98
N PRO C 24 12.75 -26.43 35.35
CA PRO C 24 13.60 -26.46 34.17
C PRO C 24 12.83 -25.68 33.09
N SER C 25 13.55 -25.00 32.21
CA SER C 25 12.89 -24.21 31.16
C SER C 25 11.97 -25.06 30.29
N SER C 26 12.25 -26.36 30.23
CA SER C 26 11.44 -27.30 29.43
C SER C 26 10.06 -27.53 30.02
N ALA C 27 9.87 -27.16 31.28
CA ALA C 27 8.60 -27.35 31.97
C ALA C 27 7.67 -26.15 31.82
N LEU C 28 8.17 -25.06 31.23
CA LEU C 28 7.36 -23.87 31.05
C LEU C 28 6.11 -24.19 30.20
N GLY C 29 6.32 -24.92 29.12
CA GLY C 29 5.20 -25.32 28.26
C GLY C 29 4.40 -24.19 27.66
N HIS C 30 3.14 -24.50 27.33
CA HIS C 30 2.20 -23.54 26.72
C HIS C 30 2.07 -22.36 27.68
N THR C 31 2.53 -21.19 27.25
CA THR C 31 2.57 -20.01 28.10
C THR C 31 1.97 -18.68 27.61
N LEU C 32 1.48 -17.91 28.58
CA LEU C 32 0.96 -16.56 28.35
C LEU C 32 2.01 -15.66 28.99
N MSE C 33 2.76 -14.97 28.14
CA MSE C 33 3.86 -14.10 28.55
C MSE C 33 3.52 -12.79 29.27
O MSE C 33 4.39 -12.17 29.88
CB MSE C 33 4.69 -13.76 27.33
CG MSE C 33 5.57 -14.91 26.84
SE MSE C 33 6.91 -15.42 28.08
CE MSE C 33 7.59 -13.66 28.44
N HIS C 34 2.26 -12.37 29.22
CA HIS C 34 1.89 -11.10 29.85
C HIS C 34 0.43 -11.05 30.28
N GLU C 35 0.18 -11.34 31.55
CA GLU C 35 -1.18 -11.31 32.09
C GLU C 35 -1.15 -10.81 33.53
N HIS C 36 -2.20 -10.13 33.94
CA HIS C 36 -2.32 -9.66 35.32
C HIS C 36 -3.38 -10.53 35.98
N LEU C 37 -3.01 -11.16 37.08
CA LEU C 37 -3.94 -12.03 37.80
C LEU C 37 -4.66 -11.27 38.91
N GLN C 38 -3.96 -10.28 39.44
CA GLN C 38 -4.47 -9.43 40.50
C GLN C 38 -3.72 -8.11 40.32
N ASN C 39 -4.41 -6.99 40.49
CA ASN C 39 -3.77 -5.70 40.34
C ASN C 39 -4.66 -4.58 40.85
N ASP C 40 -4.17 -3.37 40.73
CA ASP C 40 -4.90 -2.18 41.18
C ASP C 40 -4.62 -1.03 40.22
N CYS C 41 -5.62 -0.69 39.41
CA CYS C 41 -5.49 0.36 38.42
C CYS C 41 -6.28 1.62 38.75
N ARG C 42 -6.66 1.77 40.01
CA ARG C 42 -7.43 2.92 40.45
C ARG C 42 -6.83 4.26 40.05
N CYS C 43 -5.50 4.36 40.02
CA CYS C 43 -4.85 5.62 39.63
C CYS C 43 -5.21 6.09 38.23
N TRP C 44 -5.68 5.17 37.37
CA TRP C 44 -6.03 5.51 36.00
C TRP C 44 -7.51 5.81 35.79
N TRP C 45 -8.23 5.93 36.89
CA TRP C 45 -9.64 6.22 36.84
C TRP C 45 -9.87 7.53 36.05
N ASN C 46 -10.79 7.46 35.09
CA ASN C 46 -11.11 8.59 34.22
C ASN C 46 -12.50 9.11 34.56
N PRO C 47 -12.59 10.02 35.54
CA PRO C 47 -13.86 10.59 35.99
C PRO C 47 -14.73 11.11 34.86
N PRO C 48 -15.99 10.66 34.79
CA PRO C 48 -16.86 11.15 33.73
C PRO C 48 -17.22 12.61 34.06
N GLN C 49 -17.02 13.50 33.12
CA GLN C 49 -17.33 14.91 33.34
C GLN C 49 -18.73 15.24 32.80
N GLU C 50 -19.27 14.33 32.01
CA GLU C 50 -20.60 14.52 31.43
C GLU C 50 -21.64 14.14 32.49
N PRO C 51 -22.64 15.02 32.69
CA PRO C 51 -23.69 14.72 33.68
C PRO C 51 -24.42 13.44 33.30
N GLU C 52 -24.61 13.27 32.00
CA GLU C 52 -25.30 12.11 31.44
C GLU C 52 -24.53 10.81 31.68
N ARG C 53 -23.21 10.92 31.85
CA ARG C 53 -22.36 9.75 32.04
C ARG C 53 -21.93 9.43 33.47
N GLN C 54 -22.56 10.06 34.45
CA GLN C 54 -22.19 9.81 35.85
C GLN C 54 -22.48 8.40 36.35
N TYR C 55 -23.57 7.81 35.89
CA TYR C 55 -23.98 6.47 36.31
C TYR C 55 -22.94 5.39 35.99
N LEU C 56 -22.05 5.68 35.05
CA LEU C 56 -21.03 4.71 34.65
C LEU C 56 -19.86 4.61 35.64
N ALA C 57 -19.69 5.62 36.48
CA ALA C 57 -18.60 5.64 37.44
C ALA C 57 -18.73 4.75 38.66
N GLU C 58 -19.87 4.80 39.32
CA GLU C 58 -20.09 4.04 40.55
C GLU C 58 -20.75 2.66 40.40
N ALA C 59 -21.47 2.46 39.31
CA ALA C 59 -22.17 1.20 39.10
C ALA C 59 -21.24 -0.01 38.92
N PRO C 60 -21.68 -1.18 39.39
CA PRO C 60 -20.85 -2.38 39.24
C PRO C 60 -21.05 -2.84 37.80
N ILE C 61 -20.05 -3.50 37.23
CA ILE C 61 -20.17 -3.98 35.85
C ILE C 61 -21.39 -4.85 35.67
N SER C 62 -22.24 -4.50 34.70
CA SER C 62 -23.43 -5.30 34.41
C SER C 62 -23.55 -5.37 32.89
N ILE C 63 -24.29 -6.35 32.41
CA ILE C 63 -24.42 -6.54 30.97
C ILE C 63 -24.91 -5.33 30.18
N GLU C 64 -25.82 -4.54 30.74
CA GLU C 64 -26.37 -3.40 30.03
C GLU C 64 -25.44 -2.21 29.80
N ILE C 65 -24.32 -2.13 30.51
CA ILE C 65 -23.40 -1.00 30.31
C ILE C 65 -22.10 -1.38 29.62
N LEU C 66 -22.00 -2.62 29.13
CA LEU C 66 -20.77 -3.05 28.47
C LEU C 66 -20.36 -2.22 27.27
N SER C 67 -21.31 -1.82 26.43
CA SER C 67 -20.97 -1.01 25.26
C SER C 67 -20.25 0.27 25.69
N GLU C 68 -20.85 1.02 26.62
CA GLU C 68 -20.23 2.25 27.07
C GLU C 68 -18.84 2.02 27.68
N LEU C 69 -18.71 0.98 28.51
CA LEU C 69 -17.42 0.69 29.12
C LEU C 69 -16.36 0.43 28.05
N ARG C 70 -16.74 -0.22 26.96
CA ARG C 70 -15.78 -0.51 25.90
C ARG C 70 -15.25 0.75 25.23
N GLN C 71 -15.99 1.86 25.33
CA GLN C 71 -15.54 3.12 24.73
C GLN C 71 -14.81 4.01 25.73
N ASP C 72 -14.65 3.52 26.96
CA ASP C 72 -13.99 4.28 28.03
C ASP C 72 -13.91 3.36 29.24
N PRO C 73 -13.09 2.30 29.16
CA PRO C 73 -12.97 1.35 30.26
C PRO C 73 -12.53 1.91 31.62
N PHE C 74 -11.77 3.00 31.62
CA PHE C 74 -11.31 3.58 32.88
C PHE C 74 -12.34 4.42 33.63
N VAL C 75 -13.51 4.61 33.02
CA VAL C 75 -14.58 5.41 33.64
C VAL C 75 -15.22 4.72 34.84
N ASN C 76 -15.18 3.39 34.85
CA ASN C 76 -15.80 2.59 35.90
C ASN C 76 -14.81 2.16 36.99
N LYS C 77 -15.12 2.50 38.24
CA LYS C 77 -14.27 2.17 39.38
C LYS C 77 -14.17 0.67 39.63
N HIS C 78 -15.31 -0.02 39.57
CA HIS C 78 -15.38 -1.45 39.78
C HIS C 78 -14.48 -2.20 38.80
N ASN C 79 -14.45 -1.71 37.57
CA ASN C 79 -13.68 -2.33 36.50
C ASN C 79 -12.16 -2.27 36.65
N ILE C 80 -11.67 -1.16 37.20
CA ILE C 80 -10.25 -0.94 37.32
C ILE C 80 -9.50 -1.50 38.50
N ALA C 81 -9.71 -2.77 38.79
CA ALA C 81 -9.00 -3.45 39.86
C ALA C 81 -9.33 -4.93 39.80
N LEU C 82 -8.29 -5.75 39.61
CA LEU C 82 -8.48 -7.19 39.58
C LEU C 82 -8.24 -7.60 41.03
N ASP C 83 -9.31 -7.64 41.82
CA ASP C 83 -9.21 -7.96 43.25
C ASP C 83 -10.09 -9.13 43.69
N ASP C 84 -10.54 -9.91 42.74
CA ASP C 84 -11.39 -11.06 43.04
C ASP C 84 -10.54 -12.32 42.85
N LEU C 85 -9.93 -12.79 43.93
CA LEU C 85 -9.08 -13.97 43.85
C LEU C 85 -9.80 -15.22 43.39
N ASP C 86 -11.01 -15.46 43.90
CA ASP C 86 -11.77 -16.65 43.50
C ASP C 86 -12.07 -16.64 42.02
N LEU C 87 -12.44 -15.48 41.49
CA LEU C 87 -12.74 -15.34 40.08
C LEU C 87 -11.46 -15.54 39.25
N ALA C 88 -10.36 -15.01 39.76
CA ALA C 88 -9.07 -15.11 39.08
C ALA C 88 -8.73 -16.58 38.92
N ILE C 89 -8.97 -17.35 39.98
CA ILE C 89 -8.69 -18.77 39.96
C ILE C 89 -9.56 -19.49 38.94
N ALA C 90 -10.86 -19.19 38.92
CA ALA C 90 -11.77 -19.82 37.97
C ALA C 90 -11.42 -19.45 36.52
N GLU C 91 -11.11 -18.17 36.30
CA GLU C 91 -10.77 -17.70 34.95
C GLU C 91 -9.46 -18.33 34.46
N VAL C 92 -8.49 -18.47 35.35
CA VAL C 92 -7.20 -19.07 34.98
C VAL C 92 -7.38 -20.56 34.67
N LYS C 93 -8.32 -21.22 35.35
CA LYS C 93 -8.56 -22.63 35.10
C LYS C 93 -8.99 -22.84 33.65
N GLN C 94 -9.60 -21.82 33.05
CA GLN C 94 -10.04 -21.91 31.66
C GLN C 94 -8.84 -22.08 30.74
N PHE C 95 -7.75 -21.40 31.06
CA PHE C 95 -6.52 -21.46 30.29
C PHE C 95 -5.94 -22.87 30.45
N ALA C 96 -5.85 -23.34 31.69
CA ALA C 96 -5.33 -24.67 31.96
C ALA C 96 -6.16 -25.71 31.22
N ALA C 97 -7.46 -25.44 31.09
CA ALA C 97 -8.37 -26.36 30.42
C ALA C 97 -8.09 -26.54 28.93
N VAL C 98 -7.40 -25.56 28.33
CA VAL C 98 -7.05 -25.67 26.90
C VAL C 98 -5.55 -25.90 26.71
N GLY C 99 -4.90 -26.47 27.71
CA GLY C 99 -3.48 -26.76 27.60
C GLY C 99 -2.54 -25.76 28.24
N GLY C 100 -3.08 -24.65 28.74
CA GLY C 100 -2.27 -23.64 29.38
C GLY C 100 -1.49 -24.22 30.53
N ARG C 101 -0.19 -23.92 30.58
CA ARG C 101 0.68 -24.45 31.63
C ARG C 101 1.35 -23.40 32.50
N SER C 102 1.66 -22.24 31.91
CA SER C 102 2.34 -21.17 32.64
C SER C 102 1.85 -19.75 32.30
N ILE C 103 1.96 -18.86 33.27
CA ILE C 103 1.58 -17.46 33.10
C ILE C 103 2.61 -16.53 33.74
N VAL C 104 3.06 -15.56 32.96
CA VAL C 104 4.03 -14.58 33.42
C VAL C 104 3.19 -13.37 33.83
N ASP C 105 3.25 -13.00 35.11
CA ASP C 105 2.49 -11.87 35.61
C ASP C 105 3.47 -10.75 35.89
N PRO C 106 3.48 -9.73 35.02
CA PRO C 106 4.39 -8.59 35.15
C PRO C 106 3.90 -7.43 36.03
N THR C 107 2.88 -7.69 36.86
CA THR C 107 2.37 -6.66 37.77
C THR C 107 3.52 -6.30 38.69
N CYS C 108 3.93 -5.03 38.72
CA CYS C 108 5.06 -4.65 39.58
C CYS C 108 4.69 -3.69 40.71
N ARG C 109 5.69 -2.95 41.20
CA ARG C 109 5.49 -2.00 42.28
C ARG C 109 4.59 -0.85 41.87
N GLY C 110 3.58 -0.58 42.69
CA GLY C 110 2.67 0.49 42.40
C GLY C 110 1.35 0.07 41.79
N ILE C 111 1.31 -1.13 41.20
CA ILE C 111 0.05 -1.60 40.60
C ILE C 111 -0.52 -2.89 41.19
N GLY C 112 -0.12 -3.21 42.43
CA GLY C 112 -0.66 -4.38 43.09
C GLY C 112 0.07 -5.71 43.11
N ARG C 113 1.37 -5.73 42.85
CA ARG C 113 2.06 -7.03 42.88
C ARG C 113 1.87 -7.65 44.26
N ASP C 114 1.59 -8.96 44.28
CA ASP C 114 1.37 -9.69 45.55
C ASP C 114 1.76 -11.16 45.41
N PRO C 115 2.96 -11.54 45.89
CA PRO C 115 3.40 -12.94 45.79
C PRO C 115 2.49 -13.91 46.55
N VAL C 116 1.95 -13.47 47.68
CA VAL C 116 1.07 -14.32 48.46
C VAL C 116 -0.13 -14.74 47.61
N LYS C 117 -0.71 -13.79 46.90
CA LYS C 117 -1.87 -14.09 46.06
C LYS C 117 -1.48 -14.91 44.82
N LEU C 118 -0.30 -14.65 44.27
CA LEU C 118 0.13 -15.40 43.09
C LEU C 118 0.28 -16.88 43.46
N ARG C 119 0.86 -17.15 44.62
CA ARG C 119 1.04 -18.53 45.08
C ARG C 119 -0.29 -19.24 45.30
N ARG C 120 -1.29 -18.49 45.76
CA ARG C 120 -2.60 -19.09 45.98
C ARG C 120 -3.22 -19.48 44.64
N ILE C 121 -3.08 -18.61 43.64
CA ILE C 121 -3.62 -18.92 42.33
C ILE C 121 -2.90 -20.12 41.71
N SER C 122 -1.57 -20.10 41.75
CA SER C 122 -0.79 -21.20 41.20
C SER C 122 -1.14 -22.54 41.86
N ALA C 123 -1.27 -22.54 43.18
CA ALA C 123 -1.59 -23.77 43.89
C ALA C 123 -3.00 -24.31 43.55
N GLU C 124 -3.99 -23.43 43.52
CA GLU C 124 -5.35 -23.85 43.23
C GLU C 124 -5.60 -24.17 41.77
N THR C 125 -4.91 -23.50 40.85
CA THR C 125 -5.11 -23.73 39.42
C THR C 125 -4.16 -24.76 38.83
N GLY C 126 -2.97 -24.90 39.41
CA GLY C 126 -1.99 -25.84 38.89
C GLY C 126 -1.18 -25.20 37.78
N VAL C 127 -1.45 -23.93 37.52
CA VAL C 127 -0.75 -23.18 36.49
C VAL C 127 0.48 -22.50 37.10
N GLN C 128 1.64 -22.71 36.50
CA GLN C 128 2.87 -22.12 37.02
C GLN C 128 2.86 -20.62 36.77
N VAL C 129 3.32 -19.86 37.78
CA VAL C 129 3.35 -18.41 37.70
C VAL C 129 4.74 -17.82 37.92
N VAL C 130 5.14 -16.93 37.01
CA VAL C 130 6.44 -16.23 37.06
C VAL C 130 6.10 -14.79 37.42
N MSE C 131 6.72 -14.29 38.49
CA MSE C 131 6.46 -12.93 38.96
C MSE C 131 7.47 -11.90 38.49
O MSE C 131 8.65 -12.17 38.39
CB MSE C 131 6.41 -12.96 40.50
CG MSE C 131 6.27 -11.62 41.18
SE MSE C 131 6.10 -11.86 43.08
CE MSE C 131 7.84 -12.61 43.41
N GLY C 132 6.96 -10.69 38.22
CA GLY C 132 7.82 -9.61 37.75
C GLY C 132 8.32 -8.67 38.85
N ALA C 133 8.83 -7.52 38.45
CA ALA C 133 9.38 -6.56 39.41
C ALA C 133 9.70 -5.21 38.77
N GLY C 134 10.07 -4.25 39.63
CA GLY C 134 10.42 -2.92 39.15
C GLY C 134 9.30 -1.91 39.33
N TYR C 135 9.49 -0.73 38.76
CA TYR C 135 8.50 0.35 38.85
C TYR C 135 7.77 0.56 37.53
N TYR C 136 6.51 1.00 37.64
CA TYR C 136 5.66 1.24 36.49
C TYR C 136 5.68 2.71 36.07
N LEU C 137 4.59 3.16 35.46
CA LEU C 137 4.49 4.54 35.00
C LEU C 137 4.59 5.51 36.17
N ALA C 138 5.10 6.71 35.89
CA ALA C 138 5.29 7.74 36.90
C ALA C 138 4.12 7.89 37.87
N SER C 139 2.90 7.94 37.33
CA SER C 139 1.69 8.09 38.14
C SER C 139 1.48 7.02 39.20
N SER C 140 1.97 5.80 38.93
CA SER C 140 1.79 4.71 39.88
C SER C 140 2.92 4.60 40.88
N MSE C 141 4.02 5.31 40.63
CA MSE C 141 5.17 5.23 41.53
C MSE C 141 4.90 5.73 42.93
O MSE C 141 4.33 6.81 43.12
CB MSE C 141 6.36 5.97 40.95
CG MSE C 141 6.89 5.39 39.68
SE MSE C 141 8.51 6.31 39.18
CE MSE C 141 9.84 5.10 39.95
N PRO C 142 5.32 4.97 43.94
CA PRO C 142 5.10 5.36 45.34
C PRO C 142 5.96 6.54 45.76
N GLU C 143 5.47 7.25 46.75
CA GLU C 143 6.14 8.41 47.32
C GLU C 143 7.65 8.22 47.49
N THR C 144 8.05 7.04 47.95
CA THR C 144 9.44 6.70 48.20
C THR C 144 10.36 6.60 46.99
N ALA C 145 9.80 6.29 45.82
CA ALA C 145 10.62 6.14 44.61
C ALA C 145 11.42 7.39 44.24
N ALA C 146 10.86 8.55 44.52
CA ALA C 146 11.51 9.82 44.22
C ALA C 146 12.93 9.95 44.78
N ARG C 147 13.16 9.39 45.96
CA ARG C 147 14.48 9.48 46.60
C ARG C 147 15.46 8.42 46.10
N LEU C 148 14.93 7.43 45.40
CA LEU C 148 15.76 6.34 44.89
C LEU C 148 16.57 6.69 43.65
N SER C 149 17.81 6.21 43.61
CA SER C 149 18.69 6.43 42.48
C SER C 149 18.50 5.21 41.58
N ALA C 150 19.05 5.26 40.38
CA ALA C 150 18.94 4.16 39.43
C ALA C 150 19.52 2.91 40.07
N ASP C 151 20.68 3.06 40.73
CA ASP C 151 21.31 1.93 41.38
C ASP C 151 20.49 1.42 42.56
N ASP C 152 19.81 2.32 43.28
CA ASP C 152 18.98 1.90 44.40
C ASP C 152 17.85 1.00 43.88
N ILE C 153 17.28 1.38 42.74
CA ILE C 153 16.21 0.61 42.13
C ILE C 153 16.76 -0.74 41.68
N ALA C 154 17.95 -0.72 41.10
CA ALA C 154 18.59 -1.96 40.66
C ALA C 154 18.78 -2.86 41.88
N ASP C 155 19.25 -2.29 42.99
CA ASP C 155 19.48 -3.09 44.19
C ASP C 155 18.20 -3.78 44.66
N GLU C 156 17.08 -3.05 44.64
CA GLU C 156 15.82 -3.64 45.09
C GLU C 156 15.46 -4.85 44.24
N ILE C 157 15.62 -4.71 42.94
CA ILE C 157 15.31 -5.80 42.01
C ILE C 157 16.22 -7.00 42.26
N VAL C 158 17.52 -6.75 42.43
CA VAL C 158 18.46 -7.82 42.70
C VAL C 158 18.06 -8.61 43.94
N ALA C 159 17.65 -7.89 44.99
CA ALA C 159 17.25 -8.51 46.24
C ALA C 159 16.04 -9.42 46.06
N GLU C 160 15.12 -9.02 45.19
CA GLU C 160 13.92 -9.83 44.95
C GLU C 160 14.23 -11.05 44.11
N ALA C 161 15.31 -10.99 43.34
CA ALA C 161 15.69 -12.13 42.51
C ALA C 161 16.52 -13.12 43.33
N LEU C 162 17.24 -12.62 44.32
CA LEU C 162 18.09 -13.48 45.16
C LEU C 162 17.57 -13.83 46.56
N GLU C 163 17.01 -12.85 47.27
CA GLU C 163 16.52 -13.07 48.63
C GLU C 163 15.04 -13.40 48.71
N GLY C 164 14.21 -12.43 48.34
CA GLY C 164 12.77 -12.64 48.41
C GLY C 164 12.02 -11.38 48.02
N THR C 165 10.69 -11.43 48.12
CA THR C 165 9.91 -10.25 47.74
C THR C 165 8.75 -9.97 48.67
N ASP C 166 8.52 -8.69 48.94
CA ASP C 166 7.38 -8.27 49.76
C ASP C 166 7.25 -9.08 51.06
N GLY C 167 8.38 -9.32 51.73
CA GLY C 167 8.37 -10.05 52.99
C GLY C 167 8.19 -11.56 52.90
N THR C 168 8.26 -12.12 51.71
CA THR C 168 8.12 -13.56 51.51
C THR C 168 9.41 -14.09 50.89
N ASP C 169 9.54 -15.41 50.80
CA ASP C 169 10.74 -15.98 50.20
C ASP C 169 10.52 -16.25 48.71
N ALA C 170 9.43 -15.70 48.17
CA ALA C 170 9.13 -15.85 46.75
C ALA C 170 10.08 -14.92 45.99
N ARG C 171 10.69 -15.42 44.93
CA ARG C 171 11.61 -14.60 44.15
C ARG C 171 11.12 -14.39 42.73
N ILE C 172 11.52 -13.28 42.12
CA ILE C 172 11.10 -12.95 40.76
C ILE C 172 11.82 -13.77 39.69
N GLY C 173 11.18 -13.90 38.54
CA GLY C 173 11.75 -14.65 37.45
C GLY C 173 11.93 -13.79 36.22
N LEU C 174 11.50 -12.53 36.33
CA LEU C 174 11.57 -11.57 35.24
C LEU C 174 11.63 -10.18 35.83
N ILE C 175 12.37 -9.29 35.20
CA ILE C 175 12.42 -7.92 35.69
C ILE C 175 11.33 -7.35 34.80
N GLY C 176 10.11 -7.18 35.30
CA GLY C 176 9.16 -6.75 34.31
C GLY C 176 7.95 -5.85 34.29
N GLU C 177 7.81 -5.23 33.11
CA GLU C 177 6.75 -4.30 32.81
C GLU C 177 7.13 -2.99 33.49
N ILE C 178 8.31 -2.50 33.10
CA ILE C 178 8.87 -1.24 33.58
C ILE C 178 8.13 -0.17 32.80
N GLY C 179 7.62 0.84 33.50
CA GLY C 179 6.86 1.87 32.83
C GLY C 179 7.57 2.97 32.06
N VAL C 180 7.20 3.10 30.80
CA VAL C 180 7.74 4.14 29.94
C VAL C 180 6.51 4.76 29.27
N SER C 181 6.20 6.00 29.62
CA SER C 181 5.04 6.68 29.05
C SER C 181 5.45 7.43 27.78
N SER C 182 4.47 8.00 27.09
CA SER C 182 4.76 8.75 25.88
C SER C 182 5.61 9.97 26.21
N ASP C 183 5.62 10.36 27.48
CA ASP C 183 6.41 11.51 27.93
C ASP C 183 7.82 11.08 28.35
N PHE C 184 8.01 9.78 28.53
CA PHE C 184 9.30 9.22 28.94
C PHE C 184 9.97 10.14 29.95
N THR C 185 9.29 10.36 31.07
CA THR C 185 9.79 11.26 32.12
C THR C 185 11.13 10.84 32.70
N ALA C 186 11.77 11.79 33.39
CA ALA C 186 13.05 11.55 34.03
C ALA C 186 12.94 10.39 35.02
N GLU C 187 11.83 10.33 35.74
CA GLU C 187 11.57 9.27 36.73
C GLU C 187 11.56 7.92 36.03
N GLU C 188 10.86 7.86 34.91
CA GLU C 188 10.72 6.64 34.14
C GLU C 188 12.06 6.20 33.55
N GLU C 189 12.85 7.18 33.10
CA GLU C 189 14.17 6.87 32.53
C GLU C 189 15.07 6.31 33.63
N LYS C 190 14.97 6.91 34.81
CA LYS C 190 15.77 6.48 35.95
C LYS C 190 15.36 5.06 36.28
N SER C 191 14.06 4.81 36.25
CA SER C 191 13.51 3.49 36.53
C SER C 191 13.99 2.46 35.53
N LEU C 192 13.98 2.82 34.25
CA LEU C 192 14.42 1.91 33.19
C LEU C 192 15.92 1.63 33.27
N ARG C 193 16.71 2.64 33.60
CA ARG C 193 18.16 2.43 33.72
C ARG C 193 18.43 1.46 34.87
N GLY C 194 17.62 1.57 35.93
CA GLY C 194 17.78 0.69 37.07
C GLY C 194 17.43 -0.75 36.69
N ALA C 195 16.38 -0.90 35.89
CA ALA C 195 15.94 -2.21 35.44
C ALA C 195 16.99 -2.85 34.55
N ALA C 196 17.59 -2.03 33.68
CA ALA C 196 18.60 -2.51 32.75
C ALA C 196 19.85 -2.95 33.49
N ARG C 197 20.22 -2.19 34.51
CA ARG C 197 21.41 -2.54 35.29
C ARG C 197 21.13 -3.82 36.07
N ALA C 198 19.88 -3.99 36.47
CA ALA C 198 19.49 -5.19 37.21
C ALA C 198 19.51 -6.39 36.27
N GLN C 199 19.17 -6.15 35.00
CA GLN C 199 19.16 -7.22 34.01
C GLN C 199 20.58 -7.77 33.88
N VAL C 200 21.55 -6.86 33.87
CA VAL C 200 22.96 -7.24 33.76
C VAL C 200 23.40 -7.99 35.00
N ARG C 201 23.06 -7.44 36.17
CA ARG C 201 23.46 -8.07 37.42
C ARG C 201 22.80 -9.42 37.70
N THR C 202 21.50 -9.54 37.40
CA THR C 202 20.78 -10.78 37.68
C THR C 202 20.72 -11.81 36.55
N GLY C 203 20.87 -11.35 35.31
CA GLY C 203 20.79 -12.28 34.18
C GLY C 203 19.37 -12.71 33.85
N LEU C 204 18.39 -11.99 34.40
CA LEU C 204 16.98 -12.28 34.16
C LEU C 204 16.43 -11.50 32.96
N PRO C 205 15.36 -11.99 32.33
CA PRO C 205 14.81 -11.26 31.17
C PRO C 205 14.29 -9.89 31.62
N LEU C 206 14.21 -8.96 30.68
CA LEU C 206 13.73 -7.60 30.96
C LEU C 206 12.51 -7.29 30.11
N MSE C 207 11.42 -6.87 30.75
CA MSE C 207 10.19 -6.57 30.02
C MSE C 207 9.82 -5.10 30.20
O MSE C 207 9.67 -4.62 31.33
CB MSE C 207 9.06 -7.48 30.52
CG MSE C 207 7.73 -7.36 29.76
SE MSE C 207 6.42 -8.54 30.46
CE MSE C 207 6.91 -10.11 29.41
N VAL C 208 9.67 -4.40 29.08
CA VAL C 208 9.36 -2.98 29.11
C VAL C 208 8.01 -2.60 28.52
N HIS C 209 7.23 -1.87 29.31
CA HIS C 209 5.93 -1.38 28.91
C HIS C 209 6.16 -0.22 27.96
N LEU C 210 5.56 -0.28 26.78
CA LEU C 210 5.68 0.78 25.78
C LEU C 210 4.35 1.52 25.65
N PRO C 211 4.46 2.75 25.39
CA PRO C 211 3.31 3.50 24.88
C PRO C 211 2.97 3.16 23.42
N GLY C 212 2.28 2.04 23.36
CA GLY C 212 1.97 1.43 22.06
C GLY C 212 1.63 2.28 20.83
N TRP C 213 0.88 3.39 21.11
CA TRP C 213 0.44 4.20 19.97
C TRP C 213 1.52 5.20 19.63
N PHE C 214 2.67 5.11 20.30
CA PHE C 214 3.78 6.01 19.98
C PHE C 214 4.93 5.17 19.40
N ARG C 215 6.10 5.75 19.20
CA ARG C 215 7.22 5.01 18.61
C ARG C 215 8.53 5.27 19.35
N LEU C 216 8.58 4.87 20.62
CA LEU C 216 9.76 5.07 21.43
C LEU C 216 10.58 3.81 21.64
N ALA C 217 10.17 2.72 20.99
CA ALA C 217 10.85 1.44 21.14
C ALA C 217 12.35 1.44 20.83
N HIS C 218 12.77 2.16 19.80
CA HIS C 218 14.20 2.22 19.45
C HIS C 218 14.98 3.03 20.48
N ARG C 219 14.35 4.07 21.04
CA ARG C 219 15.01 4.88 22.05
C ARG C 219 15.11 4.03 23.32
N VAL C 220 14.08 3.23 23.56
CA VAL C 220 14.07 2.35 24.72
C VAL C 220 15.22 1.36 24.60
N LEU C 221 15.34 0.70 23.46
CA LEU C 221 16.43 -0.27 23.26
C LEU C 221 17.80 0.40 23.32
N ASP C 222 17.91 1.64 22.85
CA ASP C 222 19.19 2.34 22.90
C ASP C 222 19.63 2.46 24.36
N LEU C 223 18.69 2.81 25.23
CA LEU C 223 19.01 2.98 26.63
C LEU C 223 19.40 1.66 27.28
N VAL C 224 18.62 0.61 27.00
CA VAL C 224 18.90 -0.71 27.55
C VAL C 224 20.29 -1.18 27.14
N GLU C 225 20.55 -1.06 25.84
CA GLU C 225 21.82 -1.44 25.25
C GLU C 225 22.96 -0.62 25.85
N GLU C 226 22.69 0.65 26.08
CA GLU C 226 23.67 1.59 26.66
C GLU C 226 24.06 1.15 28.07
N GLU C 227 23.10 0.61 28.81
CA GLU C 227 23.34 0.16 30.17
C GLU C 227 23.97 -1.23 30.16
N GLY C 228 24.22 -1.76 28.97
CA GLY C 228 24.85 -3.06 28.85
C GLY C 228 23.94 -4.26 28.95
N ALA C 229 22.63 -4.03 28.99
CA ALA C 229 21.68 -5.14 29.10
C ALA C 229 21.61 -5.95 27.81
N ASP C 230 21.07 -7.17 27.91
CA ASP C 230 20.95 -8.08 26.78
C ASP C 230 19.65 -7.90 26.01
N LEU C 231 19.75 -7.28 24.83
CA LEU C 231 18.56 -7.04 24.01
C LEU C 231 17.84 -8.32 23.60
N ARG C 232 18.57 -9.43 23.45
CA ARG C 232 17.93 -10.68 23.06
C ARG C 232 17.08 -11.31 24.15
N HIS C 233 17.03 -10.66 25.30
CA HIS C 233 16.21 -11.13 26.40
C HIS C 233 15.43 -9.96 26.98
N THR C 234 15.19 -8.99 26.10
CA THR C 234 14.41 -7.80 26.44
C THR C 234 13.12 -7.97 25.63
N VAL C 235 12.00 -7.75 26.30
CA VAL C 235 10.69 -7.89 25.67
C VAL C 235 10.02 -6.52 25.59
N LEU C 236 9.64 -6.15 24.37
CA LEU C 236 8.95 -4.89 24.13
C LEU C 236 7.44 -5.14 24.11
N CYS C 237 6.77 -4.71 25.18
CA CYS C 237 5.33 -4.87 25.33
C CYS C 237 4.49 -3.94 24.48
N HIS C 238 3.24 -4.33 24.28
CA HIS C 238 2.23 -3.55 23.54
C HIS C 238 2.59 -3.14 22.12
N MSE C 239 2.95 -4.12 21.31
CA MSE C 239 3.29 -3.88 19.91
C MSE C 239 2.06 -3.80 19.01
O MSE C 239 2.13 -3.25 17.90
CB MSE C 239 4.19 -5.00 19.40
CG MSE C 239 5.54 -5.05 20.09
SE MSE C 239 6.45 -3.36 20.02
CE MSE C 239 6.69 -3.23 18.11
N ASN C 240 0.94 -4.34 19.48
CA ASN C 240 -0.26 -4.35 18.66
C ASN C 240 -0.57 -3.05 17.91
N PRO C 241 -0.66 -1.90 18.61
CA PRO C 241 -0.97 -0.61 17.98
C PRO C 241 -0.07 -0.11 16.85
N SER C 242 1.14 -0.65 16.75
CA SER C 242 2.08 -0.24 15.72
C SER C 242 2.14 -1.24 14.58
N HIS C 243 1.07 -2.03 14.46
CA HIS C 243 0.94 -3.06 13.44
C HIS C 243 1.04 -2.53 12.01
N MSE C 244 0.69 -1.27 11.81
CA MSE C 244 0.73 -0.66 10.49
C MSE C 244 2.10 -0.08 10.15
O MSE C 244 2.28 0.56 9.12
CB MSE C 244 -0.34 0.43 10.35
CG MSE C 244 -0.08 1.73 11.11
SE MSE C 244 -0.15 1.66 13.08
CE MSE C 244 -2.11 1.54 13.26
N ASP C 245 3.07 -0.29 11.04
CA ASP C 245 4.43 0.22 10.83
C ASP C 245 5.40 -0.96 10.81
N PRO C 246 5.34 -1.79 9.75
CA PRO C 246 6.20 -2.96 9.62
C PRO C 246 7.70 -2.68 9.68
N VAL C 247 8.14 -1.52 9.20
CA VAL C 247 9.57 -1.20 9.26
C VAL C 247 9.97 -1.04 10.74
N TYR C 248 9.16 -0.27 11.48
CA TYR C 248 9.39 -0.03 12.89
C TYR C 248 9.49 -1.37 13.64
N GLN C 249 8.48 -2.22 13.46
CA GLN C 249 8.48 -3.50 14.15
C GLN C 249 9.62 -4.44 13.74
N ALA C 250 9.90 -4.56 12.44
CA ALA C 250 10.94 -5.45 11.98
C ALA C 250 12.36 -5.04 12.38
N THR C 251 12.67 -3.75 12.33
CA THR C 251 14.00 -3.28 12.70
C THR C 251 14.24 -3.51 14.19
N LEU C 252 13.15 -3.45 14.97
CA LEU C 252 13.24 -3.70 16.41
C LEU C 252 13.57 -5.19 16.60
N ALA C 253 12.82 -6.05 15.92
CA ALA C 253 13.05 -7.49 16.01
C ALA C 253 14.47 -7.80 15.56
N GLN C 254 14.95 -7.08 14.55
CA GLN C 254 16.30 -7.29 14.04
C GLN C 254 17.33 -7.00 15.12
N ARG C 255 17.06 -6.01 15.96
CA ARG C 255 18.00 -5.67 17.02
C ARG C 255 18.07 -6.78 18.07
N GLY C 256 17.11 -7.72 18.02
CA GLY C 256 17.12 -8.86 18.93
C GLY C 256 16.00 -8.93 19.95
N ALA C 257 15.31 -7.82 20.18
CA ALA C 257 14.23 -7.80 21.16
C ALA C 257 13.01 -8.60 20.74
N PHE C 258 12.26 -9.07 21.73
CA PHE C 258 11.03 -9.80 21.48
C PHE C 258 9.97 -8.73 21.26
N LEU C 259 9.05 -9.00 20.35
CA LEU C 259 7.96 -8.07 20.07
C LEU C 259 6.73 -8.75 20.66
N GLU C 260 6.20 -8.18 21.74
CA GLU C 260 5.06 -8.79 22.38
C GLU C 260 3.71 -8.18 21.98
N PHE C 261 2.89 -8.99 21.34
CA PHE C 261 1.55 -8.57 20.93
C PHE C 261 0.67 -9.11 22.06
N ASP C 262 0.69 -8.39 23.17
CA ASP C 262 -0.04 -8.78 24.37
C ASP C 262 -1.44 -8.21 24.47
N MSE C 263 -1.96 -7.67 23.38
CA MSE C 263 -3.29 -7.09 23.44
C MSE C 263 -4.29 -7.83 22.58
O MSE C 263 -5.29 -7.26 22.13
CB MSE C 263 -3.24 -5.62 23.05
CG MSE C 263 -2.49 -4.79 24.08
SE MSE C 263 -1.76 -3.18 23.36
CE MSE C 263 -3.47 -2.34 22.99
N ILE C 264 -4.01 -9.12 22.36
CA ILE C 264 -4.88 -9.95 21.55
C ILE C 264 -6.27 -9.98 22.18
N GLY C 265 -7.28 -9.65 21.37
CA GLY C 265 -8.65 -9.67 21.84
C GLY C 265 -9.10 -8.33 22.39
N MSE C 266 -8.15 -7.47 22.74
CA MSE C 266 -8.47 -6.15 23.28
C MSE C 266 -8.89 -5.25 22.13
O MSE C 266 -8.16 -5.10 21.15
CB MSE C 266 -7.26 -5.56 23.99
CG MSE C 266 -7.57 -4.36 24.88
SE MSE C 266 -5.99 -3.50 25.58
CE MSE C 266 -5.47 -4.86 26.89
N ASP C 267 -10.08 -4.68 22.24
CA ASP C 267 -10.61 -3.84 21.18
C ASP C 267 -11.15 -2.50 21.68
N PHE C 268 -10.85 -2.16 22.93
CA PHE C 268 -11.34 -0.91 23.51
C PHE C 268 -10.84 0.37 22.88
N PHE C 269 -11.59 1.45 23.12
CA PHE C 269 -11.20 2.78 22.68
C PHE C 269 -10.95 3.47 24.03
N TYR C 270 -9.72 3.93 24.23
CA TYR C 270 -9.35 4.59 25.46
C TYR C 270 -9.63 6.09 25.38
N ALA C 271 -10.81 6.48 25.83
CA ALA C 271 -11.27 7.87 25.79
C ALA C 271 -10.22 8.85 26.30
N ASP C 272 -9.60 8.51 27.42
CA ASP C 272 -8.57 9.34 28.04
C ASP C 272 -7.45 9.68 27.07
N GLN C 273 -6.85 8.65 26.48
CA GLN C 273 -5.74 8.82 25.55
C GLN C 273 -6.19 9.08 24.11
N GLY C 274 -7.47 8.84 23.84
CA GLY C 274 -7.98 9.05 22.50
C GLY C 274 -7.36 8.10 21.49
N VAL C 275 -7.11 6.86 21.90
CA VAL C 275 -6.51 5.86 21.02
C VAL C 275 -7.36 4.61 20.90
N GLN C 276 -7.28 3.95 19.75
CA GLN C 276 -8.05 2.75 19.47
C GLN C 276 -7.20 1.49 19.38
N CYS C 277 -7.63 0.42 20.05
CA CYS C 277 -6.89 -0.84 19.99
C CYS C 277 -7.21 -1.43 18.62
N PRO C 278 -6.19 -1.97 17.93
CA PRO C 278 -6.40 -2.55 16.59
C PRO C 278 -7.17 -3.87 16.69
N SER C 279 -7.59 -4.38 15.53
CA SER C 279 -8.33 -5.64 15.47
C SER C 279 -7.36 -6.82 15.44
N ASP C 280 -7.86 -8.01 15.75
CA ASP C 280 -7.01 -9.19 15.72
C ASP C 280 -6.58 -9.51 14.30
N ASP C 281 -7.45 -9.23 13.32
CA ASP C 281 -7.08 -9.48 11.93
C ASP C 281 -5.88 -8.61 11.55
N GLU C 282 -5.92 -7.33 11.95
CA GLU C 282 -4.83 -6.42 11.65
C GLU C 282 -3.53 -6.90 12.30
N VAL C 283 -3.63 -7.38 13.53
CA VAL C 283 -2.46 -7.87 14.26
C VAL C 283 -1.95 -9.17 13.64
N ALA C 284 -2.88 -10.01 13.20
CA ALA C 284 -2.54 -11.28 12.57
C ALA C 284 -1.69 -11.02 11.33
N ARG C 285 -2.09 -10.03 10.52
CA ARG C 285 -1.32 -9.71 9.32
C ARG C 285 0.09 -9.22 9.67
N ALA C 286 0.21 -8.39 10.70
CA ALA C 286 1.51 -7.87 11.11
C ALA C 286 2.42 -9.04 11.51
N ILE C 287 1.86 -9.97 12.30
CA ILE C 287 2.60 -11.13 12.75
C ILE C 287 3.03 -11.97 11.54
N LEU C 288 2.13 -12.11 10.57
CA LEU C 288 2.43 -12.87 9.37
C LEU C 288 3.60 -12.18 8.64
N GLY C 289 3.55 -10.86 8.59
CA GLY C 289 4.59 -10.09 7.92
C GLY C 289 5.95 -10.27 8.58
N LEU C 290 5.98 -10.19 9.91
CA LEU C 290 7.22 -10.38 10.65
C LEU C 290 7.78 -11.79 10.43
N ALA C 291 6.90 -12.79 10.39
CA ALA C 291 7.33 -14.16 10.17
C ALA C 291 7.92 -14.32 8.76
N ASP C 292 7.26 -13.73 7.78
CA ASP C 292 7.73 -13.81 6.41
C ASP C 292 9.12 -13.23 6.28
N HIS C 293 9.45 -12.26 7.14
CA HIS C 293 10.76 -11.64 7.10
C HIS C 293 11.78 -12.27 8.06
N GLY C 294 11.47 -13.47 8.52
CA GLY C 294 12.38 -14.20 9.39
C GLY C 294 12.43 -13.85 10.87
N TYR C 295 11.40 -13.20 11.40
CA TYR C 295 11.41 -12.84 12.80
C TYR C 295 10.42 -13.61 13.67
N LEU C 296 10.01 -14.80 13.20
CA LEU C 296 9.05 -15.59 13.98
C LEU C 296 9.51 -15.85 15.42
N ASP C 297 10.81 -16.11 15.63
CA ASP C 297 11.29 -16.40 16.99
C ASP C 297 11.36 -15.22 17.95
N ARG C 298 10.90 -14.05 17.51
CA ARG C 298 10.90 -12.84 18.35
C ARG C 298 9.47 -12.45 18.76
N ILE C 299 8.47 -13.17 18.25
CA ILE C 299 7.07 -12.84 18.52
C ILE C 299 6.43 -13.55 19.71
N LEU C 300 5.77 -12.76 20.56
CA LEU C 300 5.08 -13.29 21.75
C LEU C 300 3.64 -12.81 21.75
N LEU C 301 2.73 -13.66 22.24
CA LEU C 301 1.30 -13.34 22.27
C LEU C 301 0.71 -13.40 23.68
N SER C 302 -0.21 -12.49 23.97
CA SER C 302 -0.89 -12.49 25.27
C SER C 302 -2.10 -11.57 25.22
N HIS C 303 -2.88 -11.53 26.32
CA HIS C 303 -4.10 -10.70 26.36
C HIS C 303 -3.92 -9.42 27.16
N ASP C 304 -2.99 -9.44 28.11
CA ASP C 304 -2.78 -8.31 29.00
C ASP C 304 -4.08 -8.02 29.74
N VAL C 305 -4.70 -9.07 30.26
CA VAL C 305 -5.91 -8.93 31.05
C VAL C 305 -5.52 -8.01 32.20
N PHE C 306 -6.18 -6.87 32.35
CA PHE C 306 -5.83 -5.96 33.44
C PHE C 306 -7.01 -5.25 34.08
N VAL C 307 -8.21 -5.56 33.61
CA VAL C 307 -9.43 -5.00 34.18
C VAL C 307 -10.51 -6.09 34.22
N LYS C 308 -11.48 -5.93 35.12
CA LYS C 308 -12.53 -6.92 35.27
C LYS C 308 -13.30 -7.26 34.00
N MSE C 309 -13.63 -6.25 33.20
CA MSE C 309 -14.40 -6.49 31.98
C MSE C 309 -13.69 -7.37 30.97
O MSE C 309 -14.25 -7.72 29.95
CB MSE C 309 -14.80 -5.18 31.32
CG MSE C 309 -13.69 -4.49 30.57
SE MSE C 309 -14.28 -2.73 29.91
CE MSE C 309 -15.67 -3.35 28.67
N MSE C 310 -12.43 -7.73 31.25
CA MSE C 310 -11.70 -8.58 30.32
C MSE C 310 -11.81 -10.05 30.71
O MSE C 310 -11.29 -10.93 30.02
CB MSE C 310 -10.23 -8.13 30.22
CG MSE C 310 -10.01 -6.81 29.48
SE MSE C 310 -8.20 -6.21 29.42
CE MSE C 310 -7.51 -7.42 28.09
N LEU C 311 -12.49 -10.30 31.82
CA LEU C 311 -12.72 -11.67 32.31
C LEU C 311 -14.03 -12.14 31.69
N THR C 312 -14.15 -13.44 31.44
CA THR C 312 -15.38 -13.95 30.81
C THR C 312 -16.61 -13.71 31.67
N ARG C 313 -16.44 -13.73 32.98
CA ARG C 313 -17.57 -13.50 33.89
C ARG C 313 -18.22 -12.15 33.66
N TYR C 314 -17.45 -11.18 33.14
CA TYR C 314 -18.01 -9.87 32.88
C TYR C 314 -18.18 -9.56 31.38
N GLY C 315 -18.27 -10.61 30.58
CA GLY C 315 -18.44 -10.44 29.15
C GLY C 315 -17.15 -10.38 28.36
N GLY C 316 -16.02 -10.48 29.06
CA GLY C 316 -14.72 -10.43 28.42
C GLY C 316 -14.23 -11.73 27.81
N ASN C 317 -13.01 -11.70 27.27
CA ASN C 317 -12.40 -12.86 26.63
C ASN C 317 -11.69 -13.85 27.57
N GLY C 318 -11.34 -13.39 28.76
CA GLY C 318 -10.67 -14.27 29.70
C GLY C 318 -9.21 -14.56 29.35
N TYR C 319 -8.67 -15.63 29.92
CA TYR C 319 -7.27 -16.03 29.67
C TYR C 319 -7.11 -17.18 28.68
N ALA C 320 -8.21 -17.67 28.11
CA ALA C 320 -8.10 -18.78 27.16
C ALA C 320 -8.34 -18.38 25.71
N PHE C 321 -8.61 -17.10 25.50
CA PHE C 321 -8.91 -16.57 24.17
C PHE C 321 -7.81 -16.70 23.12
N VAL C 322 -6.57 -16.35 23.48
CA VAL C 322 -5.46 -16.47 22.54
C VAL C 322 -5.37 -17.91 22.05
N THR C 323 -5.36 -18.85 22.99
CA THR C 323 -5.26 -20.26 22.62
C THR C 323 -6.47 -20.77 21.83
N LYS C 324 -7.67 -20.51 22.34
CA LYS C 324 -8.89 -20.99 21.70
C LYS C 324 -9.32 -20.31 20.41
N HIS C 325 -9.15 -18.99 20.34
CA HIS C 325 -9.60 -18.27 19.16
C HIS C 325 -8.57 -17.57 18.28
N PHE C 326 -7.53 -17.01 18.87
CA PHE C 326 -6.54 -16.32 18.04
C PHE C 326 -5.64 -17.27 17.25
N LEU C 327 -5.24 -18.39 17.85
CA LEU C 327 -4.39 -19.33 17.13
C LEU C 327 -5.09 -19.78 15.84
N PRO C 328 -6.39 -20.15 15.92
CA PRO C 328 -7.10 -20.58 14.72
C PRO C 328 -7.12 -19.44 13.68
N ARG C 329 -7.13 -18.20 14.16
CA ARG C 329 -7.14 -17.04 13.27
C ARG C 329 -5.80 -16.91 12.55
N LEU C 330 -4.71 -17.22 13.25
CA LEU C 330 -3.38 -17.16 12.67
C LEU C 330 -3.29 -18.26 11.61
N ARG C 331 -4.00 -19.35 11.84
CA ARG C 331 -4.04 -20.47 10.89
C ARG C 331 -4.71 -19.95 9.61
N ARG C 332 -5.81 -19.24 9.76
CA ARG C 332 -6.54 -18.72 8.62
C ARG C 332 -5.68 -17.75 7.82
N HIS C 333 -4.74 -17.08 8.49
CA HIS C 333 -3.86 -16.16 7.81
C HIS C 333 -2.64 -16.83 7.17
N GLY C 334 -2.59 -18.16 7.24
CA GLY C 334 -1.48 -18.86 6.62
C GLY C 334 -0.38 -19.43 7.50
N LEU C 335 -0.54 -19.35 8.82
CA LEU C 335 0.47 -19.89 9.73
C LEU C 335 0.19 -21.37 9.96
N ASP C 336 1.23 -22.19 10.08
CA ASP C 336 1.01 -23.61 10.31
C ASP C 336 1.13 -24.00 11.76
N ASP C 337 0.80 -25.26 12.05
CA ASP C 337 0.87 -25.78 13.41
C ASP C 337 2.21 -25.55 14.08
N ALA C 338 3.29 -25.88 13.39
CA ALA C 338 4.63 -25.70 13.93
C ALA C 338 4.83 -24.28 14.41
N ALA C 339 4.34 -23.33 13.62
CA ALA C 339 4.47 -21.92 13.97
C ALA C 339 3.74 -21.61 15.26
N LEU C 340 2.57 -22.23 15.43
CA LEU C 340 1.77 -22.02 16.64
C LEU C 340 2.51 -22.55 17.87
N GLU C 341 3.23 -23.65 17.69
CA GLU C 341 4.00 -24.25 18.79
C GLU C 341 5.13 -23.29 19.16
N THR C 342 5.76 -22.73 18.13
CA THR C 342 6.85 -21.78 18.31
C THR C 342 6.37 -20.55 19.10
N LEU C 343 5.19 -20.08 18.76
CA LEU C 343 4.64 -18.89 19.41
C LEU C 343 4.25 -19.08 20.88
N MSE C 344 3.56 -20.17 21.19
CA MSE C 344 3.10 -20.40 22.55
C MSE C 344 4.03 -21.19 23.46
O MSE C 344 3.88 -21.13 24.69
CB MSE C 344 1.74 -21.10 22.53
CG MSE C 344 0.66 -20.30 21.79
SE MSE C 344 0.47 -18.46 22.38
CE MSE C 344 -0.39 -18.78 24.10
N VAL C 345 4.98 -21.93 22.89
CA VAL C 345 5.88 -22.74 23.70
C VAL C 345 7.36 -22.41 23.53
N THR C 346 7.86 -22.49 22.31
CA THR C 346 9.27 -22.24 22.05
C THR C 346 9.73 -20.80 22.33
N ASN C 347 8.99 -19.81 21.85
CA ASN C 347 9.39 -18.42 22.08
C ASN C 347 9.39 -18.05 23.57
N PRO C 348 8.34 -18.45 24.32
CA PRO C 348 8.35 -18.12 25.74
C PRO C 348 9.59 -18.71 26.39
N ARG C 349 9.92 -19.95 26.03
CA ARG C 349 11.10 -20.60 26.58
C ARG C 349 12.35 -19.80 26.21
N ARG C 350 12.39 -19.32 24.96
CA ARG C 350 13.53 -18.53 24.49
C ARG C 350 13.75 -17.26 25.31
N VAL C 351 12.67 -16.64 25.77
CA VAL C 351 12.78 -15.44 26.58
C VAL C 351 13.61 -15.72 27.83
N PHE C 352 13.39 -16.89 28.43
CA PHE C 352 14.07 -17.29 29.67
C PHE C 352 15.32 -18.16 29.54
N ASP C 353 15.49 -18.80 28.39
CA ASP C 353 16.62 -19.71 28.19
C ASP C 353 17.45 -19.33 26.96
N ALA C 354 18.62 -18.75 27.18
CA ALA C 354 19.49 -18.34 26.08
C ALA C 354 20.13 -19.48 25.30
N SER C 355 19.97 -20.72 25.77
CA SER C 355 20.58 -21.85 25.07
C SER C 355 19.66 -22.40 23.98
N ILE C 356 18.43 -21.92 23.91
CA ILE C 356 17.51 -22.43 22.90
C ILE C 356 17.83 -21.87 21.51
N GLU C 357 18.10 -22.78 20.57
CA GLU C 357 18.42 -22.40 19.20
C GLU C 357 17.36 -21.46 18.61
N GLY C 358 17.77 -20.64 17.64
CA GLY C 358 16.84 -19.73 17.00
C GLY C 358 16.03 -20.41 15.90
N HIS C 359 15.18 -19.64 15.22
CA HIS C 359 14.36 -20.19 14.15
C HIS C 359 14.87 -19.77 12.78
N SER D 2 -44.86 3.48 -15.71
CA SER D 2 -46.29 3.90 -15.68
C SER D 2 -46.50 5.15 -14.83
N LEU D 3 -47.75 5.46 -14.51
CA LEU D 3 -48.06 6.64 -13.71
C LEU D 3 -48.97 6.30 -12.52
N SER D 4 -50.09 5.64 -12.83
CA SER D 4 -51.07 5.27 -11.82
C SER D 4 -50.51 4.37 -10.72
N GLU D 5 -49.36 3.74 -10.94
CA GLU D 5 -48.80 2.86 -9.93
C GLU D 5 -47.75 3.49 -9.04
N LEU D 6 -47.46 4.78 -9.25
CA LEU D 6 -46.47 5.43 -8.41
C LEU D 6 -46.99 5.61 -7.00
N SER D 7 -46.13 5.35 -6.03
CA SER D 7 -46.47 5.53 -4.64
C SER D 7 -46.71 7.02 -4.44
N PRO D 8 -47.60 7.40 -3.51
CA PRO D 8 -47.82 8.82 -3.30
C PRO D 8 -46.50 9.43 -2.84
N CYS D 9 -45.60 8.57 -2.37
CA CYS D 9 -44.30 9.02 -1.88
C CYS D 9 -43.11 8.55 -2.72
N HIS D 10 -43.28 8.52 -4.05
CA HIS D 10 -42.19 8.11 -4.92
C HIS D 10 -41.05 9.13 -4.76
N VAL D 11 -39.88 8.80 -5.30
CA VAL D 11 -38.70 9.67 -5.16
C VAL D 11 -38.78 11.07 -5.76
N ARG D 12 -39.81 11.34 -6.54
CA ARG D 12 -39.95 12.66 -7.13
C ARG D 12 -41.20 13.35 -6.61
N SER D 13 -41.70 12.83 -5.49
CA SER D 13 -42.89 13.36 -4.86
C SER D 13 -42.57 14.37 -3.77
N GLY D 14 -41.38 14.24 -3.18
CA GLY D 14 -40.99 15.13 -2.11
C GLY D 14 -41.54 14.63 -0.78
N ARG D 15 -42.15 13.46 -0.79
CA ARG D 15 -42.74 12.88 0.41
C ARG D 15 -42.11 11.52 0.67
N ILE D 16 -42.29 11.01 1.89
CA ILE D 16 -41.77 9.71 2.29
C ILE D 16 -42.88 8.91 2.98
N MSE D 17 -43.04 7.65 2.61
CA MSE D 17 -44.08 6.83 3.20
C MSE D 17 -43.65 6.09 4.47
O MSE D 17 -42.82 5.17 4.41
CB MSE D 17 -44.61 5.81 2.18
CG MSE D 17 -45.85 5.03 2.67
SE MSE D 17 -47.45 6.06 3.05
CE MSE D 17 -47.99 6.30 1.21
N THR D 18 -44.20 6.50 5.62
CA THR D 18 -43.88 5.86 6.90
C THR D 18 -45.04 4.92 7.24
N VAL D 19 -44.88 4.08 8.26
CA VAL D 19 -45.95 3.16 8.64
C VAL D 19 -47.18 3.93 9.15
N ASP D 20 -46.99 5.20 9.45
CA ASP D 20 -48.08 6.05 9.93
C ASP D 20 -48.52 7.05 8.85
N GLY D 21 -48.13 6.81 7.61
CA GLY D 21 -48.53 7.72 6.55
C GLY D 21 -47.41 8.55 5.95
N PRO D 22 -47.73 9.36 4.94
CA PRO D 22 -46.74 10.21 4.27
C PRO D 22 -46.26 11.37 5.12
N ILE D 23 -45.01 11.77 4.91
CA ILE D 23 -44.45 12.91 5.59
C ILE D 23 -43.58 13.63 4.58
N PRO D 24 -43.35 14.94 4.78
CA PRO D 24 -42.51 15.64 3.83
C PRO D 24 -41.09 15.09 4.00
N SER D 25 -40.31 15.05 2.93
CA SER D 25 -38.94 14.50 3.00
C SER D 25 -38.10 15.25 4.03
N SER D 26 -38.40 16.54 4.23
CA SER D 26 -37.68 17.38 5.18
C SER D 26 -37.89 16.96 6.62
N ALA D 27 -38.93 16.18 6.87
CA ALA D 27 -39.27 15.74 8.21
C ALA D 27 -38.53 14.47 8.65
N LEU D 28 -37.86 13.83 7.70
CA LEU D 28 -37.13 12.59 7.99
C LEU D 28 -36.05 12.84 9.05
N GLY D 29 -35.31 13.94 8.89
CA GLY D 29 -34.28 14.28 9.85
C GLY D 29 -33.17 13.27 10.07
N HIS D 30 -32.57 13.32 11.25
CA HIS D 30 -31.47 12.42 11.64
C HIS D 30 -32.01 10.99 11.55
N THR D 31 -31.44 10.21 10.64
CA THR D 31 -31.93 8.86 10.35
C THR D 31 -30.95 7.70 10.35
N LEU D 32 -31.48 6.51 10.65
CA LEU D 32 -30.73 5.27 10.59
C LEU D 32 -31.41 4.55 9.42
N MSE D 33 -30.66 4.39 8.33
CA MSE D 33 -31.14 3.79 7.09
C MSE D 33 -31.37 2.29 7.03
O MSE D 33 -32.04 1.79 6.12
CB MSE D 33 -30.19 4.18 5.94
CG MSE D 33 -30.33 5.65 5.47
SE MSE D 33 -32.01 6.05 4.67
CE MSE D 33 -32.21 4.48 3.56
N HIS D 34 -30.82 1.56 8.00
CA HIS D 34 -30.93 0.11 7.98
C HIS D 34 -30.85 -0.51 9.37
N GLU D 35 -32.02 -0.81 9.94
CA GLU D 35 -32.09 -1.42 11.27
C GLU D 35 -33.29 -2.36 11.34
N HIS D 36 -33.15 -3.42 12.12
CA HIS D 36 -34.24 -4.37 12.30
C HIS D 36 -34.72 -4.13 13.73
N LEU D 37 -36.02 -3.88 13.86
CA LEU D 37 -36.61 -3.62 15.17
C LEU D 37 -37.19 -4.92 15.73
N GLN D 38 -37.68 -5.77 14.83
CA GLN D 38 -38.23 -7.08 15.16
C GLN D 38 -37.88 -7.95 13.94
N ASN D 39 -37.55 -9.22 14.17
CA ASN D 39 -37.24 -10.11 13.06
C ASN D 39 -37.14 -11.55 13.55
N ASP D 40 -36.84 -12.45 12.61
CA ASP D 40 -36.72 -13.87 12.91
C ASP D 40 -35.61 -14.45 12.04
N CYS D 41 -34.49 -14.83 12.66
CA CYS D 41 -33.35 -15.38 11.92
C CYS D 41 -33.09 -16.85 12.27
N ARG D 42 -34.13 -17.55 12.67
CA ARG D 42 -33.99 -18.95 13.04
C ARG D 42 -33.41 -19.81 11.92
N CYS D 43 -33.75 -19.49 10.68
CA CYS D 43 -33.27 -20.24 9.53
C CYS D 43 -31.75 -20.19 9.39
N TRP D 44 -31.10 -19.34 10.18
CA TRP D 44 -29.64 -19.21 10.10
C TRP D 44 -28.92 -19.75 11.34
N TRP D 45 -29.65 -20.49 12.17
CA TRP D 45 -29.06 -21.06 13.36
C TRP D 45 -27.93 -22.01 12.94
N ASN D 46 -26.79 -21.85 13.58
CA ASN D 46 -25.61 -22.65 13.30
C ASN D 46 -25.39 -23.65 14.43
N PRO D 47 -25.98 -24.85 14.32
CA PRO D 47 -25.88 -25.91 15.33
C PRO D 47 -24.46 -26.19 15.80
N PRO D 48 -24.26 -26.31 17.13
CA PRO D 48 -22.93 -26.58 17.65
C PRO D 48 -22.50 -28.03 17.35
N GLN D 49 -21.43 -28.16 16.57
CA GLN D 49 -20.89 -29.47 16.19
C GLN D 49 -20.39 -30.23 17.42
N GLU D 50 -19.46 -29.62 18.16
CA GLU D 50 -18.90 -30.23 19.35
C GLU D 50 -19.89 -30.25 20.51
N PRO D 51 -20.04 -31.41 21.17
CA PRO D 51 -20.97 -31.53 22.31
C PRO D 51 -20.50 -30.67 23.48
N GLU D 52 -19.35 -30.04 23.32
CA GLU D 52 -18.77 -29.19 24.33
C GLU D 52 -19.33 -27.77 24.21
N ARG D 53 -19.88 -27.45 23.04
CA ARG D 53 -20.45 -26.14 22.79
C ARG D 53 -21.97 -26.19 22.78
N GLN D 54 -22.53 -27.34 23.16
CA GLN D 54 -23.97 -27.52 23.19
C GLN D 54 -24.69 -26.50 24.07
N TYR D 55 -24.05 -26.10 25.15
CA TYR D 55 -24.67 -25.14 26.05
C TYR D 55 -24.88 -23.80 25.35
N LEU D 56 -23.96 -23.45 24.46
CA LEU D 56 -24.06 -22.18 23.72
C LEU D 56 -25.27 -22.10 22.80
N ALA D 57 -25.94 -23.24 22.60
CA ALA D 57 -27.09 -23.28 21.71
C ALA D 57 -28.44 -23.09 22.42
N GLU D 58 -28.67 -23.82 23.50
CA GLU D 58 -29.93 -23.73 24.24
C GLU D 58 -29.96 -22.73 25.38
N ALA D 59 -28.80 -22.22 25.77
CA ALA D 59 -28.74 -21.28 26.87
C ALA D 59 -29.15 -19.88 26.45
N PRO D 60 -29.75 -19.12 27.36
CA PRO D 60 -30.16 -17.76 27.01
C PRO D 60 -28.91 -16.89 27.01
N ILE D 61 -28.98 -15.72 26.39
CA ILE D 61 -27.83 -14.85 26.37
C ILE D 61 -27.60 -14.35 27.80
N SER D 62 -26.35 -14.40 28.27
CA SER D 62 -26.00 -13.90 29.59
C SER D 62 -24.58 -13.35 29.48
N ILE D 63 -24.24 -12.41 30.35
CA ILE D 63 -22.93 -11.79 30.30
C ILE D 63 -21.74 -12.76 30.31
N GLU D 64 -21.90 -13.92 30.93
CA GLU D 64 -20.81 -14.90 31.02
C GLU D 64 -20.39 -15.61 29.75
N ILE D 65 -21.25 -15.59 28.73
CA ILE D 65 -20.95 -16.28 27.48
C ILE D 65 -20.86 -15.34 26.28
N LEU D 66 -20.76 -14.04 26.54
CA LEU D 66 -20.70 -13.10 25.44
C LEU D 66 -19.47 -13.26 24.55
N SER D 67 -18.34 -13.63 25.12
CA SER D 67 -17.13 -13.80 24.33
C SER D 67 -17.34 -14.90 23.29
N GLU D 68 -17.82 -16.05 23.72
CA GLU D 68 -18.04 -17.16 22.80
C GLU D 68 -19.05 -16.78 21.72
N LEU D 69 -20.14 -16.15 22.12
CA LEU D 69 -21.16 -15.74 21.16
C LEU D 69 -20.61 -14.81 20.08
N ARG D 70 -19.67 -13.94 20.45
CA ARG D 70 -19.09 -13.02 19.48
C ARG D 70 -18.27 -13.74 18.41
N GLN D 71 -17.87 -14.99 18.70
CA GLN D 71 -17.08 -15.75 17.75
C GLN D 71 -17.96 -16.67 16.92
N ASP D 72 -19.27 -16.64 17.16
CA ASP D 72 -20.22 -17.49 16.44
C ASP D 72 -21.64 -17.13 16.90
N PRO D 73 -22.09 -15.92 16.56
CA PRO D 73 -23.42 -15.38 16.90
C PRO D 73 -24.59 -16.31 16.63
N PHE D 74 -24.55 -16.98 15.48
CA PHE D 74 -25.63 -17.87 15.08
C PHE D 74 -25.72 -19.21 15.78
N VAL D 75 -24.80 -19.48 16.71
CA VAL D 75 -24.83 -20.75 17.43
C VAL D 75 -25.92 -20.74 18.51
N ASN D 76 -26.28 -19.53 18.96
CA ASN D 76 -27.26 -19.35 20.01
C ASN D 76 -28.68 -19.07 19.53
N LYS D 77 -29.60 -19.96 19.89
CA LYS D 77 -31.01 -19.84 19.49
C LYS D 77 -31.72 -18.61 20.04
N HIS D 78 -31.45 -18.29 21.30
CA HIS D 78 -32.08 -17.13 21.94
C HIS D 78 -31.67 -15.83 21.24
N ASN D 79 -30.44 -15.79 20.77
CA ASN D 79 -29.90 -14.62 20.11
C ASN D 79 -30.50 -14.27 18.75
N ILE D 80 -30.84 -15.29 17.95
CA ILE D 80 -31.34 -15.06 16.60
C ILE D 80 -32.80 -14.70 16.34
N ALA D 81 -33.35 -13.80 17.15
CA ALA D 81 -34.71 -13.34 16.95
C ALA D 81 -34.98 -12.13 17.83
N LEU D 82 -35.30 -11.00 17.19
CA LEU D 82 -35.64 -9.78 17.93
C LEU D 82 -37.16 -9.90 18.08
N ASP D 83 -37.60 -10.36 19.24
CA ASP D 83 -39.02 -10.59 19.49
C ASP D 83 -39.63 -9.94 20.73
N ASP D 84 -38.90 -9.08 21.41
CA ASP D 84 -39.42 -8.39 22.58
C ASP D 84 -39.69 -6.94 22.20
N LEU D 85 -40.97 -6.62 21.99
CA LEU D 85 -41.36 -5.28 21.59
C LEU D 85 -41.01 -4.20 22.62
N ASP D 86 -41.23 -4.50 23.88
CA ASP D 86 -40.94 -3.54 24.94
C ASP D 86 -39.46 -3.17 24.93
N LEU D 87 -38.60 -4.18 24.74
CA LEU D 87 -37.16 -3.93 24.69
C LEU D 87 -36.83 -3.13 23.42
N ALA D 88 -37.50 -3.46 22.32
CA ALA D 88 -37.27 -2.74 21.09
C ALA D 88 -37.56 -1.27 21.32
N ILE D 89 -38.68 -1.00 21.99
CA ILE D 89 -39.10 0.36 22.28
C ILE D 89 -38.08 1.10 23.15
N ALA D 90 -37.59 0.45 24.20
CA ALA D 90 -36.61 1.07 25.08
C ALA D 90 -35.32 1.37 24.30
N GLU D 91 -34.84 0.37 23.57
CA GLU D 91 -33.61 0.54 22.79
C GLU D 91 -33.73 1.67 21.77
N VAL D 92 -34.87 1.75 21.10
CA VAL D 92 -35.09 2.82 20.11
C VAL D 92 -35.13 4.21 20.76
N LYS D 93 -35.65 4.30 21.97
CA LYS D 93 -35.70 5.58 22.68
C LYS D 93 -34.30 6.15 22.90
N GLN D 94 -33.31 5.28 23.01
CA GLN D 94 -31.94 5.73 23.20
C GLN D 94 -31.52 6.54 21.98
N PHE D 95 -31.95 6.09 20.81
CA PHE D 95 -31.64 6.79 19.57
C PHE D 95 -32.34 8.15 19.55
N ALA D 96 -33.61 8.17 19.93
CA ALA D 96 -34.40 9.41 19.95
C ALA D 96 -33.80 10.40 20.95
N ALA D 97 -33.23 9.87 22.03
CA ALA D 97 -32.63 10.68 23.08
C ALA D 97 -31.42 11.45 22.60
N VAL D 98 -30.77 10.97 21.55
CA VAL D 98 -29.60 11.66 21.01
C VAL D 98 -29.88 12.36 19.69
N GLY D 99 -31.16 12.65 19.44
CA GLY D 99 -31.52 13.35 18.22
C GLY D 99 -32.11 12.50 17.12
N GLY D 100 -32.17 11.19 17.33
CA GLY D 100 -32.73 10.31 16.32
C GLY D 100 -34.17 10.65 15.98
N ARG D 101 -34.47 10.73 14.68
CA ARG D 101 -35.80 11.09 14.24
C ARG D 101 -36.52 9.98 13.45
N SER D 102 -35.78 9.24 12.64
CA SER D 102 -36.40 8.19 11.83
C SER D 102 -35.53 6.95 11.68
N ILE D 103 -36.18 5.81 11.47
CA ILE D 103 -35.48 4.57 11.27
C ILE D 103 -36.08 3.84 10.06
N VAL D 104 -35.24 3.32 9.19
CA VAL D 104 -35.71 2.56 8.04
C VAL D 104 -35.50 1.09 8.38
N ASP D 105 -36.60 0.34 8.48
CA ASP D 105 -36.55 -1.07 8.81
C ASP D 105 -36.79 -1.90 7.56
N PRO D 106 -35.72 -2.47 6.98
CA PRO D 106 -35.81 -3.28 5.77
C PRO D 106 -36.20 -4.74 5.98
N THR D 107 -36.71 -5.08 7.16
CA THR D 107 -37.13 -6.45 7.40
C THR D 107 -38.21 -6.75 6.37
N CYS D 108 -37.99 -7.76 5.55
CA CYS D 108 -38.98 -8.07 4.54
C CYS D 108 -39.63 -9.44 4.72
N ARG D 109 -40.17 -9.98 3.63
CA ARG D 109 -40.83 -11.28 3.68
C ARG D 109 -39.86 -12.39 3.95
N GLY D 110 -40.20 -13.23 4.91
CA GLY D 110 -39.34 -14.34 5.26
C GLY D 110 -38.55 -14.13 6.52
N ILE D 111 -38.26 -12.87 6.84
CA ILE D 111 -37.48 -12.58 8.06
C ILE D 111 -38.27 -11.89 9.17
N GLY D 112 -39.60 -11.91 9.09
CA GLY D 112 -40.42 -11.35 10.16
C GLY D 112 -40.98 -9.94 10.10
N ARG D 113 -41.20 -9.40 8.91
CA ARG D 113 -41.77 -8.05 8.81
C ARG D 113 -43.16 -8.03 9.46
N ASP D 114 -43.44 -7.00 10.24
CA ASP D 114 -44.73 -6.89 10.91
C ASP D 114 -45.14 -5.43 11.12
N PRO D 115 -45.99 -4.88 10.23
CA PRO D 115 -46.45 -3.49 10.33
C PRO D 115 -47.13 -3.09 11.64
N VAL D 116 -47.82 -4.03 12.27
CA VAL D 116 -48.50 -3.77 13.53
C VAL D 116 -47.50 -3.41 14.62
N LYS D 117 -46.43 -4.21 14.70
CA LYS D 117 -45.40 -3.99 15.71
C LYS D 117 -44.62 -2.71 15.41
N LEU D 118 -44.41 -2.42 14.13
CA LEU D 118 -43.69 -1.20 13.77
C LEU D 118 -44.51 0.00 14.23
N ARG D 119 -45.81 -0.04 13.98
CA ARG D 119 -46.68 1.06 14.38
C ARG D 119 -46.68 1.25 15.89
N ARG D 120 -46.57 0.15 16.64
CA ARG D 120 -46.55 0.30 18.08
C ARG D 120 -45.25 0.99 18.50
N ILE D 121 -44.14 0.58 17.90
CA ILE D 121 -42.84 1.18 18.20
C ILE D 121 -42.79 2.66 17.86
N SER D 122 -43.32 3.03 16.69
CA SER D 122 -43.31 4.44 16.30
C SER D 122 -44.23 5.22 17.23
N ALA D 123 -45.33 4.61 17.63
CA ALA D 123 -46.28 5.28 18.51
C ALA D 123 -45.64 5.58 19.86
N GLU D 124 -45.06 4.56 20.49
CA GLU D 124 -44.46 4.73 21.80
C GLU D 124 -43.09 5.39 21.87
N THR D 125 -42.38 5.48 20.74
CA THR D 125 -41.06 6.13 20.76
C THR D 125 -41.09 7.51 20.13
N GLY D 126 -42.03 7.75 19.24
CA GLY D 126 -42.12 9.04 18.57
C GLY D 126 -41.16 9.09 17.39
N VAL D 127 -40.51 7.96 17.13
CA VAL D 127 -39.57 7.85 16.02
C VAL D 127 -40.31 7.38 14.77
N GLN D 128 -40.09 8.06 13.67
CA GLN D 128 -40.77 7.71 12.44
C GLN D 128 -40.13 6.45 11.87
N VAL D 129 -40.98 5.52 11.42
CA VAL D 129 -40.50 4.28 10.86
C VAL D 129 -40.95 4.04 9.42
N VAL D 130 -39.99 3.72 8.55
CA VAL D 130 -40.26 3.44 7.14
C VAL D 130 -40.10 1.93 6.97
N MSE D 131 -41.12 1.27 6.43
CA MSE D 131 -41.11 -0.17 6.25
C MSE D 131 -40.72 -0.66 4.85
O MSE D 131 -41.12 -0.07 3.85
CB MSE D 131 -42.48 -0.72 6.64
CG MSE D 131 -42.75 -2.21 6.37
SE MSE D 131 -44.48 -2.71 6.99
CE MSE D 131 -45.57 -1.76 5.78
N GLY D 132 -39.93 -1.72 4.80
CA GLY D 132 -39.48 -2.27 3.53
C GLY D 132 -40.38 -3.34 2.95
N ALA D 133 -39.87 -4.09 1.98
CA ALA D 133 -40.66 -5.13 1.33
C ALA D 133 -39.83 -5.99 0.39
N GLY D 134 -40.46 -7.01 -0.19
CA GLY D 134 -39.78 -7.91 -1.10
C GLY D 134 -39.32 -9.20 -0.44
N TYR D 135 -38.50 -9.97 -1.15
CA TYR D 135 -37.99 -11.23 -0.63
C TYR D 135 -36.51 -11.19 -0.29
N TYR D 136 -36.15 -11.91 0.78
CA TYR D 136 -34.77 -11.96 1.24
C TYR D 136 -34.01 -13.11 0.58
N LEU D 137 -32.98 -13.61 1.26
CA LEU D 137 -32.19 -14.71 0.71
C LEU D 137 -33.03 -15.97 0.49
N ALA D 138 -32.62 -16.78 -0.49
CA ALA D 138 -33.33 -18.00 -0.84
C ALA D 138 -33.82 -18.87 0.32
N SER D 139 -32.92 -19.23 1.23
CA SER D 139 -33.28 -20.08 2.37
C SER D 139 -34.39 -19.55 3.27
N SER D 140 -34.68 -18.25 3.17
CA SER D 140 -35.73 -17.65 3.99
C SER D 140 -37.04 -17.51 3.25
N MSE D 141 -37.02 -17.73 1.93
CA MSE D 141 -38.22 -17.60 1.12
C MSE D 141 -39.26 -18.68 1.42
O MSE D 141 -38.91 -19.85 1.56
CB MSE D 141 -37.87 -17.62 -0.37
CG MSE D 141 -37.02 -16.42 -0.83
SE MSE D 141 -36.56 -16.49 -2.74
CE MSE D 141 -34.98 -15.37 -2.81
N PRO D 142 -40.54 -18.29 1.52
CA PRO D 142 -41.61 -19.26 1.80
C PRO D 142 -41.83 -20.12 0.56
N GLU D 143 -42.27 -21.36 0.75
CA GLU D 143 -42.49 -22.27 -0.37
C GLU D 143 -43.37 -21.67 -1.46
N THR D 144 -44.20 -20.69 -1.10
CA THR D 144 -45.09 -20.05 -2.06
C THR D 144 -44.35 -19.13 -3.03
N ALA D 145 -43.12 -18.77 -2.71
CA ALA D 145 -42.33 -17.89 -3.57
C ALA D 145 -41.91 -18.56 -4.87
N ALA D 146 -41.81 -19.89 -4.84
CA ALA D 146 -41.40 -20.67 -6.01
C ALA D 146 -42.36 -20.49 -7.19
N ARG D 147 -43.65 -20.38 -6.90
CA ARG D 147 -44.66 -20.22 -7.94
C ARG D 147 -44.67 -18.83 -8.56
N LEU D 148 -44.13 -17.85 -7.84
CA LEU D 148 -44.14 -16.47 -8.31
C LEU D 148 -43.16 -16.12 -9.42
N SER D 149 -43.64 -15.34 -10.38
CA SER D 149 -42.80 -14.90 -11.48
C SER D 149 -42.23 -13.56 -10.99
N ALA D 150 -41.24 -13.02 -11.68
CA ALA D 150 -40.66 -11.74 -11.29
C ALA D 150 -41.80 -10.71 -11.26
N ASP D 151 -42.64 -10.74 -12.30
CA ASP D 151 -43.76 -9.81 -12.37
C ASP D 151 -44.74 -10.00 -11.21
N ASP D 152 -44.96 -11.24 -10.79
CA ASP D 152 -45.87 -11.48 -9.66
C ASP D 152 -45.27 -10.82 -8.41
N ILE D 153 -43.96 -10.94 -8.26
CA ILE D 153 -43.28 -10.34 -7.12
C ILE D 153 -43.38 -8.84 -7.20
N ALA D 154 -43.27 -8.29 -8.40
CA ALA D 154 -43.38 -6.85 -8.57
C ALA D 154 -44.79 -6.41 -8.21
N ASP D 155 -45.79 -7.18 -8.63
CA ASP D 155 -47.19 -6.87 -8.33
C ASP D 155 -47.44 -6.81 -6.83
N GLU D 156 -46.88 -7.76 -6.08
CA GLU D 156 -47.06 -7.80 -4.63
C GLU D 156 -46.50 -6.53 -4.02
N ILE D 157 -45.32 -6.14 -4.47
CA ILE D 157 -44.67 -4.95 -3.96
C ILE D 157 -45.50 -3.72 -4.29
N VAL D 158 -46.04 -3.66 -5.51
CA VAL D 158 -46.87 -2.52 -5.91
C VAL D 158 -48.11 -2.39 -5.02
N ALA D 159 -48.72 -3.53 -4.69
CA ALA D 159 -49.92 -3.52 -3.85
C ALA D 159 -49.64 -3.00 -2.44
N GLU D 160 -48.45 -3.31 -1.91
CA GLU D 160 -48.09 -2.87 -0.56
C GLU D 160 -47.72 -1.39 -0.55
N ALA D 161 -47.33 -0.87 -1.71
CA ALA D 161 -46.98 0.53 -1.81
C ALA D 161 -48.23 1.39 -1.96
N LEU D 162 -49.27 0.84 -2.59
CA LEU D 162 -50.50 1.60 -2.81
C LEU D 162 -51.70 1.29 -1.94
N GLU D 163 -51.89 0.04 -1.56
CA GLU D 163 -53.06 -0.28 -0.74
C GLU D 163 -52.83 -0.71 0.70
N GLY D 164 -51.91 -1.63 0.92
CA GLY D 164 -51.66 -2.06 2.28
C GLY D 164 -50.71 -3.23 2.38
N THR D 165 -50.27 -3.53 3.60
CA THR D 165 -49.34 -4.62 3.87
C THR D 165 -49.77 -5.56 4.99
N ASP D 166 -49.62 -6.85 4.75
CA ASP D 166 -49.93 -7.87 5.74
C ASP D 166 -51.28 -7.67 6.43
N GLY D 167 -52.32 -7.45 5.64
CA GLY D 167 -53.65 -7.26 6.20
C GLY D 167 -53.93 -5.93 6.88
N THR D 168 -53.04 -4.95 6.72
CA THR D 168 -53.26 -3.64 7.32
C THR D 168 -53.22 -2.59 6.22
N ASP D 169 -53.45 -1.34 6.59
CA ASP D 169 -53.41 -0.27 5.60
C ASP D 169 -52.06 0.43 5.62
N ALA D 170 -51.09 -0.17 6.29
CA ALA D 170 -49.74 0.40 6.35
C ALA D 170 -49.10 0.14 4.99
N ARG D 171 -48.56 1.19 4.40
CA ARG D 171 -47.91 1.09 3.10
C ARG D 171 -46.39 1.19 3.25
N ILE D 172 -45.67 0.52 2.36
CA ILE D 172 -44.21 0.52 2.38
C ILE D 172 -43.67 1.84 1.84
N GLY D 173 -42.45 2.18 2.23
CA GLY D 173 -41.83 3.41 1.75
C GLY D 173 -40.49 3.12 1.10
N LEU D 174 -40.15 1.85 1.00
CA LEU D 174 -38.91 1.43 0.40
C LEU D 174 -39.05 -0.02 -0.03
N ILE D 175 -38.32 -0.39 -1.08
CA ILE D 175 -38.36 -1.75 -1.58
C ILE D 175 -37.02 -2.33 -1.17
N GLY D 176 -37.02 -3.32 -0.29
CA GLY D 176 -35.71 -3.80 0.04
C GLY D 176 -35.25 -4.62 1.19
N GLU D 177 -33.96 -4.90 1.04
CA GLU D 177 -33.14 -5.76 1.84
C GLU D 177 -33.56 -6.95 1.00
N ILE D 178 -33.44 -6.77 -0.32
CA ILE D 178 -33.72 -7.82 -1.29
C ILE D 178 -32.48 -8.68 -1.22
N GLY D 179 -32.68 -9.96 -0.94
CA GLY D 179 -31.55 -10.85 -0.78
C GLY D 179 -30.81 -11.37 -2.00
N VAL D 180 -29.49 -11.19 -1.96
CA VAL D 180 -28.61 -11.66 -3.01
C VAL D 180 -27.49 -12.42 -2.28
N SER D 181 -27.44 -13.74 -2.42
CA SER D 181 -26.41 -14.53 -1.75
C SER D 181 -25.13 -14.55 -2.58
N SER D 182 -24.05 -15.08 -2.02
CA SER D 182 -22.79 -15.15 -2.73
C SER D 182 -22.97 -16.01 -3.98
N ASP D 183 -23.97 -16.90 -3.94
CA ASP D 183 -24.27 -17.77 -5.06
C ASP D 183 -25.16 -17.10 -6.10
N PHE D 184 -25.90 -16.08 -5.67
CA PHE D 184 -26.79 -15.33 -6.57
C PHE D 184 -27.63 -16.31 -7.37
N THR D 185 -28.41 -17.13 -6.65
CA THR D 185 -29.26 -18.15 -7.27
C THR D 185 -30.29 -17.61 -8.25
N ALA D 186 -30.88 -18.51 -9.03
CA ALA D 186 -31.88 -18.13 -10.01
C ALA D 186 -33.08 -17.48 -9.32
N GLU D 187 -33.38 -17.97 -8.11
CA GLU D 187 -34.51 -17.45 -7.34
C GLU D 187 -34.23 -16.03 -6.86
N GLU D 188 -33.01 -15.79 -6.40
CA GLU D 188 -32.63 -14.47 -5.92
C GLU D 188 -32.63 -13.48 -7.09
N GLU D 189 -32.26 -13.97 -8.27
CA GLU D 189 -32.24 -13.12 -9.46
C GLU D 189 -33.67 -12.73 -9.81
N LYS D 190 -34.57 -13.71 -9.79
CA LYS D 190 -35.97 -13.47 -10.09
C LYS D 190 -36.49 -12.44 -9.09
N SER D 191 -36.13 -12.63 -7.83
CA SER D 191 -36.55 -11.73 -6.75
C SER D 191 -36.07 -10.31 -7.02
N LEU D 192 -34.79 -10.18 -7.36
CA LEU D 192 -34.20 -8.88 -7.61
C LEU D 192 -34.82 -8.20 -8.84
N ARG D 193 -35.12 -8.98 -9.89
CA ARG D 193 -35.74 -8.41 -11.09
C ARG D 193 -37.14 -7.91 -10.75
N GLY D 194 -37.85 -8.68 -9.93
CA GLY D 194 -39.18 -8.27 -9.53
C GLY D 194 -39.11 -6.98 -8.72
N ALA D 195 -38.08 -6.86 -7.90
CA ALA D 195 -37.91 -5.67 -7.08
C ALA D 195 -37.60 -4.46 -7.96
N ALA D 196 -36.71 -4.64 -8.93
CA ALA D 196 -36.33 -3.56 -9.83
C ALA D 196 -37.52 -3.09 -10.65
N ARG D 197 -38.37 -4.03 -11.07
CA ARG D 197 -39.55 -3.66 -11.84
C ARG D 197 -40.52 -2.90 -10.95
N ALA D 198 -40.58 -3.27 -9.67
CA ALA D 198 -41.46 -2.56 -8.75
C ALA D 198 -40.89 -1.16 -8.50
N GLN D 199 -39.57 -1.03 -8.56
CA GLN D 199 -38.91 0.26 -8.36
C GLN D 199 -39.36 1.20 -9.47
N VAL D 200 -39.40 0.69 -10.70
CA VAL D 200 -39.83 1.49 -11.83
C VAL D 200 -41.32 1.88 -11.69
N ARG D 201 -42.14 0.90 -11.32
CA ARG D 201 -43.57 1.12 -11.20
C ARG D 201 -44.03 1.96 -10.00
N THR D 202 -43.43 1.75 -8.84
CA THR D 202 -43.84 2.52 -7.66
C THR D 202 -43.01 3.79 -7.48
N GLY D 203 -41.82 3.82 -8.05
CA GLY D 203 -40.97 4.98 -7.90
C GLY D 203 -40.32 5.09 -6.51
N LEU D 204 -40.38 4.02 -5.72
CA LEU D 204 -39.77 4.02 -4.38
C LEU D 204 -38.29 3.63 -4.44
N PRO D 205 -37.51 3.97 -3.40
CA PRO D 205 -36.08 3.63 -3.38
C PRO D 205 -35.97 2.10 -3.35
N LEU D 206 -34.82 1.59 -3.79
CA LEU D 206 -34.58 0.15 -3.84
C LEU D 206 -33.35 -0.16 -2.99
N MSE D 207 -33.44 -1.16 -2.12
CA MSE D 207 -32.31 -1.51 -1.26
C MSE D 207 -31.99 -2.98 -1.40
O MSE D 207 -32.85 -3.85 -1.20
CB MSE D 207 -32.64 -1.16 0.20
CG MSE D 207 -31.54 -1.50 1.23
SE MSE D 207 -32.06 -1.11 3.04
CE MSE D 207 -31.96 0.79 2.95
N VAL D 208 -30.74 -3.25 -1.74
CA VAL D 208 -30.29 -4.61 -1.98
C VAL D 208 -29.24 -5.13 -0.99
N HIS D 209 -29.54 -6.29 -0.43
CA HIS D 209 -28.63 -6.96 0.49
C HIS D 209 -27.52 -7.58 -0.34
N LEU D 210 -26.27 -7.32 0.02
CA LEU D 210 -25.15 -7.88 -0.70
C LEU D 210 -24.34 -8.77 0.22
N PRO D 211 -23.67 -9.78 -0.36
CA PRO D 211 -22.84 -10.67 0.46
C PRO D 211 -21.56 -9.84 0.56
N GLY D 212 -21.48 -9.05 1.63
CA GLY D 212 -20.38 -8.13 1.85
C GLY D 212 -18.94 -8.55 1.67
N TRP D 213 -18.64 -9.82 1.85
CA TRP D 213 -17.27 -10.30 1.70
C TRP D 213 -16.98 -10.77 0.28
N PHE D 214 -17.92 -10.51 -0.62
CA PHE D 214 -17.76 -10.86 -2.02
C PHE D 214 -17.82 -9.58 -2.83
N ARG D 215 -17.78 -9.68 -4.15
CA ARG D 215 -17.81 -8.49 -4.98
C ARG D 215 -18.83 -8.59 -6.12
N LEU D 216 -20.10 -8.74 -5.77
CA LEU D 216 -21.18 -8.88 -6.74
C LEU D 216 -21.92 -7.57 -7.04
N ALA D 217 -21.54 -6.47 -6.37
CA ALA D 217 -22.21 -5.19 -6.54
C ALA D 217 -22.44 -4.70 -7.97
N HIS D 218 -21.42 -4.78 -8.83
CA HIS D 218 -21.59 -4.33 -10.21
C HIS D 218 -22.57 -5.19 -10.99
N ARG D 219 -22.56 -6.49 -10.71
CA ARG D 219 -23.49 -7.41 -11.37
C ARG D 219 -24.89 -7.03 -10.91
N VAL D 220 -25.03 -6.71 -9.63
CA VAL D 220 -26.32 -6.30 -9.09
C VAL D 220 -26.80 -5.03 -9.80
N LEU D 221 -25.94 -4.02 -9.91
CA LEU D 221 -26.35 -2.78 -10.57
C LEU D 221 -26.65 -3.00 -12.04
N ASP D 222 -25.92 -3.90 -12.69
CA ASP D 222 -26.15 -4.19 -14.11
C ASP D 222 -27.58 -4.67 -14.31
N LEU D 223 -28.00 -5.58 -13.45
CA LEU D 223 -29.34 -6.12 -13.52
C LEU D 223 -30.38 -5.05 -13.18
N VAL D 224 -30.16 -4.31 -12.11
CA VAL D 224 -31.09 -3.25 -11.73
C VAL D 224 -31.23 -2.26 -12.88
N GLU D 225 -30.11 -1.93 -13.50
CA GLU D 225 -30.08 -0.99 -14.61
C GLU D 225 -30.80 -1.51 -15.86
N GLU D 226 -30.57 -2.76 -16.22
CA GLU D 226 -31.22 -3.31 -17.41
C GLU D 226 -32.72 -3.47 -17.23
N GLU D 227 -33.16 -3.56 -15.97
CA GLU D 227 -34.58 -3.67 -15.69
C GLU D 227 -35.22 -2.29 -15.68
N GLY D 228 -34.42 -1.28 -16.03
CA GLY D 228 -34.92 0.08 -16.10
C GLY D 228 -35.00 0.87 -14.81
N ALA D 229 -34.49 0.31 -13.71
CA ALA D 229 -34.57 1.00 -12.42
C ALA D 229 -33.57 2.15 -12.27
N ASP D 230 -33.85 3.01 -11.30
CA ASP D 230 -33.03 4.20 -11.01
C ASP D 230 -31.86 3.91 -10.08
N LEU D 231 -30.65 3.87 -10.63
CA LEU D 231 -29.48 3.60 -9.79
C LEU D 231 -29.24 4.66 -8.72
N ARG D 232 -29.64 5.90 -8.99
CA ARG D 232 -29.43 6.96 -8.01
C ARG D 232 -30.32 6.89 -6.78
N HIS D 233 -31.20 5.89 -6.75
CA HIS D 233 -32.07 5.69 -5.61
C HIS D 233 -32.06 4.20 -5.26
N THR D 234 -30.91 3.59 -5.54
CA THR D 234 -30.65 2.20 -5.25
C THR D 234 -29.57 2.17 -4.17
N VAL D 235 -29.81 1.41 -3.10
CA VAL D 235 -28.87 1.33 -1.99
C VAL D 235 -28.18 -0.04 -1.91
N LEU D 236 -26.85 -0.03 -1.89
CA LEU D 236 -26.09 -1.27 -1.79
C LEU D 236 -25.72 -1.47 -0.33
N CYS D 237 -26.32 -2.49 0.29
CA CYS D 237 -26.06 -2.79 1.70
C CYS D 237 -24.78 -3.55 1.97
N HIS D 238 -24.37 -3.52 3.22
CA HIS D 238 -23.21 -4.27 3.70
C HIS D 238 -21.90 -3.99 2.95
N MSE D 239 -21.54 -2.71 2.88
CA MSE D 239 -20.31 -2.31 2.21
C MSE D 239 -19.09 -2.34 3.13
O MSE D 239 -17.95 -2.32 2.67
CB MSE D 239 -20.48 -0.92 1.62
CG MSE D 239 -21.58 -0.83 0.55
SE MSE D 239 -21.21 -1.89 -1.02
CE MSE D 239 -19.54 -1.05 -1.55
N ASN D 240 -19.32 -2.43 4.44
CA ASN D 240 -18.22 -2.44 5.40
C ASN D 240 -17.08 -3.42 5.04
N PRO D 241 -17.41 -4.69 4.74
CA PRO D 241 -16.38 -5.69 4.40
C PRO D 241 -15.46 -5.42 3.22
N SER D 242 -15.84 -4.57 2.28
CA SER D 242 -15.01 -4.27 1.11
C SER D 242 -14.27 -2.94 1.24
N HIS D 243 -14.12 -2.48 2.49
CA HIS D 243 -13.43 -1.24 2.80
C HIS D 243 -12.02 -1.20 2.21
N MSE D 244 -11.40 -2.37 2.07
CA MSE D 244 -10.05 -2.43 1.52
C MSE D 244 -10.01 -2.48 0.00
O MSE D 244 -8.96 -2.74 -0.58
CB MSE D 244 -9.30 -3.65 2.08
CG MSE D 244 -9.67 -4.99 1.46
SE MSE D 244 -11.50 -5.57 1.85
CE MSE D 244 -11.15 -6.38 3.62
N ASP D 245 -11.15 -2.26 -0.63
CA ASP D 245 -11.23 -2.29 -2.09
C ASP D 245 -11.81 -0.95 -2.54
N PRO D 246 -11.02 0.14 -2.43
CA PRO D 246 -11.47 1.48 -2.81
C PRO D 246 -11.93 1.63 -4.25
N VAL D 247 -11.28 0.94 -5.18
CA VAL D 247 -11.69 1.06 -6.58
C VAL D 247 -13.10 0.52 -6.74
N TYR D 248 -13.35 -0.65 -6.15
CA TYR D 248 -14.65 -1.30 -6.20
C TYR D 248 -15.70 -0.36 -5.62
N GLN D 249 -15.44 0.15 -4.42
CA GLN D 249 -16.41 1.02 -3.78
C GLN D 249 -16.62 2.34 -4.52
N ALA D 250 -15.54 2.97 -4.96
CA ALA D 250 -15.66 4.24 -5.65
C ALA D 250 -16.34 4.11 -7.02
N THR D 251 -16.08 3.04 -7.75
CA THR D 251 -16.72 2.92 -9.06
C THR D 251 -18.22 2.71 -8.91
N LEU D 252 -18.63 2.03 -7.85
CA LEU D 252 -20.04 1.78 -7.59
C LEU D 252 -20.71 3.11 -7.28
N ALA D 253 -20.06 3.93 -6.46
CA ALA D 253 -20.61 5.24 -6.11
C ALA D 253 -20.71 6.07 -7.38
N GLN D 254 -19.72 5.96 -8.26
CA GLN D 254 -19.73 6.70 -9.51
C GLN D 254 -20.94 6.31 -10.36
N ARG D 255 -21.33 5.04 -10.34
CA ARG D 255 -22.48 4.59 -11.11
C ARG D 255 -23.77 5.22 -10.56
N GLY D 256 -23.68 5.80 -9.37
CA GLY D 256 -24.83 6.46 -8.76
C GLY D 256 -25.47 5.86 -7.51
N ALA D 257 -25.19 4.59 -7.24
CA ALA D 257 -25.78 3.91 -6.10
C ALA D 257 -25.21 4.40 -4.77
N PHE D 258 -26.01 4.23 -3.72
CA PHE D 258 -25.58 4.59 -2.37
C PHE D 258 -24.75 3.43 -1.84
N LEU D 259 -23.71 3.76 -1.09
CA LEU D 259 -22.88 2.73 -0.48
C LEU D 259 -23.26 2.76 0.99
N GLU D 260 -23.94 1.71 1.44
CA GLU D 260 -24.37 1.68 2.84
C GLU D 260 -23.46 0.88 3.77
N PHE D 261 -22.80 1.60 4.65
CA PHE D 261 -21.92 1.02 5.66
C PHE D 261 -22.86 0.88 6.86
N ASP D 262 -23.72 -0.14 6.77
CA ASP D 262 -24.72 -0.41 7.78
C ASP D 262 -24.29 -1.40 8.84
N MSE D 263 -22.99 -1.60 8.99
CA MSE D 263 -22.48 -2.55 9.96
C MSE D 263 -21.58 -1.87 10.98
O MSE D 263 -20.70 -2.52 11.56
CB MSE D 263 -21.77 -3.69 9.24
CG MSE D 263 -22.66 -4.39 8.22
SE MSE D 263 -21.68 -5.55 7.02
CE MSE D 263 -22.80 -7.19 7.22
N ILE D 264 -21.80 -0.58 11.20
CA ILE D 264 -21.00 0.15 12.17
C ILE D 264 -21.17 -0.50 13.54
N GLY D 265 -20.04 -0.70 14.23
CA GLY D 265 -20.09 -1.29 15.56
C GLY D 265 -20.14 -2.81 15.60
N MSE D 266 -20.39 -3.44 14.46
CA MSE D 266 -20.45 -4.90 14.42
C MSE D 266 -19.03 -5.42 14.26
O MSE D 266 -18.32 -5.03 13.32
CB MSE D 266 -21.32 -5.35 13.24
CG MSE D 266 -21.43 -6.86 13.04
SE MSE D 266 -22.56 -7.25 11.54
CE MSE D 266 -21.29 -6.72 10.13
N ASP D 267 -18.62 -6.31 15.15
CA ASP D 267 -17.27 -6.85 15.12
C ASP D 267 -17.19 -8.36 15.27
N PHE D 268 -18.31 -9.05 15.07
CA PHE D 268 -18.35 -10.51 15.21
C PHE D 268 -17.57 -11.24 14.12
N PHE D 269 -17.26 -12.51 14.41
CA PHE D 269 -16.60 -13.38 13.47
C PHE D 269 -17.69 -14.41 13.18
N TYR D 270 -18.20 -14.41 11.95
CA TYR D 270 -19.24 -15.35 11.55
C TYR D 270 -18.60 -16.67 11.16
N ALA D 271 -18.50 -17.57 12.14
CA ALA D 271 -17.88 -18.88 11.97
C ALA D 271 -18.41 -19.70 10.80
N ASP D 272 -19.73 -19.72 10.66
CA ASP D 272 -20.39 -20.45 9.58
C ASP D 272 -19.81 -20.11 8.21
N GLN D 273 -19.58 -18.82 7.96
CA GLN D 273 -19.03 -18.36 6.68
C GLN D 273 -17.54 -18.09 6.70
N GLY D 274 -16.94 -18.12 7.89
CA GLY D 274 -15.52 -17.88 8.02
C GLY D 274 -15.11 -16.47 7.66
N VAL D 275 -15.96 -15.49 7.94
CA VAL D 275 -15.65 -14.10 7.63
C VAL D 275 -15.62 -13.23 8.89
N GLN D 276 -14.82 -12.17 8.84
CA GLN D 276 -14.66 -11.25 9.96
C GLN D 276 -15.18 -9.84 9.65
N CYS D 277 -15.95 -9.29 10.58
CA CYS D 277 -16.46 -7.93 10.43
C CYS D 277 -15.28 -7.00 10.65
N PRO D 278 -15.12 -5.96 9.81
CA PRO D 278 -14.02 -4.99 9.93
C PRO D 278 -14.22 -4.05 11.11
N SER D 279 -13.15 -3.36 11.50
CA SER D 279 -13.22 -2.42 12.62
C SER D 279 -13.78 -1.10 12.14
N ASP D 280 -14.26 -0.29 13.08
CA ASP D 280 -14.82 1.01 12.74
C ASP D 280 -13.74 1.94 12.18
N ASP D 281 -12.50 1.80 12.66
CA ASP D 281 -11.42 2.64 12.16
C ASP D 281 -11.18 2.33 10.67
N GLU D 282 -11.16 1.05 10.33
CA GLU D 282 -10.96 0.65 8.93
C GLU D 282 -12.09 1.20 8.06
N VAL D 283 -13.31 1.16 8.59
CA VAL D 283 -14.46 1.66 7.84
C VAL D 283 -14.40 3.19 7.74
N ALA D 284 -13.94 3.85 8.80
CA ALA D 284 -13.83 5.30 8.79
C ALA D 284 -12.84 5.74 7.72
N ARG D 285 -11.72 5.02 7.61
CA ARG D 285 -10.72 5.37 6.60
C ARG D 285 -11.32 5.22 5.21
N ALA D 286 -12.09 4.15 5.01
CA ALA D 286 -12.73 3.92 3.71
C ALA D 286 -13.67 5.08 3.38
N ILE D 287 -14.46 5.48 4.36
CA ILE D 287 -15.40 6.58 4.17
C ILE D 287 -14.69 7.87 3.81
N LEU D 288 -13.59 8.15 4.50
CA LEU D 288 -12.81 9.36 4.23
C LEU D 288 -12.30 9.31 2.79
N GLY D 289 -11.84 8.13 2.37
CA GLY D 289 -11.33 7.98 1.01
C GLY D 289 -12.39 8.28 -0.04
N LEU D 290 -13.59 7.73 0.14
CA LEU D 290 -14.68 7.96 -0.81
C LEU D 290 -15.03 9.45 -0.87
N ALA D 291 -15.03 10.10 0.30
CA ALA D 291 -15.32 11.52 0.37
C ALA D 291 -14.25 12.33 -0.34
N ASP D 292 -13.00 11.90 -0.20
CA ASP D 292 -11.87 12.59 -0.84
C ASP D 292 -12.00 12.54 -2.35
N HIS D 293 -12.65 11.50 -2.84
CA HIS D 293 -12.85 11.35 -4.28
C HIS D 293 -14.17 11.96 -4.75
N GLY D 294 -14.84 12.67 -3.84
CA GLY D 294 -16.09 13.34 -4.17
C GLY D 294 -17.39 12.56 -4.10
N TYR D 295 -17.36 11.42 -3.41
CA TYR D 295 -18.57 10.59 -3.30
C TYR D 295 -19.28 10.65 -1.96
N LEU D 296 -19.08 11.74 -1.21
CA LEU D 296 -19.72 11.86 0.10
C LEU D 296 -21.26 11.75 0.05
N ASP D 297 -21.89 12.26 -1.01
CA ASP D 297 -23.35 12.20 -1.07
C ASP D 297 -23.93 10.83 -1.37
N ARG D 298 -23.08 9.81 -1.42
CA ARG D 298 -23.53 8.44 -1.69
C ARG D 298 -23.34 7.54 -0.45
N ILE D 299 -22.81 8.10 0.62
CA ILE D 299 -22.55 7.30 1.83
C ILE D 299 -23.64 7.29 2.89
N LEU D 300 -24.03 6.09 3.32
CA LEU D 300 -25.06 5.92 4.35
C LEU D 300 -24.46 5.10 5.51
N LEU D 301 -24.93 5.37 6.73
CA LEU D 301 -24.42 4.67 7.90
C LEU D 301 -25.57 4.07 8.72
N SER D 302 -25.28 2.92 9.35
CA SER D 302 -26.26 2.24 10.19
C SER D 302 -25.58 1.09 10.92
N HIS D 303 -26.34 0.39 11.78
CA HIS D 303 -25.81 -0.75 12.56
C HIS D 303 -26.28 -2.13 12.09
N ASP D 304 -27.39 -2.18 11.36
CA ASP D 304 -27.98 -3.46 10.96
C ASP D 304 -28.23 -4.34 12.20
N VAL D 305 -28.79 -3.74 13.24
CA VAL D 305 -29.12 -4.49 14.45
C VAL D 305 -30.03 -5.61 13.95
N PHE D 306 -29.66 -6.87 14.21
CA PHE D 306 -30.49 -7.98 13.74
C PHE D 306 -30.51 -9.21 14.64
N VAL D 307 -29.78 -9.15 15.76
CA VAL D 307 -29.76 -10.22 16.73
C VAL D 307 -29.80 -9.59 18.11
N LYS D 308 -30.24 -10.34 19.10
CA LYS D 308 -30.35 -9.82 20.47
C LYS D 308 -29.07 -9.24 21.06
N MSE D 309 -27.95 -9.91 20.84
CA MSE D 309 -26.69 -9.43 21.40
C MSE D 309 -26.23 -8.09 20.86
O MSE D 309 -25.21 -7.56 21.29
CB MSE D 309 -25.58 -10.45 21.19
CG MSE D 309 -25.19 -10.63 19.75
SE MSE D 309 -23.87 -12.06 19.63
CE MSE D 309 -24.66 -13.16 20.98
N MSE D 310 -26.97 -7.52 19.92
CA MSE D 310 -26.59 -6.24 19.37
C MSE D 310 -27.30 -5.10 20.07
O MSE D 310 -27.08 -3.94 19.77
CB MSE D 310 -26.83 -6.20 17.86
CG MSE D 310 -25.84 -7.03 17.03
SE MSE D 310 -26.11 -6.92 15.13
CE MSE D 310 -25.54 -5.10 14.82
N LEU D 311 -28.17 -5.44 21.04
CA LEU D 311 -28.90 -4.42 21.81
C LEU D 311 -28.08 -4.15 23.08
N THR D 312 -28.17 -2.94 23.62
CA THR D 312 -27.39 -2.62 24.82
C THR D 312 -27.77 -3.51 26.01
N ARG D 313 -29.04 -3.88 26.07
CA ARG D 313 -29.54 -4.75 27.14
C ARG D 313 -28.72 -6.03 27.24
N TYR D 314 -28.23 -6.53 26.11
CA TYR D 314 -27.44 -7.76 26.10
C TYR D 314 -25.94 -7.53 25.91
N GLY D 315 -25.50 -6.30 26.15
CA GLY D 315 -24.08 -6.01 26.03
C GLY D 315 -23.65 -5.46 24.69
N GLY D 316 -24.61 -5.27 23.80
CA GLY D 316 -24.34 -4.75 22.48
C GLY D 316 -24.34 -3.23 22.41
N ASN D 317 -24.25 -2.69 21.20
CA ASN D 317 -24.18 -1.25 20.97
C ASN D 317 -25.50 -0.48 20.89
N GLY D 318 -26.59 -1.19 20.59
CA GLY D 318 -27.87 -0.53 20.51
C GLY D 318 -28.07 0.24 19.20
N TYR D 319 -29.06 1.13 19.20
CA TYR D 319 -29.38 1.94 18.02
C TYR D 319 -28.83 3.35 18.09
N ALA D 320 -28.17 3.70 19.20
CA ALA D 320 -27.63 5.04 19.34
C ALA D 320 -26.12 5.11 19.18
N PHE D 321 -25.49 3.96 18.96
CA PHE D 321 -24.04 3.88 18.81
C PHE D 321 -23.46 4.71 17.66
N VAL D 322 -24.04 4.59 16.47
CA VAL D 322 -23.56 5.34 15.32
C VAL D 322 -23.49 6.82 15.65
N THR D 323 -24.59 7.35 16.17
CA THR D 323 -24.66 8.76 16.51
C THR D 323 -23.72 9.19 17.62
N LYS D 324 -23.75 8.43 18.72
CA LYS D 324 -22.95 8.74 19.89
C LYS D 324 -21.47 8.47 19.79
N HIS D 325 -21.10 7.37 19.13
CA HIS D 325 -19.70 7.01 19.07
C HIS D 325 -19.00 6.98 17.72
N PHE D 326 -19.71 6.65 16.65
CA PHE D 326 -19.04 6.61 15.35
C PHE D 326 -18.85 7.99 14.73
N LEU D 327 -19.84 8.87 14.88
CA LEU D 327 -19.71 10.21 14.32
C LEU D 327 -18.47 10.89 14.92
N PRO D 328 -18.27 10.75 16.24
CA PRO D 328 -17.09 11.37 16.85
C PRO D 328 -15.82 10.76 16.25
N ARG D 329 -15.85 9.46 15.95
CA ARG D 329 -14.72 8.78 15.35
C ARG D 329 -14.40 9.38 13.99
N LEU D 330 -15.44 9.66 13.21
CA LEU D 330 -15.27 10.26 11.88
C LEU D 330 -14.69 11.65 12.07
N ARG D 331 -15.07 12.30 13.17
CA ARG D 331 -14.58 13.64 13.46
C ARG D 331 -13.09 13.49 13.72
N ARG D 332 -12.69 12.43 14.43
CA ARG D 332 -11.27 12.20 14.71
C ARG D 332 -10.51 11.92 13.42
N HIS D 333 -11.20 11.37 12.43
CA HIS D 333 -10.56 11.08 11.15
C HIS D 333 -10.50 12.28 10.21
N GLY D 334 -11.15 13.38 10.59
CA GLY D 334 -11.09 14.55 9.73
C GLY D 334 -12.39 15.12 9.18
N LEU D 335 -13.49 14.38 9.25
CA LEU D 335 -14.75 14.90 8.75
C LEU D 335 -15.27 15.98 9.67
N ASP D 336 -15.73 17.10 9.10
CA ASP D 336 -16.27 18.19 9.89
C ASP D 336 -17.75 17.99 10.16
N ASP D 337 -18.33 18.92 10.91
CA ASP D 337 -19.75 18.85 11.26
C ASP D 337 -20.67 18.87 10.06
N ALA D 338 -20.28 19.61 9.02
CA ALA D 338 -21.10 19.68 7.82
C ALA D 338 -21.21 18.28 7.23
N ALA D 339 -20.08 17.57 7.19
CA ALA D 339 -20.08 16.22 6.64
C ALA D 339 -20.93 15.26 7.47
N LEU D 340 -20.92 15.39 8.80
CA LEU D 340 -21.70 14.51 9.65
C LEU D 340 -23.19 14.75 9.43
N GLU D 341 -23.55 16.02 9.18
CA GLU D 341 -24.94 16.39 8.90
C GLU D 341 -25.34 15.78 7.56
N THR D 342 -24.41 15.80 6.60
CA THR D 342 -24.68 15.23 5.29
C THR D 342 -24.94 13.74 5.43
N LEU D 343 -24.11 13.07 6.23
CA LEU D 343 -24.24 11.64 6.44
C LEU D 343 -25.50 11.14 7.12
N MSE D 344 -25.93 11.83 8.18
CA MSE D 344 -27.11 11.38 8.93
C MSE D 344 -28.44 12.03 8.57
O MSE D 344 -29.49 11.54 8.99
CB MSE D 344 -26.86 11.57 10.42
CG MSE D 344 -25.64 10.82 10.95
SE MSE D 344 -25.65 8.93 10.57
CE MSE D 344 -27.01 8.38 11.84
N VAL D 345 -28.40 13.12 7.82
CA VAL D 345 -29.64 13.81 7.48
C VAL D 345 -29.82 14.03 5.97
N THR D 346 -28.89 14.73 5.35
CA THR D 346 -29.00 15.02 3.92
C THR D 346 -29.01 13.78 3.02
N ASN D 347 -28.08 12.86 3.24
CA ASN D 347 -28.03 11.67 2.40
C ASN D 347 -29.28 10.82 2.52
N PRO D 348 -29.72 10.54 3.75
CA PRO D 348 -30.93 9.73 3.88
C PRO D 348 -32.09 10.39 3.11
N ARG D 349 -32.16 11.72 3.18
CA ARG D 349 -33.21 12.43 2.47
C ARG D 349 -33.00 12.23 0.96
N ARG D 350 -31.75 12.25 0.52
CA ARG D 350 -31.44 12.05 -0.90
C ARG D 350 -31.90 10.69 -1.39
N VAL D 351 -31.89 9.69 -0.51
CA VAL D 351 -32.33 8.35 -0.88
C VAL D 351 -33.79 8.39 -1.32
N PHE D 352 -34.61 9.12 -0.57
CA PHE D 352 -36.05 9.21 -0.82
C PHE D 352 -36.51 10.38 -1.68
N ASP D 353 -35.67 11.40 -1.82
CA ASP D 353 -36.05 12.59 -2.57
C ASP D 353 -35.05 12.95 -3.68
N ALA D 354 -35.46 12.77 -4.93
CA ALA D 354 -34.60 13.06 -6.07
C ALA D 354 -34.34 14.55 -6.30
N SER D 355 -35.07 15.43 -5.61
CA SER D 355 -34.89 16.87 -5.79
C SER D 355 -33.73 17.45 -4.99
N ILE D 356 -33.15 16.66 -4.08
CA ILE D 356 -32.04 17.15 -3.28
C ILE D 356 -30.77 17.23 -4.13
N GLU D 357 -30.16 18.41 -4.20
CA GLU D 357 -28.95 18.59 -4.99
C GLU D 357 -27.83 17.66 -4.54
N GLY D 358 -26.93 17.33 -5.46
CA GLY D 358 -25.82 16.45 -5.14
C GLY D 358 -24.60 17.19 -4.60
ZN ZN E . 0.11 14.41 -28.75
ZN ZN F . -0.94 16.30 -25.89
MG MG G . -24.34 28.25 -37.12
S1 DTV H . 3.22 20.53 -22.72
C1 DTV H . 2.82 20.57 -24.53
C2 DTV H . 4.02 20.30 -25.44
O2 DTV H . 4.51 19.00 -25.15
C3 DTV H . 3.56 20.39 -26.91
O3 DTV H . 2.59 19.37 -27.14
C4 DTV H . 4.69 20.18 -27.91
S4 DTV H . 4.28 20.84 -29.54
ZN ZN I . 29.79 -3.11 -10.68
ZN ZN J . 27.99 -6.06 -9.61
S1 DTV K . 25.36 -9.76 -13.46
C1 DTV K . 27.08 -9.04 -13.43
C2 DTV K . 27.53 -8.51 -14.78
O2 DTV K . 26.65 -7.46 -15.15
C3 DTV K . 28.97 -7.94 -14.68
O3 DTV K . 28.99 -6.87 -13.77
C4 DTV K . 29.48 -7.42 -16.02
S4 DTV K . 31.25 -7.72 -16.25
ZN ZN L . 0.27 -5.26 31.58
ZN ZN M . 1.58 -2.23 30.30
S1 DTV N . -1.60 3.26 30.22
C1 DTV N . -1.27 2.04 31.59
C2 DTV N . -2.52 1.68 32.40
O2 DTV N . -3.48 1.13 31.53
C3 DTV N . -2.18 0.67 33.53
O3 DTV N . -1.62 -0.50 33.00
C4 DTV N . -3.41 0.30 34.35
S4 DTV N . -2.99 -0.10 36.07
ZN ZN O . -30.39 -6.09 7.57
ZN ZN P . -28.79 -8.01 5.02
S1 DTV Q . -26.30 -13.91 5.94
C1 DTV Q . -27.94 -13.16 6.40
C2 DTV Q . -28.40 -13.50 7.81
O2 DTV Q . -27.43 -13.03 8.73
C3 DTV Q . -29.75 -12.85 8.13
O3 DTV Q . -29.67 -11.45 8.03
C4 DTV Q . -30.24 -13.21 9.54
S4 DTV Q . -32.04 -13.15 9.65
#